data_5MDN
#
_entry.id   5MDN
#
_cell.length_a   74.190
_cell.length_b   100.742
_cell.length_c   119.335
_cell.angle_alpha   90.00
_cell.angle_beta   94.72
_cell.angle_gamma   90.00
#
_symmetry.space_group_name_H-M   'P 1 21 1'
#
loop_
_entity.id
_entity.type
_entity.pdbx_description
1 polymer 'DNA polymerase'
2 non-polymer 'MAGNESIUM ION'
3 water water
#
_entity_poly.entity_id   1
_entity_poly.type   'polypeptide(L)'
_entity_poly.pdbx_seq_one_letter_code
;MRFWPLDATYSVVGGVPEVRVFGVDGEGRRVVLVDRRFRPYFYAKCDKCDASLAKSYLSRVAPVEAVEVVERRFFGRPTI
FLKVVAKVPEDVRKLREAALGAPGVVDVYEADIRYYMRYMIDKGVVPCAWNVVEAREAGKLGPLPLYEVVEWAGVEEGFP
PPLRVLAFDIEVYNERGSPDPLRDPVVMLAVKTSDGREEVFEAEGRDDRRVIRGFVDFVKEFDPDVIVGYNSNGFDWPYL
SERAKALGVPLRVDRLGGVPQQSVYGHWSVVGRANVDLYNIVDEFPEIKVKTLDRVAEYFGVMKRSERVLIPGHKVYEYW
NDPAKRPTLMRYVLDDVRSTLGLAEKLLPFLIQLSSVSGLPLDQVAAASVGNRVEWMLLRYAYRMGEVAPNREEREYEPY
KGAIVLEPKPGLYSDVLVLDFSSMYPNIMMKYNLSPDTYLEPHEPDPPEGVVVAPEVGHRFRKAPTGFIPAVLKHLVELR
RAVREEAKKYPPDSPEYRLLDERQRALKVMANAMYGYLGWVGARWYKKEVAESVTAFARAILLDVVEYAKRLGIEVIYGD
TDSLFVKKSGAVDRLVKYVEERHGIEIKVDKDYERVLFTEAKKRYAGLLRDGRIDIVGFEVVRGDWCELAKEVQLNVVEL
ILKSKSVGEARERVVKYVREVVERLKAYKFDLDDLIIWKTLDKELDEYKAYGPHVHAALELKRRGYKVGKGTTVGYVIVR
GPGKVSERAMPYIFVDDASKVDVDYYIEKQVIPAALRIAEVLGVKESDLKTGRVEKSLLDFLG
;
_entity_poly.pdbx_strand_id   A,B
#
# COMPACT_ATOMS: atom_id res chain seq x y z
N MET A 1 52.36 -10.37 21.17
CA MET A 1 51.08 -11.07 21.17
C MET A 1 49.94 -10.13 20.76
N ARG A 2 48.82 -10.72 20.35
CA ARG A 2 47.58 -10.00 20.03
C ARG A 2 46.52 -10.41 21.04
N PHE A 3 45.74 -9.44 21.54
CA PHE A 3 45.14 -9.60 22.86
C PHE A 3 43.62 -9.55 22.90
N TRP A 4 42.98 -8.54 22.28
CA TRP A 4 41.53 -8.41 22.32
C TRP A 4 40.98 -8.29 23.74
N PRO A 5 40.77 -7.08 24.26
CA PRO A 5 40.36 -6.94 25.66
C PRO A 5 38.84 -7.13 25.83
N LEU A 6 38.47 -7.92 26.84
CA LEU A 6 37.07 -8.06 27.25
C LEU A 6 36.71 -7.14 28.41
N ASP A 7 37.49 -7.18 29.48
CA ASP A 7 37.17 -6.46 30.72
C ASP A 7 38.45 -5.88 31.31
N ALA A 8 38.31 -4.79 32.05
CA ALA A 8 39.43 -4.14 32.72
C ALA A 8 39.05 -3.80 34.15
N THR A 9 40.00 -4.01 35.07
CA THR A 9 39.82 -3.72 36.49
C THR A 9 41.10 -3.13 37.03
N TYR A 10 41.11 -2.81 38.32
CA TYR A 10 42.34 -2.43 38.99
C TYR A 10 42.20 -2.68 40.48
N SER A 11 43.33 -3.01 41.11
CA SER A 11 43.45 -3.13 42.56
C SER A 11 44.53 -2.17 43.05
N VAL A 12 44.66 -2.07 44.37
CA VAL A 12 45.69 -1.28 45.01
C VAL A 12 46.51 -2.24 45.87
N VAL A 13 47.52 -2.87 45.26
CA VAL A 13 48.34 -3.86 45.95
C VAL A 13 49.34 -3.16 46.85
N GLY A 14 48.94 -2.88 48.09
CA GLY A 14 49.82 -2.24 49.05
C GLY A 14 50.35 -0.88 48.63
N GLY A 15 49.44 0.07 48.40
CA GLY A 15 49.82 1.45 48.12
C GLY A 15 50.31 1.73 46.72
N VAL A 16 50.20 0.78 45.79
CA VAL A 16 50.56 1.01 44.40
C VAL A 16 49.45 0.45 43.52
N PRO A 17 48.81 1.27 42.68
CA PRO A 17 47.67 0.79 41.89
C PRO A 17 48.13 -0.05 40.71
N GLU A 18 47.37 -1.11 40.44
CA GLU A 18 47.73 -2.12 39.45
C GLU A 18 46.56 -2.34 38.50
N VAL A 19 46.78 -2.10 37.21
CA VAL A 19 45.73 -2.23 36.20
C VAL A 19 45.75 -3.64 35.62
N ARG A 20 44.57 -4.26 35.55
CA ARG A 20 44.41 -5.57 34.94
C ARG A 20 43.49 -5.47 33.73
N VAL A 21 43.84 -6.20 32.67
CA VAL A 21 43.04 -6.26 31.44
C VAL A 21 42.88 -7.72 31.07
N PHE A 22 41.64 -8.19 31.00
CA PHE A 22 41.32 -9.57 30.65
C PHE A 22 40.92 -9.66 29.18
N GLY A 23 41.40 -10.70 28.51
CA GLY A 23 41.15 -10.81 27.08
C GLY A 23 41.48 -12.19 26.54
N VAL A 24 41.58 -12.26 25.21
CA VAL A 24 41.72 -13.51 24.47
C VAL A 24 42.92 -13.40 23.54
N ASP A 25 44.01 -14.07 23.89
CA ASP A 25 45.25 -13.93 23.14
C ASP A 25 45.08 -14.49 21.72
N GLY A 26 46.16 -14.36 20.92
CA GLY A 26 46.14 -14.82 19.55
C GLY A 26 45.96 -16.31 19.38
N GLU A 27 46.30 -17.10 20.39
CA GLU A 27 46.13 -18.55 20.33
C GLU A 27 44.80 -19.00 20.93
N GLY A 28 43.90 -18.08 21.24
CA GLY A 28 42.55 -18.44 21.62
C GLY A 28 42.38 -18.95 23.03
N ARG A 29 43.13 -18.40 23.98
CA ARG A 29 42.99 -18.75 25.39
C ARG A 29 42.90 -17.48 26.23
N ARG A 30 42.14 -17.56 27.31
CA ARG A 30 41.81 -16.39 28.11
C ARG A 30 42.96 -16.08 29.06
N VAL A 31 43.50 -14.87 28.97
CA VAL A 31 44.65 -14.44 29.75
C VAL A 31 44.34 -13.08 30.37
N VAL A 32 45.26 -12.62 31.21
CA VAL A 32 45.13 -11.33 31.88
C VAL A 32 46.46 -10.59 31.79
N LEU A 33 46.42 -9.34 31.35
CA LEU A 33 47.59 -8.50 31.24
C LEU A 33 47.59 -7.49 32.37
N VAL A 34 48.77 -7.22 32.93
CA VAL A 34 48.88 -6.41 34.13
C VAL A 34 49.94 -5.32 33.92
N ASP A 35 49.68 -4.16 34.54
CA ASP A 35 50.62 -3.04 34.52
C ASP A 35 50.64 -2.39 35.89
N ARG A 36 51.80 -2.36 36.53
CA ARG A 36 51.96 -1.74 37.84
C ARG A 36 52.57 -0.33 37.78
N ARG A 37 53.11 0.06 36.62
CA ARG A 37 53.87 1.29 36.52
C ARG A 37 53.03 2.53 36.25
N PHE A 38 51.82 2.38 35.72
CA PHE A 38 50.95 3.53 35.49
C PHE A 38 50.42 4.08 36.81
N ARG A 39 50.16 5.38 36.85
CA ARG A 39 49.69 6.06 38.04
C ARG A 39 48.72 7.17 37.67
N PRO A 40 47.72 7.44 38.50
CA PRO A 40 46.73 8.47 38.16
C PRO A 40 47.30 9.87 38.26
N TYR A 41 46.64 10.80 37.59
CA TYR A 41 47.11 12.18 37.53
C TYR A 41 45.95 13.09 37.13
N PHE A 42 46.19 14.40 37.31
CA PHE A 42 45.31 15.42 36.77
C PHE A 42 46.14 16.67 36.49
N TYR A 43 45.57 17.58 35.71
CA TYR A 43 46.25 18.80 35.32
C TYR A 43 45.79 19.98 36.16
N ALA A 44 46.67 20.96 36.31
CA ALA A 44 46.37 22.21 37.01
C ALA A 44 46.91 23.36 36.16
N LYS A 45 46.04 24.27 35.77
CA LYS A 45 46.43 25.35 34.87
C LYS A 45 47.04 26.49 35.68
N CYS A 46 48.34 26.70 35.50
CA CYS A 46 49.12 27.62 36.30
C CYS A 46 49.27 28.99 35.62
N ASP A 47 49.16 30.04 36.41
CA ASP A 47 49.60 31.36 35.98
C ASP A 47 51.10 31.56 36.21
N LYS A 48 51.62 31.10 37.34
CA LYS A 48 53.06 30.93 37.55
C LYS A 48 53.32 29.47 37.86
N CYS A 49 54.33 28.89 37.23
CA CYS A 49 54.58 27.45 37.27
C CYS A 49 55.75 27.15 38.20
N ASP A 50 55.46 26.61 39.37
CA ASP A 50 56.47 26.15 40.31
C ASP A 50 56.06 24.76 40.80
N ALA A 51 56.65 23.72 40.21
CA ALA A 51 56.26 22.36 40.56
C ALA A 51 56.73 21.97 41.96
N SER A 52 57.94 22.39 42.35
CA SER A 52 58.46 22.03 43.66
C SER A 52 57.65 22.69 44.77
N LEU A 53 57.32 23.98 44.61
CA LEU A 53 56.42 24.65 45.54
C LEU A 53 55.06 23.95 45.56
N ALA A 54 54.53 23.61 44.38
CA ALA A 54 53.24 22.92 44.31
C ALA A 54 53.29 21.57 45.03
N LYS A 55 54.28 20.74 44.69
CA LYS A 55 54.36 19.40 45.25
C LYS A 55 54.34 19.42 46.77
N SER A 56 55.21 20.21 47.39
CA SER A 56 55.27 20.26 48.84
C SER A 56 53.96 20.75 49.44
N TYR A 57 53.29 21.69 48.78
CA TYR A 57 51.99 22.15 49.25
C TYR A 57 50.96 21.03 49.21
N LEU A 58 50.93 20.28 48.10
CA LEU A 58 49.98 19.17 47.97
C LEU A 58 50.34 17.99 48.85
N SER A 59 51.61 17.84 49.24
CA SER A 59 52.03 16.70 50.03
C SER A 59 51.45 16.70 51.44
N ARG A 60 50.89 17.82 51.90
CA ARG A 60 50.31 17.85 53.25
C ARG A 60 48.93 17.21 53.32
N VAL A 61 48.25 17.05 52.18
CA VAL A 61 46.88 16.54 52.19
C VAL A 61 46.85 15.08 51.78
N ALA A 62 47.83 14.64 50.99
CA ALA A 62 47.89 13.28 50.48
C ALA A 62 49.27 13.05 49.87
N PRO A 63 49.70 11.79 49.76
CA PRO A 63 50.99 11.52 49.12
C PRO A 63 50.96 11.79 47.63
N VAL A 64 52.04 12.37 47.12
CA VAL A 64 52.16 12.77 45.73
C VAL A 64 53.37 12.06 45.13
N GLU A 65 53.18 11.45 43.95
CA GLU A 65 54.27 10.79 43.27
C GLU A 65 55.21 11.80 42.63
N ALA A 66 54.66 12.79 41.93
CA ALA A 66 55.46 13.82 41.28
C ALA A 66 54.54 14.97 40.88
N VAL A 67 55.15 16.09 40.53
CA VAL A 67 54.46 17.23 39.94
C VAL A 67 55.30 17.70 38.76
N GLU A 68 54.83 17.40 37.55
CA GLU A 68 55.56 17.75 36.33
C GLU A 68 54.97 19.00 35.70
N VAL A 69 55.77 19.64 34.86
CA VAL A 69 55.34 20.77 34.05
C VAL A 69 55.17 20.28 32.62
N VAL A 70 53.96 20.44 32.07
CA VAL A 70 53.65 19.97 30.73
C VAL A 70 53.07 21.12 29.91
N GLU A 71 53.20 21.00 28.60
CA GLU A 71 52.60 21.92 27.64
C GLU A 71 51.57 21.15 26.81
N ARG A 72 50.31 21.56 26.91
CA ARG A 72 49.24 20.93 26.15
C ARG A 72 48.32 22.01 25.60
N ARG A 73 47.37 21.57 24.76
CA ARG A 73 46.42 22.49 24.15
C ARG A 73 45.17 22.60 25.02
N PHE A 74 44.54 23.77 24.96
CA PHE A 74 43.28 24.02 25.67
C PHE A 74 42.41 24.88 24.76
N PHE A 75 41.37 24.27 24.19
CA PHE A 75 40.59 24.89 23.11
C PHE A 75 41.51 25.37 21.98
N GLY A 76 42.49 24.55 21.64
CA GLY A 76 43.42 24.84 20.57
C GLY A 76 44.63 25.65 21.00
N ARG A 77 44.46 26.56 21.95
CA ARG A 77 45.58 27.39 22.40
C ARG A 77 46.54 26.56 23.25
N PRO A 78 47.83 26.56 22.94
CA PRO A 78 48.81 25.81 23.74
C PRO A 78 49.10 26.56 25.03
N THR A 79 48.81 25.92 26.16
CA THR A 79 49.04 26.50 27.48
C THR A 79 49.88 25.54 28.31
N ILE A 80 50.35 26.05 29.45
CA ILE A 80 51.18 25.30 30.39
C ILE A 80 50.30 24.78 31.51
N PHE A 81 50.58 23.55 31.96
CA PHE A 81 49.88 22.95 33.08
C PHE A 81 50.87 22.31 34.05
N LEU A 82 50.43 22.17 35.29
CA LEU A 82 51.08 21.28 36.25
C LEU A 82 50.38 19.93 36.19
N LYS A 83 51.14 18.86 35.95
CA LYS A 83 50.60 17.51 35.92
C LYS A 83 50.85 16.88 37.29
N VAL A 84 49.85 16.98 38.16
CA VAL A 84 49.95 16.43 39.51
C VAL A 84 49.67 14.94 39.44
N VAL A 85 50.59 14.14 39.95
CA VAL A 85 50.53 12.68 39.84
C VAL A 85 50.35 12.12 41.25
N ALA A 86 49.17 11.57 41.53
CA ALA A 86 48.89 10.95 42.81
C ALA A 86 49.50 9.55 42.87
N LYS A 87 49.60 9.02 44.10
CA LYS A 87 50.11 7.67 44.27
C LYS A 87 49.02 6.63 44.03
N VAL A 88 47.79 6.89 44.49
CA VAL A 88 46.68 5.97 44.28
C VAL A 88 45.46 6.77 43.82
N PRO A 89 44.54 6.17 43.07
CA PRO A 89 43.38 6.92 42.56
C PRO A 89 42.50 7.52 43.64
N GLU A 90 42.41 6.88 44.81
CA GLU A 90 41.50 7.36 45.85
C GLU A 90 41.84 8.77 46.31
N ASP A 91 43.11 9.15 46.30
CA ASP A 91 43.53 10.45 46.81
C ASP A 91 43.31 11.60 45.82
N VAL A 92 42.80 11.32 44.62
CA VAL A 92 42.73 12.34 43.58
C VAL A 92 41.73 13.45 43.96
N ARG A 93 40.65 13.12 44.67
CA ARG A 93 39.71 14.15 45.09
C ARG A 93 40.33 15.10 46.11
N LYS A 94 40.99 14.54 47.13
CA LYS A 94 41.67 15.36 48.12
C LYS A 94 42.67 16.30 47.47
N LEU A 95 43.44 15.80 46.49
CA LEU A 95 44.43 16.63 45.84
C LEU A 95 43.77 17.63 44.89
N ARG A 96 42.69 17.24 44.22
CA ARG A 96 41.96 18.16 43.35
C ARG A 96 41.51 19.41 44.11
N GLU A 97 40.79 19.21 45.22
CA GLU A 97 40.27 20.34 45.97
C GLU A 97 41.39 21.15 46.60
N ALA A 98 42.39 20.47 47.18
CA ALA A 98 43.51 21.17 47.79
C ALA A 98 44.30 21.96 46.76
N ALA A 99 44.45 21.41 45.54
CA ALA A 99 45.25 22.07 44.51
C ALA A 99 44.79 23.50 44.25
N LEU A 100 43.50 23.59 44.08
CA LEU A 100 42.87 24.82 43.75
C LEU A 100 43.54 25.94 44.44
N GLY A 101 43.85 25.74 45.71
CA GLY A 101 44.48 26.74 46.55
C GLY A 101 45.91 27.04 46.21
N ALA A 102 46.39 28.14 46.79
CA ALA A 102 47.73 28.71 46.63
C ALA A 102 47.96 29.07 45.19
N PRO A 103 47.33 30.17 44.81
CA PRO A 103 47.37 30.67 43.45
C PRO A 103 48.72 30.68 42.74
N GLY A 104 48.84 29.54 42.11
CA GLY A 104 49.84 29.15 41.16
C GLY A 104 48.81 28.92 40.06
N VAL A 105 47.99 27.89 40.23
CA VAL A 105 46.93 27.59 39.34
C VAL A 105 45.65 28.29 39.65
N VAL A 106 44.84 28.33 38.62
CA VAL A 106 43.53 28.94 38.53
C VAL A 106 42.43 27.91 38.32
N ASP A 107 42.71 26.76 37.72
CA ASP A 107 41.69 25.75 37.49
C ASP A 107 42.35 24.38 37.34
N VAL A 108 41.56 23.34 37.57
CA VAL A 108 42.02 21.95 37.51
C VAL A 108 41.19 21.21 36.48
N TYR A 109 41.83 20.25 35.80
CA TYR A 109 41.21 19.59 34.67
C TYR A 109 41.51 18.10 34.68
N GLU A 110 40.56 17.31 34.19
CA GLU A 110 40.69 15.86 34.03
C GLU A 110 40.98 15.15 35.34
N ALA A 111 40.42 15.65 36.44
CA ALA A 111 40.59 15.02 37.74
C ALA A 111 39.54 13.94 38.02
N ASP A 112 38.48 13.86 37.23
CA ASP A 112 37.37 12.96 37.48
C ASP A 112 37.29 11.83 36.45
N ILE A 113 38.43 11.44 35.87
CA ILE A 113 38.45 10.36 34.89
C ILE A 113 38.77 9.07 35.63
N ARG A 114 37.87 8.10 35.54
CA ARG A 114 38.06 6.84 36.29
C ARG A 114 39.32 6.14 35.82
N TYR A 115 40.00 5.50 36.76
CA TYR A 115 41.41 5.14 36.61
C TYR A 115 41.64 4.19 35.43
N TYR A 116 40.85 3.10 35.36
CA TYR A 116 41.12 2.12 34.30
C TYR A 116 40.72 2.62 32.92
N MET A 117 39.86 3.63 32.83
CA MET A 117 39.64 4.30 31.55
C MET A 117 40.79 5.23 31.22
N ARG A 118 41.35 5.90 32.23
CA ARG A 118 42.55 6.71 32.04
C ARG A 118 43.67 5.88 31.44
N TYR A 119 43.88 4.66 31.95
CA TYR A 119 44.95 3.81 31.45
C TYR A 119 44.76 3.45 29.99
N MET A 120 43.56 2.99 29.62
CA MET A 120 43.33 2.55 28.25
C MET A 120 43.41 3.71 27.27
N ILE A 121 42.94 4.89 27.68
CA ILE A 121 43.07 6.08 26.84
C ILE A 121 44.54 6.42 26.60
N ASP A 122 45.31 6.51 27.69
CA ASP A 122 46.70 6.95 27.57
C ASP A 122 47.56 5.93 26.84
N LYS A 123 47.33 4.64 27.08
CA LYS A 123 48.12 3.60 26.45
C LYS A 123 47.54 3.14 25.11
N GLY A 124 46.39 3.67 24.71
CA GLY A 124 45.78 3.28 23.45
C GLY A 124 45.18 1.90 23.44
N VAL A 125 44.74 1.40 24.59
CA VAL A 125 44.09 0.10 24.67
C VAL A 125 42.65 0.26 24.23
N VAL A 126 42.27 -0.41 23.15
CA VAL A 126 40.92 -0.34 22.60
C VAL A 126 40.21 -1.65 22.92
N PRO A 127 39.08 -1.61 23.63
CA PRO A 127 38.37 -2.86 23.95
C PRO A 127 37.69 -3.44 22.71
N CYS A 128 37.53 -4.76 22.72
CA CYS A 128 36.90 -5.48 21.62
C CYS A 128 37.60 -5.19 20.29
N ALA A 129 38.93 -5.21 20.34
CA ALA A 129 39.75 -5.04 19.15
C ALA A 129 41.13 -5.63 19.45
N TRP A 130 41.72 -6.27 18.45
CA TRP A 130 43.02 -6.89 18.62
C TRP A 130 44.09 -5.83 18.83
N ASN A 131 44.71 -5.83 20.00
CA ASN A 131 45.83 -4.95 20.31
C ASN A 131 47.14 -5.71 20.18
N VAL A 132 48.23 -4.96 19.99
CA VAL A 132 49.57 -5.52 19.90
C VAL A 132 50.32 -5.15 21.17
N VAL A 133 50.90 -6.15 21.83
CA VAL A 133 51.50 -5.96 23.14
C VAL A 133 52.81 -6.75 23.20
N GLU A 134 53.85 -6.10 23.70
CA GLU A 134 55.03 -6.80 24.20
C GLU A 134 54.82 -7.02 25.69
N ALA A 135 54.75 -8.28 26.11
CA ALA A 135 54.38 -8.59 27.47
C ALA A 135 55.09 -9.86 27.95
N ARG A 136 55.80 -9.73 29.06
CA ARG A 136 56.49 -10.87 29.67
C ARG A 136 55.51 -11.80 30.35
N GLU A 137 55.71 -13.11 30.16
CA GLU A 137 54.81 -14.07 30.79
C GLU A 137 55.33 -14.33 32.21
N ALA A 138 54.54 -13.95 33.22
CA ALA A 138 54.98 -14.01 34.62
C ALA A 138 53.99 -14.81 35.45
N GLY A 139 53.92 -16.11 35.19
CA GLY A 139 53.11 -17.01 35.98
C GLY A 139 51.62 -16.74 35.86
N LYS A 140 50.87 -17.54 36.59
CA LYS A 140 49.41 -17.45 36.60
C LYS A 140 48.91 -16.39 37.59
N LEU A 141 47.64 -16.02 37.42
CA LEU A 141 46.88 -15.25 38.41
C LEU A 141 45.56 -16.00 38.59
N GLY A 142 45.44 -16.73 39.69
CA GLY A 142 44.35 -17.66 39.83
C GLY A 142 44.48 -18.75 38.78
N PRO A 143 43.40 -19.01 38.03
CA PRO A 143 43.49 -19.98 36.93
C PRO A 143 44.03 -19.39 35.64
N LEU A 144 44.07 -18.06 35.51
CA LEU A 144 44.40 -17.37 34.26
C LEU A 144 45.91 -17.12 34.17
N PRO A 145 46.48 -17.32 32.98
CA PRO A 145 47.87 -16.91 32.76
C PRO A 145 48.02 -15.39 32.88
N LEU A 146 48.98 -14.96 33.69
CA LEU A 146 49.26 -13.55 33.90
C LEU A 146 50.42 -13.10 33.03
N TYR A 147 50.38 -11.85 32.59
CA TYR A 147 51.40 -11.26 31.75
C TYR A 147 51.70 -9.84 32.22
N GLU A 148 52.98 -9.53 32.41
CA GLU A 148 53.40 -8.17 32.69
C GLU A 148 53.57 -7.44 31.36
N VAL A 149 52.84 -6.35 31.18
CA VAL A 149 52.92 -5.60 29.93
C VAL A 149 54.20 -4.77 29.94
N VAL A 150 54.94 -4.83 28.84
CA VAL A 150 56.10 -3.96 28.67
C VAL A 150 55.71 -2.67 27.95
N GLU A 151 55.06 -2.79 26.80
CA GLU A 151 54.64 -1.62 26.05
C GLU A 151 53.49 -2.00 25.14
N TRP A 152 52.48 -1.14 25.08
CA TRP A 152 51.38 -1.29 24.14
C TRP A 152 51.75 -0.68 22.79
N ALA A 153 51.55 -1.44 21.72
CA ALA A 153 51.61 -0.88 20.38
C ALA A 153 50.24 -0.38 19.96
N GLY A 154 49.92 -0.51 18.68
CA GLY A 154 48.61 -0.11 18.16
C GLY A 154 47.61 -1.24 18.17
N VAL A 155 46.66 -1.16 17.24
CA VAL A 155 45.65 -2.19 17.03
C VAL A 155 45.78 -2.72 15.61
N GLU A 156 45.46 -3.99 15.42
CA GLU A 156 45.47 -4.60 14.09
C GLU A 156 44.04 -4.85 13.65
N GLU A 157 43.77 -4.59 12.37
CA GLU A 157 42.48 -4.96 11.81
C GLU A 157 42.32 -6.47 11.87
N GLY A 158 41.18 -6.93 12.39
CA GLY A 158 40.97 -8.35 12.57
C GLY A 158 39.61 -8.66 13.17
N PHE A 159 39.06 -9.79 12.81
CA PHE A 159 37.70 -10.11 13.23
C PHE A 159 37.69 -10.63 14.66
N PRO A 160 36.57 -10.46 15.35
CA PRO A 160 36.48 -10.92 16.74
C PRO A 160 36.68 -12.43 16.83
N PRO A 161 37.27 -12.90 17.90
CA PRO A 161 37.41 -14.35 18.09
C PRO A 161 36.09 -14.95 18.54
N PRO A 162 35.94 -16.27 18.49
CA PRO A 162 34.73 -16.89 19.03
C PRO A 162 34.64 -16.65 20.53
N LEU A 163 33.46 -16.22 20.98
CA LEU A 163 33.21 -15.95 22.38
C LEU A 163 32.18 -16.93 22.94
N ARG A 164 32.39 -17.36 24.17
CA ARG A 164 31.44 -18.20 24.87
C ARG A 164 30.39 -17.30 25.52
N VAL A 165 29.16 -17.36 25.00
CA VAL A 165 28.07 -16.50 25.43
C VAL A 165 27.10 -17.31 26.28
N LEU A 166 26.64 -16.72 27.37
CA LEU A 166 25.68 -17.35 28.27
C LEU A 166 24.51 -16.39 28.49
N ALA A 167 23.31 -16.83 28.09
CA ALA A 167 22.08 -16.13 28.42
C ALA A 167 21.47 -16.76 29.67
N PHE A 168 20.85 -15.91 30.50
CA PHE A 168 20.21 -16.41 31.71
C PHE A 168 18.96 -15.58 32.01
N ASP A 169 17.97 -16.26 32.58
CA ASP A 169 16.72 -15.64 32.98
C ASP A 169 16.31 -16.22 34.33
N ILE A 170 15.60 -15.42 35.13
CA ILE A 170 15.13 -15.86 36.43
C ILE A 170 13.65 -15.51 36.58
N GLU A 171 12.99 -16.23 37.48
CA GLU A 171 11.67 -15.86 37.96
C GLU A 171 11.61 -16.04 39.47
N VAL A 172 11.01 -15.06 40.15
CA VAL A 172 11.02 -14.96 41.60
C VAL A 172 9.59 -15.06 42.09
N TYR A 173 9.39 -15.77 43.21
CA TYR A 173 8.09 -16.10 43.78
C TYR A 173 7.08 -14.96 43.72
N ASN A 174 7.30 -13.88 44.48
CA ASN A 174 6.56 -12.63 44.38
C ASN A 174 5.07 -12.75 44.75
N GLU A 175 4.71 -13.70 45.62
CA GLU A 175 3.31 -13.83 46.03
C GLU A 175 2.75 -12.50 46.51
N ARG A 176 3.53 -11.77 47.30
CA ARG A 176 3.21 -10.39 47.66
C ARG A 176 3.92 -9.44 46.71
N GLY A 177 3.16 -8.87 45.76
CA GLY A 177 3.61 -7.93 44.76
C GLY A 177 5.08 -7.94 44.37
N SER A 178 5.80 -6.90 44.77
CA SER A 178 7.23 -6.82 44.49
C SER A 178 8.00 -7.67 45.49
N PRO A 179 8.80 -8.63 45.05
CA PRO A 179 9.42 -9.57 45.98
C PRO A 179 10.51 -8.92 46.83
N ASP A 180 10.88 -9.65 47.88
CA ASP A 180 11.94 -9.22 48.80
C ASP A 180 12.93 -10.37 48.92
N PRO A 181 14.23 -10.12 48.67
CA PRO A 181 15.20 -11.23 48.68
C PRO A 181 15.42 -11.86 50.04
N LEU A 182 14.96 -11.25 51.14
CA LEU A 182 15.22 -11.82 52.45
C LEU A 182 14.46 -13.13 52.69
N ARG A 183 13.27 -13.30 52.09
CA ARG A 183 12.51 -14.53 52.27
C ARG A 183 11.99 -15.11 50.95
N ASP A 184 11.63 -14.27 49.98
CA ASP A 184 11.05 -14.78 48.74
C ASP A 184 12.12 -15.46 47.89
N PRO A 185 11.96 -16.74 47.56
CA PRO A 185 13.03 -17.49 46.90
C PRO A 185 13.04 -17.33 45.39
N VAL A 186 14.22 -17.58 44.82
CA VAL A 186 14.38 -17.66 43.37
C VAL A 186 13.79 -19.00 42.91
N VAL A 187 12.63 -18.94 42.25
CA VAL A 187 11.87 -20.16 41.96
C VAL A 187 12.50 -20.93 40.79
N MET A 188 12.83 -20.24 39.70
CA MET A 188 13.41 -20.88 38.54
C MET A 188 14.52 -20.01 37.97
N LEU A 189 15.51 -20.66 37.36
CA LEU A 189 16.61 -19.94 36.70
C LEU A 189 17.06 -20.79 35.52
N ALA A 190 16.83 -20.31 34.32
CA ALA A 190 17.28 -20.99 33.11
C ALA A 190 18.56 -20.36 32.58
N VAL A 191 19.36 -21.18 31.90
CA VAL A 191 20.56 -20.72 31.21
C VAL A 191 20.57 -21.32 29.81
N LYS A 192 21.06 -20.55 28.84
CA LYS A 192 21.25 -21.03 27.49
C LYS A 192 22.59 -20.50 26.98
N THR A 193 23.26 -21.30 26.15
CA THR A 193 24.66 -21.08 25.83
C THR A 193 24.85 -21.10 24.33
N SER A 194 25.95 -20.47 23.90
CA SER A 194 26.27 -20.43 22.47
C SER A 194 26.67 -21.82 21.96
N ASP A 195 27.19 -22.68 22.84
CA ASP A 195 27.42 -24.08 22.46
C ASP A 195 26.13 -24.73 21.98
N GLY A 196 25.04 -24.52 22.71
CA GLY A 196 23.79 -25.20 22.42
C GLY A 196 23.15 -25.81 23.64
N ARG A 197 23.76 -25.60 24.82
CA ARG A 197 23.23 -26.16 26.05
C ARG A 197 22.08 -25.31 26.58
N GLU A 198 21.13 -25.98 27.23
CA GLU A 198 20.12 -25.33 28.04
C GLU A 198 19.88 -26.14 29.30
N GLU A 199 19.67 -25.44 30.41
CA GLU A 199 19.32 -26.08 31.68
C GLU A 199 18.48 -25.11 32.50
N VAL A 200 17.60 -25.68 33.33
CA VAL A 200 16.75 -24.92 34.23
C VAL A 200 16.92 -25.50 35.62
N PHE A 201 17.35 -24.66 36.55
CA PHE A 201 17.47 -25.05 37.96
C PHE A 201 16.22 -24.58 38.69
N GLU A 202 15.44 -25.53 39.19
CA GLU A 202 14.25 -25.24 39.97
C GLU A 202 14.50 -25.51 41.44
N ALA A 203 13.83 -24.74 42.28
CA ALA A 203 13.96 -24.88 43.72
C ALA A 203 13.16 -26.07 44.23
N GLU A 204 13.40 -26.41 45.50
CA GLU A 204 12.48 -27.24 46.27
C GLU A 204 11.54 -26.33 47.04
N GLY A 205 10.24 -26.54 46.85
CA GLY A 205 9.17 -25.77 47.45
C GLY A 205 9.57 -24.79 48.53
N ARG A 206 9.92 -23.56 48.11
CA ARG A 206 10.33 -22.40 48.90
C ARG A 206 11.77 -22.43 49.38
N ASP A 207 12.61 -23.34 48.90
CA ASP A 207 14.03 -23.37 49.28
C ASP A 207 14.86 -23.36 48.00
N ASP A 208 15.73 -22.36 47.87
CA ASP A 208 16.39 -22.07 46.61
C ASP A 208 17.91 -22.12 46.75
N ARG A 209 18.42 -23.04 47.57
CA ARG A 209 19.85 -23.25 47.64
C ARG A 209 20.37 -24.02 46.43
N ARG A 210 19.62 -25.02 45.97
CA ARG A 210 20.05 -25.82 44.83
C ARG A 210 20.21 -25.01 43.56
N VAL A 211 19.41 -23.95 43.38
CA VAL A 211 19.41 -23.21 42.12
C VAL A 211 20.56 -22.22 42.06
N ILE A 212 20.79 -21.47 43.14
CA ILE A 212 21.93 -20.55 43.17
C ILE A 212 23.24 -21.33 43.07
N ARG A 213 23.31 -22.46 43.78
CA ARG A 213 24.47 -23.33 43.66
C ARG A 213 24.63 -23.84 42.23
N GLY A 214 23.51 -24.22 41.60
CA GLY A 214 23.57 -24.71 40.23
C GLY A 214 23.97 -23.64 39.23
N PHE A 215 23.45 -22.42 39.40
CA PHE A 215 23.83 -21.32 38.52
C PHE A 215 25.32 -21.03 38.62
N VAL A 216 25.84 -20.89 39.84
CA VAL A 216 27.26 -20.57 40.04
C VAL A 216 28.13 -21.67 39.45
N ASP A 217 27.79 -22.93 39.72
CA ASP A 217 28.59 -24.05 39.20
C ASP A 217 28.57 -24.08 37.67
N PHE A 218 27.42 -23.76 37.07
CA PHE A 218 27.34 -23.78 35.61
C PHE A 218 28.21 -22.69 34.98
N VAL A 219 28.16 -21.47 35.54
CA VAL A 219 28.98 -20.38 35.03
C VAL A 219 30.46 -20.75 35.13
N LYS A 220 30.88 -21.32 36.25
CA LYS A 220 32.26 -21.76 36.39
C LYS A 220 32.57 -22.93 35.46
N GLU A 221 31.58 -23.79 35.22
CA GLU A 221 31.79 -24.97 34.38
C GLU A 221 31.93 -24.54 32.92
N PHE A 222 31.02 -23.69 32.44
CA PHE A 222 31.03 -23.23 31.06
C PHE A 222 32.10 -22.18 30.80
N ASP A 223 32.37 -21.31 31.77
CA ASP A 223 33.33 -20.21 31.67
C ASP A 223 32.95 -19.27 30.53
N PRO A 224 31.85 -18.53 30.64
CA PRO A 224 31.45 -17.65 29.55
C PRO A 224 32.28 -16.37 29.51
N ASP A 225 32.45 -15.85 28.30
CA ASP A 225 33.10 -14.56 28.12
C ASP A 225 32.11 -13.40 28.21
N VAL A 226 30.88 -13.61 27.72
CA VAL A 226 29.81 -12.63 27.82
C VAL A 226 28.63 -13.28 28.55
N ILE A 227 28.04 -12.53 29.47
CA ILE A 227 26.81 -12.93 30.13
C ILE A 227 25.72 -11.94 29.73
N VAL A 228 24.68 -12.42 29.06
CA VAL A 228 23.61 -11.58 28.56
C VAL A 228 22.33 -11.89 29.33
N GLY A 229 21.57 -10.84 29.63
CA GLY A 229 20.26 -10.96 30.23
C GLY A 229 19.40 -9.82 29.76
N TYR A 230 18.12 -9.88 30.12
CA TYR A 230 17.17 -8.81 29.84
C TYR A 230 16.76 -8.17 31.16
N ASN A 231 17.13 -6.90 31.33
CA ASN A 231 16.99 -6.17 32.60
C ASN A 231 17.77 -6.87 33.71
N SER A 232 18.90 -7.48 33.35
CA SER A 232 19.73 -8.16 34.35
C SER A 232 20.35 -7.18 35.33
N ASN A 233 20.74 -6.00 34.85
CA ASN A 233 21.26 -4.98 35.77
C ASN A 233 20.14 -4.39 36.61
N GLY A 234 18.92 -4.32 36.09
CA GLY A 234 17.82 -3.70 36.80
C GLY A 234 17.27 -4.55 37.92
N PHE A 235 17.05 -5.84 37.66
CA PHE A 235 16.43 -6.72 38.64
C PHE A 235 17.30 -7.92 38.98
N ASP A 236 17.67 -8.74 37.99
CA ASP A 236 18.22 -10.06 38.25
C ASP A 236 19.46 -10.00 39.14
N TRP A 237 20.50 -9.27 38.70
CA TRP A 237 21.71 -9.20 39.50
C TRP A 237 21.49 -8.60 40.89
N PRO A 238 20.81 -7.45 41.04
CA PRO A 238 20.53 -6.98 42.41
C PRO A 238 19.79 -7.97 43.28
N TYR A 239 18.89 -8.76 42.70
CA TYR A 239 18.15 -9.73 43.50
C TYR A 239 19.03 -10.91 43.90
N LEU A 240 19.71 -11.52 42.91
CA LEU A 240 20.58 -12.66 43.22
C LEU A 240 21.70 -12.26 44.19
N SER A 241 22.23 -11.05 44.04
CA SER A 241 23.26 -10.57 44.95
C SER A 241 22.76 -10.56 46.39
N GLU A 242 21.60 -9.96 46.62
CA GLU A 242 21.05 -9.86 47.97
C GLU A 242 20.42 -11.18 48.43
N ARG A 243 19.92 -11.99 47.49
CA ARG A 243 19.41 -13.31 47.87
C ARG A 243 20.53 -14.25 48.28
N ALA A 244 21.65 -14.21 47.55
CA ALA A 244 22.77 -15.10 47.87
C ALA A 244 23.36 -14.79 49.24
N LYS A 245 23.25 -13.54 49.70
CA LYS A 245 23.69 -13.19 51.04
C LYS A 245 22.76 -13.79 52.09
N ALA A 246 21.46 -13.65 51.89
CA ALA A 246 20.49 -14.14 52.86
C ALA A 246 20.57 -15.64 53.06
N LEU A 247 20.86 -16.39 51.98
CA LEU A 247 20.98 -17.84 52.08
C LEU A 247 22.38 -18.30 52.46
N GLY A 248 23.36 -17.40 52.48
CA GLY A 248 24.73 -17.78 52.81
C GLY A 248 25.39 -18.71 51.83
N VAL A 249 25.02 -18.63 50.55
CA VAL A 249 25.74 -19.30 49.47
C VAL A 249 26.36 -18.23 48.60
N PRO A 250 27.68 -18.20 48.43
CA PRO A 250 28.32 -17.09 47.74
C PRO A 250 28.07 -17.13 46.23
N LEU A 251 27.89 -15.94 45.65
CA LEU A 251 27.58 -15.80 44.23
C LEU A 251 28.87 -15.56 43.43
N ARG A 252 29.77 -16.53 43.52
CA ARG A 252 31.12 -16.40 42.96
C ARG A 252 31.08 -16.83 41.49
N VAL A 253 30.82 -15.87 40.61
CA VAL A 253 30.66 -16.16 39.19
C VAL A 253 31.78 -15.59 38.31
N ASP A 254 32.56 -14.62 38.80
CA ASP A 254 33.58 -14.03 37.94
C ASP A 254 34.79 -14.95 37.85
N ARG A 255 35.76 -14.55 37.03
CA ARG A 255 36.89 -15.42 36.70
C ARG A 255 37.94 -15.49 37.81
N LEU A 256 37.84 -14.68 38.86
CA LEU A 256 38.74 -14.79 40.01
C LEU A 256 37.96 -15.19 41.25
N GLY A 257 36.98 -16.07 41.08
CA GLY A 257 36.18 -16.56 42.20
C GLY A 257 35.47 -15.49 42.99
N GLY A 258 35.15 -14.36 42.38
CA GLY A 258 34.54 -13.25 43.07
C GLY A 258 33.07 -13.08 42.70
N VAL A 259 32.40 -12.20 43.44
CA VAL A 259 30.97 -11.97 43.29
C VAL A 259 30.73 -10.70 42.48
N PRO A 260 29.58 -10.56 41.82
CA PRO A 260 29.31 -9.33 41.06
C PRO A 260 29.24 -8.11 41.96
N GLN A 261 29.72 -6.98 41.42
CA GLN A 261 29.64 -5.69 42.09
C GLN A 261 28.83 -4.73 41.23
N GLN A 262 28.01 -3.90 41.88
CA GLN A 262 27.31 -2.84 41.17
C GLN A 262 28.26 -1.67 40.94
N SER A 263 28.32 -1.21 39.69
CA SER A 263 29.30 -0.20 39.32
C SER A 263 28.69 0.97 38.57
N VAL A 264 29.47 1.60 37.69
CA VAL A 264 29.05 2.83 37.05
C VAL A 264 27.83 2.59 36.14
N TYR A 265 27.03 3.64 35.97
CA TYR A 265 25.76 3.63 35.24
C TYR A 265 24.75 2.65 35.81
N GLY A 266 24.97 2.15 37.03
CA GLY A 266 24.15 1.09 37.55
C GLY A 266 24.41 -0.27 36.94
N HIS A 267 25.42 -0.39 36.08
CA HIS A 267 25.75 -1.69 35.52
C HIS A 267 26.43 -2.55 36.58
N TRP A 268 26.37 -3.86 36.37
CA TRP A 268 26.93 -4.82 37.32
C TRP A 268 28.18 -5.45 36.72
N SER A 269 29.29 -5.31 37.42
CA SER A 269 30.57 -5.82 36.96
C SER A 269 30.75 -7.28 37.36
N VAL A 270 31.15 -8.10 36.40
CA VAL A 270 31.57 -9.48 36.66
C VAL A 270 33.00 -9.58 36.13
N VAL A 271 33.97 -9.52 37.04
CA VAL A 271 35.37 -9.34 36.67
C VAL A 271 35.81 -10.44 35.71
N GLY A 272 36.50 -10.04 34.65
CA GLY A 272 37.02 -10.97 33.66
C GLY A 272 36.01 -11.43 32.62
N ARG A 273 34.87 -10.76 32.52
CA ARG A 273 33.88 -11.10 31.50
C ARG A 273 32.93 -9.91 31.33
N ALA A 274 32.21 -9.92 30.22
CA ALA A 274 31.33 -8.82 29.84
C ALA A 274 29.89 -9.15 30.25
N ASN A 275 29.39 -8.45 31.26
CA ASN A 275 27.98 -8.53 31.64
C ASN A 275 27.20 -7.51 30.83
N VAL A 276 26.42 -7.98 29.85
CA VAL A 276 25.64 -7.13 28.98
C VAL A 276 24.16 -7.27 29.35
N ASP A 277 23.49 -6.14 29.52
CA ASP A 277 22.05 -6.09 29.75
C ASP A 277 21.39 -5.54 28.50
N LEU A 278 20.64 -6.39 27.79
CA LEU A 278 20.05 -5.98 26.52
C LEU A 278 18.99 -4.90 26.70
N TYR A 279 18.38 -4.80 27.88
CA TYR A 279 17.42 -3.72 28.09
C TYR A 279 18.09 -2.34 28.08
N ASN A 280 19.39 -2.29 28.35
CA ASN A 280 20.11 -1.02 28.24
C ASN A 280 20.07 -0.47 26.81
N ILE A 281 20.26 -1.33 25.81
CA ILE A 281 20.33 -0.85 24.44
C ILE A 281 18.94 -0.70 23.81
N VAL A 282 17.98 -1.57 24.15
CA VAL A 282 16.66 -1.48 23.53
C VAL A 282 15.89 -0.27 24.03
N ASP A 283 16.24 0.25 25.21
CA ASP A 283 15.61 1.48 25.70
C ASP A 283 15.83 2.64 24.75
N GLU A 284 16.93 2.62 23.99
CA GLU A 284 17.26 3.68 23.05
C GLU A 284 16.47 3.59 21.75
N PHE A 285 15.77 2.48 21.48
CA PHE A 285 14.97 2.33 20.28
C PHE A 285 13.63 3.03 20.44
N PRO A 286 13.38 4.11 19.71
CA PRO A 286 12.13 4.87 19.89
C PRO A 286 10.92 4.24 19.23
N GLU A 287 11.07 3.13 18.50
CA GLU A 287 9.96 2.53 17.76
C GLU A 287 9.10 1.61 18.62
N ILE A 288 9.64 1.06 19.70
CA ILE A 288 9.03 -0.13 20.31
C ILE A 288 7.89 0.24 21.25
N LYS A 289 8.04 1.33 22.01
CA LYS A 289 6.97 1.94 22.80
C LYS A 289 6.61 1.16 24.06
N VAL A 290 6.97 -0.11 24.15
CA VAL A 290 6.60 -0.92 25.32
C VAL A 290 7.83 -1.59 25.92
N LYS A 291 8.60 -2.29 25.08
CA LYS A 291 9.95 -2.76 25.41
C LYS A 291 9.96 -3.88 26.46
N THR A 292 8.96 -4.74 26.46
CA THR A 292 9.08 -6.00 27.19
C THR A 292 9.83 -7.02 26.33
N LEU A 293 10.42 -8.01 27.00
CA LEU A 293 11.21 -9.02 26.31
C LEU A 293 10.42 -9.69 25.19
N ASP A 294 9.17 -10.07 25.48
CA ASP A 294 8.38 -10.79 24.48
C ASP A 294 8.07 -9.92 23.28
N ARG A 295 7.78 -8.63 23.51
CA ARG A 295 7.42 -7.75 22.40
C ARG A 295 8.65 -7.27 21.62
N VAL A 296 9.78 -7.07 22.29
CA VAL A 296 11.01 -6.76 21.58
C VAL A 296 11.47 -7.96 20.77
N ALA A 297 11.35 -9.15 21.34
CA ALA A 297 11.71 -10.38 20.62
C ALA A 297 10.94 -10.49 19.31
N GLU A 298 9.65 -10.12 19.32
CA GLU A 298 8.86 -10.19 18.09
C GLU A 298 9.32 -9.16 17.07
N TYR A 299 9.58 -7.93 17.51
CA TYR A 299 10.00 -6.87 16.60
C TYR A 299 11.24 -7.27 15.80
N PHE A 300 12.23 -7.86 16.47
CA PHE A 300 13.45 -8.29 15.81
C PHE A 300 13.34 -9.70 15.23
N GLY A 301 12.16 -10.33 15.34
CA GLY A 301 11.92 -11.58 14.64
C GLY A 301 12.67 -12.78 15.17
N VAL A 302 12.81 -12.90 16.49
CA VAL A 302 13.47 -14.07 17.06
C VAL A 302 12.43 -15.04 17.59
N MET A 303 11.28 -14.53 18.03
CA MET A 303 10.21 -15.38 18.51
C MET A 303 8.86 -14.69 18.36
N LYS A 304 7.90 -15.40 17.78
CA LYS A 304 6.58 -14.82 17.56
C LYS A 304 5.79 -14.92 18.86
N ARG A 305 5.24 -13.78 19.29
CA ARG A 305 4.49 -13.72 20.54
C ARG A 305 3.29 -14.66 20.54
N SER A 306 2.65 -14.85 19.40
CA SER A 306 1.52 -15.77 19.32
C SER A 306 1.92 -17.24 19.25
N GLU A 307 3.19 -17.55 18.96
CA GLU A 307 3.68 -18.92 18.98
C GLU A 307 4.41 -19.24 20.28
N ARG A 308 4.08 -18.55 21.36
CA ARG A 308 4.89 -18.55 22.57
C ARG A 308 3.98 -18.54 23.80
N VAL A 309 4.44 -19.24 24.85
CA VAL A 309 3.71 -19.27 26.11
C VAL A 309 3.87 -17.93 26.80
N LEU A 310 2.78 -17.43 27.39
CA LEU A 310 2.78 -16.13 28.06
C LEU A 310 2.02 -16.24 29.37
N ILE A 311 2.72 -16.07 30.48
CA ILE A 311 2.13 -16.03 31.81
C ILE A 311 2.02 -14.58 32.25
N PRO A 312 0.91 -14.16 32.87
CA PRO A 312 0.89 -12.84 33.52
C PRO A 312 1.94 -12.79 34.64
N GLY A 313 2.99 -11.99 34.42
CA GLY A 313 4.15 -12.02 35.29
C GLY A 313 3.84 -11.90 36.76
N HIS A 314 2.80 -11.15 37.12
CA HIS A 314 2.44 -10.99 38.53
C HIS A 314 1.92 -12.27 39.18
N LYS A 315 1.81 -13.38 38.44
CA LYS A 315 1.31 -14.64 39.00
C LYS A 315 2.26 -15.79 38.68
N VAL A 316 3.54 -15.64 39.02
CA VAL A 316 4.43 -16.80 38.92
C VAL A 316 4.30 -17.68 40.16
N TYR A 317 3.95 -17.10 41.31
CA TYR A 317 3.68 -17.90 42.50
C TYR A 317 2.52 -18.85 42.25
N GLU A 318 1.46 -18.37 41.59
CA GLU A 318 0.29 -19.20 41.36
C GLU A 318 0.62 -20.39 40.46
N TYR A 319 1.39 -20.18 39.40
CA TYR A 319 1.81 -21.29 38.55
C TYR A 319 2.84 -22.18 39.24
N TRP A 320 3.46 -21.71 40.32
CA TRP A 320 4.47 -22.47 41.05
C TRP A 320 3.86 -23.40 42.10
N ASN A 321 2.80 -22.94 42.78
CA ASN A 321 2.12 -23.75 43.79
C ASN A 321 1.06 -24.67 43.19
N ASP A 322 1.10 -24.88 41.88
CA ASP A 322 0.11 -25.71 41.19
C ASP A 322 0.85 -26.65 40.25
N PRO A 323 0.96 -27.94 40.59
CA PRO A 323 1.71 -28.86 39.71
C PRO A 323 1.14 -28.98 38.31
N ALA A 324 -0.11 -28.56 38.08
CA ALA A 324 -0.63 -28.51 36.72
C ALA A 324 -0.03 -27.36 35.93
N LYS A 325 0.28 -26.25 36.59
CA LYS A 325 0.75 -25.04 35.93
C LYS A 325 2.27 -24.88 35.98
N ARG A 326 2.98 -25.75 36.70
CA ARG A 326 4.44 -25.64 36.75
C ARG A 326 5.09 -25.93 35.42
N PRO A 327 4.74 -27.01 34.69
CA PRO A 327 5.44 -27.29 33.42
C PRO A 327 5.25 -26.20 32.37
N THR A 328 4.18 -25.40 32.46
CA THR A 328 4.02 -24.28 31.53
C THR A 328 4.74 -23.03 32.02
N LEU A 329 4.92 -22.89 33.34
CA LEU A 329 5.79 -21.84 33.86
C LEU A 329 7.23 -22.07 33.45
N MET A 330 7.64 -23.33 33.29
CA MET A 330 8.98 -23.63 32.82
C MET A 330 9.17 -23.17 31.37
N ARG A 331 8.23 -23.54 30.49
CA ARG A 331 8.34 -23.15 29.09
C ARG A 331 8.28 -21.65 28.92
N TYR A 332 7.55 -20.96 29.79
CA TYR A 332 7.62 -19.49 29.83
C TYR A 332 9.05 -19.04 30.10
N VAL A 333 9.72 -19.69 31.07
CA VAL A 333 11.10 -19.34 31.37
C VAL A 333 12.02 -19.70 30.21
N LEU A 334 11.77 -20.85 29.56
CA LEU A 334 12.61 -21.24 28.43
C LEU A 334 12.43 -20.30 27.25
N ASP A 335 11.18 -19.88 26.98
CA ASP A 335 10.95 -18.92 25.90
C ASP A 335 11.59 -17.57 26.21
N ASP A 336 11.71 -17.22 27.49
CA ASP A 336 12.44 -16.01 27.87
C ASP A 336 13.92 -16.13 27.49
N VAL A 337 14.59 -17.18 27.98
CA VAL A 337 16.03 -17.31 27.76
C VAL A 337 16.35 -17.59 26.30
N ARG A 338 15.47 -18.31 25.59
CA ARG A 338 15.69 -18.51 24.17
C ARG A 338 15.56 -17.21 23.39
N SER A 339 14.62 -16.34 23.79
CA SER A 339 14.52 -15.02 23.18
C SER A 339 15.73 -14.17 23.56
N THR A 340 16.20 -14.27 24.80
CA THR A 340 17.34 -13.46 25.25
C THR A 340 18.58 -13.78 24.43
N LEU A 341 18.89 -15.06 24.26
CA LEU A 341 20.02 -15.44 23.42
C LEU A 341 19.74 -15.13 21.96
N GLY A 342 18.48 -15.20 21.53
CA GLY A 342 18.14 -14.81 20.17
C GLY A 342 18.41 -13.34 19.91
N LEU A 343 17.93 -12.48 20.82
CA LEU A 343 18.24 -11.05 20.71
C LEU A 343 19.74 -10.80 20.70
N ALA A 344 20.48 -11.49 21.58
CA ALA A 344 21.92 -11.30 21.64
C ALA A 344 22.58 -11.57 20.29
N GLU A 345 22.18 -12.65 19.62
CA GLU A 345 22.75 -12.96 18.31
C GLU A 345 22.57 -11.82 17.32
N LYS A 346 21.49 -11.03 17.46
CA LYS A 346 21.25 -9.90 16.58
C LYS A 346 21.90 -8.61 17.06
N LEU A 347 21.91 -8.35 18.37
CA LEU A 347 22.39 -7.08 18.89
C LEU A 347 23.85 -7.11 19.34
N LEU A 348 24.34 -8.24 19.86
CA LEU A 348 25.69 -8.28 20.40
C LEU A 348 26.78 -7.99 19.37
N PRO A 349 26.72 -8.46 18.12
CA PRO A 349 27.77 -8.08 17.16
C PRO A 349 27.88 -6.57 16.97
N PHE A 350 26.76 -5.84 17.02
CA PHE A 350 26.81 -4.39 16.92
C PHE A 350 27.49 -3.78 18.15
N LEU A 351 27.11 -4.26 19.35
CA LEU A 351 27.65 -3.70 20.58
C LEU A 351 29.17 -3.88 20.66
N ILE A 352 29.68 -5.00 20.14
CA ILE A 352 31.12 -5.24 20.14
C ILE A 352 31.83 -4.18 19.31
N GLN A 353 31.26 -3.86 18.14
CA GLN A 353 31.86 -2.82 17.29
C GLN A 353 31.67 -1.44 17.92
N LEU A 354 30.50 -1.18 18.49
CA LEU A 354 30.29 0.07 19.21
C LEU A 354 31.19 0.19 20.42
N SER A 355 31.76 -0.91 20.90
CA SER A 355 32.72 -0.86 22.00
C SER A 355 34.12 -0.51 21.50
N SER A 356 34.51 -1.02 20.32
CA SER A 356 35.83 -0.70 19.78
C SER A 356 35.86 0.72 19.24
N VAL A 357 34.75 1.17 18.64
CA VAL A 357 34.52 2.60 18.54
C VAL A 357 34.13 3.14 19.91
N SER A 358 34.27 4.45 20.08
CA SER A 358 33.94 5.13 21.35
C SER A 358 34.90 4.73 22.46
N GLY A 359 35.13 3.43 22.63
CA GLY A 359 36.18 2.94 23.50
C GLY A 359 35.76 2.46 24.87
N LEU A 360 34.46 2.35 25.14
CA LEU A 360 34.03 1.80 26.42
C LEU A 360 34.02 0.27 26.39
N PRO A 361 34.28 -0.37 27.53
CA PRO A 361 34.21 -1.84 27.59
C PRO A 361 32.79 -2.34 27.32
N LEU A 362 32.72 -3.64 26.98
CA LEU A 362 31.46 -4.21 26.51
C LEU A 362 30.37 -4.16 27.58
N ASP A 363 30.73 -4.27 28.85
CA ASP A 363 29.76 -4.22 29.93
C ASP A 363 29.25 -2.81 30.22
N GLN A 364 29.86 -1.78 29.63
CA GLN A 364 29.45 -0.40 29.87
C GLN A 364 28.91 0.33 28.65
N VAL A 365 29.25 -0.11 27.43
CA VAL A 365 28.92 0.66 26.23
C VAL A 365 27.41 0.86 26.12
N ALA A 366 26.62 -0.17 26.45
CA ALA A 366 25.16 -0.04 26.36
C ALA A 366 24.57 0.64 27.58
N ALA A 367 25.16 0.43 28.77
CA ALA A 367 24.62 1.04 29.98
C ALA A 367 24.75 2.55 29.96
N ALA A 368 25.80 3.07 29.34
CA ALA A 368 26.02 4.51 29.29
C ALA A 368 25.04 5.17 28.32
N SER A 369 24.77 6.44 28.56
CA SER A 369 23.91 7.20 27.67
C SER A 369 24.66 7.57 26.40
N VAL A 370 23.89 7.92 25.36
CA VAL A 370 24.48 8.25 24.06
C VAL A 370 25.52 9.36 24.21
N GLY A 371 25.18 10.42 24.95
CA GLY A 371 26.14 11.49 25.18
C GLY A 371 27.31 11.05 26.03
N ASN A 372 27.04 10.23 27.04
CA ASN A 372 28.14 9.68 27.82
C ASN A 372 29.06 8.82 26.96
N ARG A 373 28.49 8.05 26.02
CA ARG A 373 29.31 7.24 25.12
C ARG A 373 30.17 8.11 24.22
N VAL A 374 29.59 9.19 23.67
CA VAL A 374 30.32 10.07 22.76
C VAL A 374 31.44 10.80 23.50
N GLU A 375 31.18 11.19 24.76
CA GLU A 375 32.17 11.94 25.51
C GLU A 375 33.41 11.10 25.84
N TRP A 376 33.23 9.80 26.07
CA TRP A 376 34.38 8.92 26.26
C TRP A 376 35.16 8.70 24.97
N MET A 377 34.52 8.87 23.81
CA MET A 377 35.25 8.86 22.55
C MET A 377 36.09 10.13 22.40
N LEU A 378 35.46 11.29 22.64
CA LEU A 378 36.17 12.56 22.47
C LEU A 378 37.34 12.69 23.43
N LEU A 379 37.23 12.13 24.64
CA LEU A 379 38.36 12.11 25.56
C LEU A 379 39.52 11.30 24.97
N ARG A 380 39.21 10.21 24.29
CA ARG A 380 40.26 9.40 23.67
C ARG A 380 40.91 10.16 22.52
N TYR A 381 40.11 10.80 21.68
CA TYR A 381 40.67 11.64 20.62
C TYR A 381 41.43 12.83 21.18
N ALA A 382 40.90 13.47 22.22
CA ALA A 382 41.57 14.62 22.81
C ALA A 382 42.96 14.28 23.32
N TYR A 383 43.17 13.05 23.79
CA TYR A 383 44.49 12.67 24.28
C TYR A 383 45.50 12.60 23.14
N ARG A 384 45.19 11.83 22.09
CA ARG A 384 46.14 11.67 20.99
C ARG A 384 46.31 12.94 20.16
N MET A 385 45.48 13.96 20.37
CA MET A 385 45.68 15.26 19.77
C MET A 385 46.35 16.24 20.71
N GLY A 386 46.69 15.81 21.92
CA GLY A 386 47.35 16.69 22.87
C GLY A 386 46.47 17.77 23.46
N GLU A 387 45.17 17.51 23.57
CA GLU A 387 44.21 18.51 24.04
C GLU A 387 43.74 18.14 25.44
N VAL A 388 43.81 19.10 26.35
CA VAL A 388 43.25 18.93 27.69
C VAL A 388 41.75 19.10 27.62
N ALA A 389 41.02 18.25 28.35
CA ALA A 389 39.58 18.25 28.28
C ALA A 389 39.00 19.33 29.21
N PRO A 390 37.96 20.05 28.75
CA PRO A 390 37.25 20.98 29.65
C PRO A 390 36.54 20.25 30.77
N ASN A 391 35.81 20.99 31.61
CA ASN A 391 35.14 20.44 32.77
C ASN A 391 33.64 20.35 32.55
N ARG A 392 32.99 19.59 33.44
CA ARG A 392 31.59 19.24 33.34
C ARG A 392 30.79 19.95 34.43
N GLU A 393 29.48 20.02 34.21
CA GLU A 393 28.55 20.44 35.25
C GLU A 393 27.76 19.27 35.83
N GLU A 394 26.94 18.60 35.02
CA GLU A 394 26.19 17.46 35.51
C GLU A 394 25.87 16.55 34.34
N ARG A 395 25.33 15.39 34.68
CA ARG A 395 24.73 14.49 33.69
C ARG A 395 23.23 14.41 33.92
N GLU A 396 22.46 14.77 32.90
CA GLU A 396 21.03 14.58 32.68
C GLU A 396 20.78 13.98 31.29
N TYR A 397 21.55 14.42 30.29
CA TYR A 397 21.45 14.08 28.87
C TYR A 397 20.04 14.20 28.31
N GLU A 398 19.94 14.58 27.03
CA GLU A 398 18.66 14.83 26.40
C GLU A 398 18.70 14.36 24.95
N PRO A 399 18.07 13.22 24.64
CA PRO A 399 18.29 12.57 23.34
C PRO A 399 17.78 13.33 22.12
N TYR A 400 18.59 14.32 21.69
CA TYR A 400 18.78 14.68 20.28
C TYR A 400 17.96 15.88 19.81
N LYS A 401 16.99 16.37 20.61
CA LYS A 401 16.26 17.60 20.26
C LYS A 401 15.72 17.69 18.83
N GLY A 402 14.55 17.10 18.58
CA GLY A 402 13.95 17.19 17.26
C GLY A 402 13.20 18.48 17.00
N ALA A 403 13.89 19.47 16.44
CA ALA A 403 13.30 20.77 16.12
C ALA A 403 12.46 20.66 14.84
N ILE A 404 11.17 20.96 14.96
CA ILE A 404 10.25 20.83 13.84
C ILE A 404 10.51 21.90 12.80
N VAL A 405 10.44 21.52 11.52
CA VAL A 405 10.57 22.45 10.41
C VAL A 405 9.26 22.58 9.64
N LEU A 406 8.64 21.46 9.27
CA LEU A 406 7.36 21.44 8.58
C LEU A 406 6.36 20.69 9.46
N GLU A 407 5.41 21.40 10.02
CA GLU A 407 4.42 20.76 10.87
C GLU A 407 3.45 19.93 10.02
N PRO A 408 3.13 18.71 10.44
CA PRO A 408 2.22 17.88 9.66
C PRO A 408 0.75 18.18 9.97
N LYS A 409 -0.11 17.71 9.07
CA LYS A 409 -1.55 17.75 9.30
C LYS A 409 -1.97 16.44 9.96
N PRO A 410 -2.55 16.46 11.15
CA PRO A 410 -3.00 15.21 11.76
C PRO A 410 -3.99 14.48 10.86
N GLY A 411 -3.73 13.21 10.61
CA GLY A 411 -4.59 12.43 9.74
C GLY A 411 -3.88 11.19 9.23
N LEU A 412 -4.55 10.51 8.30
CA LEU A 412 -4.10 9.25 7.76
C LEU A 412 -3.42 9.46 6.41
N TYR A 413 -2.28 8.79 6.22
CA TYR A 413 -1.51 8.89 4.99
C TYR A 413 -1.06 7.49 4.57
N SER A 414 -1.18 7.18 3.29
CA SER A 414 -0.83 5.87 2.75
C SER A 414 0.42 5.96 1.89
N ASP A 415 1.25 4.92 1.96
CA ASP A 415 2.49 4.82 1.19
C ASP A 415 3.43 5.99 1.49
N VAL A 416 4.19 5.90 2.58
CA VAL A 416 5.03 6.99 3.05
C VAL A 416 6.44 6.48 3.23
N LEU A 417 7.42 7.22 2.69
CA LEU A 417 8.84 6.96 2.90
C LEU A 417 9.42 7.96 3.88
N VAL A 418 10.22 7.47 4.81
CA VAL A 418 10.94 8.32 5.76
C VAL A 418 12.40 8.39 5.32
N LEU A 419 12.88 9.59 5.03
CA LEU A 419 14.23 9.80 4.56
C LEU A 419 15.11 10.25 5.73
N ASP A 420 16.24 9.57 5.90
CA ASP A 420 17.15 9.83 7.01
C ASP A 420 18.10 10.97 6.64
N PHE A 421 18.10 12.02 7.45
CA PHE A 421 18.98 13.17 7.26
C PHE A 421 20.04 13.30 8.35
N SER A 422 20.34 12.21 9.06
CA SER A 422 21.23 12.30 10.22
C SER A 422 22.67 12.59 9.81
N SER A 423 23.11 12.12 8.64
CA SER A 423 24.46 12.40 8.18
C SER A 423 24.68 13.86 7.81
N MET A 424 23.62 14.67 7.82
CA MET A 424 23.75 16.09 7.51
C MET A 424 24.63 16.82 8.51
N TYR A 425 24.53 16.48 9.80
CA TYR A 425 25.18 17.24 10.85
C TYR A 425 26.70 17.12 10.83
N PRO A 426 27.28 15.92 10.66
CA PRO A 426 28.74 15.88 10.45
C PRO A 426 29.18 16.68 9.23
N ASN A 427 28.45 16.57 8.12
CA ASN A 427 28.76 17.35 6.93
C ASN A 427 28.80 18.84 7.24
N ILE A 428 27.76 19.36 7.89
CA ILE A 428 27.71 20.77 8.24
C ILE A 428 28.91 21.17 9.08
N MET A 429 29.23 20.35 10.10
CA MET A 429 30.29 20.71 11.03
C MET A 429 31.68 20.57 10.38
N MET A 430 31.84 19.63 9.45
CA MET A 430 33.12 19.51 8.76
C MET A 430 33.28 20.58 7.69
N LYS A 431 32.25 20.75 6.85
CA LYS A 431 32.36 21.66 5.71
C LYS A 431 32.45 23.11 6.14
N TYR A 432 31.88 23.46 7.29
CA TYR A 432 31.94 24.82 7.81
C TYR A 432 32.81 24.95 9.04
N ASN A 433 33.45 23.86 9.48
CA ASN A 433 34.46 23.89 10.54
C ASN A 433 33.90 24.48 11.83
N LEU A 434 32.76 23.98 12.26
CA LEU A 434 32.13 24.43 13.50
C LEU A 434 32.69 23.63 14.68
N SER A 435 33.08 24.34 15.73
CA SER A 435 33.71 23.75 16.91
C SER A 435 33.84 24.81 17.99
N PRO A 436 33.85 24.41 19.27
CA PRO A 436 34.05 25.42 20.33
C PRO A 436 35.33 26.21 20.17
N ASP A 437 36.41 25.58 19.71
CA ASP A 437 37.70 26.24 19.58
C ASP A 437 37.81 27.15 18.35
N THR A 438 36.89 27.04 17.39
CA THR A 438 36.92 27.87 16.20
C THR A 438 35.94 29.03 16.24
N TYR A 439 35.10 29.11 17.27
CA TYR A 439 34.17 30.22 17.42
C TYR A 439 34.92 31.50 17.80
N LEU A 440 34.37 32.64 17.38
CA LEU A 440 34.98 33.93 17.64
C LEU A 440 34.04 34.80 18.46
N GLU A 441 34.63 35.72 19.22
CA GLU A 441 34.00 36.36 20.37
C GLU A 441 34.04 37.88 20.18
N PRO A 442 34.08 38.74 21.22
CA PRO A 442 34.16 40.18 20.91
C PRO A 442 35.50 40.62 20.35
N HIS A 443 36.49 39.74 20.25
CA HIS A 443 37.62 39.99 19.38
C HIS A 443 37.25 39.48 17.99
N GLU A 444 37.21 40.38 17.02
CA GLU A 444 36.81 39.97 15.68
C GLU A 444 37.85 40.18 14.58
N PRO A 445 39.18 40.04 14.83
CA PRO A 445 40.09 39.97 13.68
C PRO A 445 39.83 38.72 12.87
N ASP A 446 39.30 38.88 11.67
CA ASP A 446 39.21 37.77 10.74
C ASP A 446 40.61 37.35 10.31
N PRO A 447 41.05 36.13 10.62
CA PRO A 447 42.38 35.69 10.21
C PRO A 447 42.49 35.68 8.69
N PRO A 448 43.71 35.80 8.16
CA PRO A 448 43.87 35.77 6.70
C PRO A 448 43.23 34.57 6.02
N GLU A 449 43.19 33.41 6.69
CA GLU A 449 42.58 32.23 6.09
C GLU A 449 41.08 32.42 5.84
N GLY A 450 40.44 33.28 6.63
CA GLY A 450 39.05 33.66 6.39
C GLY A 450 38.14 33.22 7.51
N VAL A 451 36.85 33.54 7.32
CA VAL A 451 35.79 33.27 8.30
C VAL A 451 34.56 32.80 7.51
N VAL A 452 33.69 32.07 8.20
CA VAL A 452 32.38 31.68 7.67
C VAL A 452 31.33 32.13 8.69
N VAL A 453 30.28 32.78 8.19
CA VAL A 453 29.21 33.30 9.03
C VAL A 453 28.02 32.38 8.94
N ALA A 454 27.47 32.03 10.09
CA ALA A 454 26.33 31.12 10.13
C ALA A 454 25.06 31.86 9.71
N PRO A 455 24.22 31.26 8.87
CA PRO A 455 23.02 31.97 8.40
C PRO A 455 22.14 32.42 9.57
N GLU A 456 21.38 33.49 9.30
CA GLU A 456 21.10 34.60 10.20
C GLU A 456 21.03 34.30 11.70
N VAL A 457 21.89 33.43 12.19
CA VAL A 457 22.15 33.46 13.62
C VAL A 457 23.36 34.37 13.85
N GLY A 458 24.20 34.50 12.84
CA GLY A 458 25.28 35.48 12.80
C GLY A 458 26.50 35.14 13.61
N HIS A 459 26.71 33.87 13.96
CA HIS A 459 27.95 33.49 14.63
C HIS A 459 29.06 33.26 13.62
N ARG A 460 30.29 33.53 14.05
CA ARG A 460 31.45 33.53 13.17
C ARG A 460 32.44 32.46 13.60
N PHE A 461 33.03 31.79 12.61
CA PHE A 461 33.91 30.65 12.86
C PHE A 461 35.14 30.73 11.98
N ARG A 462 36.23 30.21 12.47
CA ARG A 462 37.40 30.27 11.68
C ARG A 462 37.43 29.17 10.72
N LYS A 463 37.80 29.49 9.51
CA LYS A 463 38.00 28.54 8.45
C LYS A 463 39.33 27.80 8.63
N ALA A 464 40.26 28.52 9.27
CA ALA A 464 41.65 28.33 9.66
C ALA A 464 42.23 26.97 9.74
N PRO A 465 42.64 26.59 10.93
CA PRO A 465 43.17 25.30 11.28
C PRO A 465 41.95 24.55 11.75
N THR A 466 41.71 23.38 11.21
CA THR A 466 40.56 22.59 11.55
C THR A 466 40.32 22.41 13.03
N GLY A 467 39.09 22.57 13.44
CA GLY A 467 38.73 22.48 14.82
C GLY A 467 38.78 21.09 15.35
N PHE A 468 38.60 20.97 16.63
CA PHE A 468 38.68 19.66 17.28
C PHE A 468 37.55 18.74 16.83
N ILE A 469 36.30 19.20 16.94
CA ILE A 469 35.17 18.36 16.55
C ILE A 469 35.19 18.04 15.07
N PRO A 470 35.45 18.98 14.15
CA PRO A 470 35.58 18.57 12.74
C PRO A 470 36.68 17.55 12.51
N ALA A 471 37.84 17.71 13.16
CA ALA A 471 38.92 16.76 12.98
C ALA A 471 38.51 15.35 13.38
N VAL A 472 37.70 15.23 14.45
CA VAL A 472 37.25 13.91 14.89
C VAL A 472 36.28 13.30 13.88
N LEU A 473 35.31 14.10 13.42
CA LEU A 473 34.36 13.60 12.44
C LEU A 473 35.06 13.22 11.14
N LYS A 474 36.02 14.04 10.70
CA LYS A 474 36.79 13.71 9.50
C LYS A 474 37.45 12.34 9.62
N HIS A 475 37.96 12.02 10.81
CA HIS A 475 38.58 10.71 11.03
C HIS A 475 37.55 9.59 11.04
N LEU A 476 36.39 9.83 11.67
CA LEU A 476 35.33 8.83 11.67
C LEU A 476 34.82 8.57 10.26
N VAL A 477 34.67 9.62 9.46
CA VAL A 477 34.24 9.45 8.07
C VAL A 477 35.27 8.65 7.28
N GLU A 478 36.56 8.94 7.48
CA GLU A 478 37.60 8.21 6.77
C GLU A 478 37.61 6.74 7.17
N LEU A 479 37.55 6.47 8.48
CA LEU A 479 37.51 5.09 8.96
C LEU A 479 36.37 4.31 8.33
N ARG A 480 35.16 4.89 8.34
CA ARG A 480 34.00 4.22 7.76
C ARG A 480 34.16 4.04 6.26
N ARG A 481 34.62 5.08 5.56
CA ARG A 481 34.82 4.98 4.11
C ARG A 481 35.78 3.86 3.76
N ALA A 482 36.82 3.65 4.59
CA ALA A 482 37.75 2.57 4.34
C ALA A 482 37.13 1.21 4.62
N VAL A 483 36.40 1.09 5.74
CA VAL A 483 35.71 -0.15 6.06
C VAL A 483 34.67 -0.47 5.00
N ARG A 484 33.92 0.55 4.56
CA ARG A 484 32.79 0.32 3.67
C ARG A 484 33.22 -0.22 2.31
N GLU A 485 34.38 0.21 1.80
CA GLU A 485 34.86 -0.32 0.53
C GLU A 485 35.45 -1.72 0.69
N GLU A 486 36.04 -2.01 1.85
CA GLU A 486 36.52 -3.36 2.12
C GLU A 486 35.38 -4.37 2.17
N ALA A 487 34.15 -3.92 2.43
CA ALA A 487 33.00 -4.81 2.40
C ALA A 487 32.70 -5.29 0.98
N LYS A 488 33.08 -4.51 -0.03
CA LYS A 488 32.90 -4.93 -1.41
C LYS A 488 33.74 -6.16 -1.76
N LYS A 489 34.82 -6.41 -1.02
CA LYS A 489 35.65 -7.58 -1.30
C LYS A 489 34.89 -8.88 -1.08
N TYR A 490 34.04 -8.92 -0.05
CA TYR A 490 33.32 -10.12 0.34
C TYR A 490 31.90 -10.10 -0.20
N PRO A 491 31.28 -11.27 -0.33
CA PRO A 491 29.89 -11.33 -0.82
C PRO A 491 28.91 -10.94 0.28
N PRO A 492 27.85 -10.20 -0.08
CA PRO A 492 26.95 -9.62 0.92
C PRO A 492 26.35 -10.58 1.94
N ASP A 493 26.33 -11.89 1.67
CA ASP A 493 25.75 -12.87 2.58
C ASP A 493 26.83 -13.71 3.25
N SER A 494 27.95 -13.10 3.58
CA SER A 494 29.02 -13.81 4.26
C SER A 494 29.10 -13.37 5.72
N PRO A 495 29.70 -14.19 6.59
CA PRO A 495 29.98 -13.69 7.94
C PRO A 495 30.93 -12.51 7.93
N GLU A 496 31.94 -12.53 7.06
CA GLU A 496 32.90 -11.44 6.99
C GLU A 496 32.26 -10.14 6.51
N TYR A 497 31.20 -10.21 5.70
CA TYR A 497 30.52 -9.00 5.26
C TYR A 497 29.67 -8.40 6.38
N ARG A 498 28.93 -9.24 7.09
CA ARG A 498 28.04 -8.76 8.14
C ARG A 498 28.84 -8.11 9.28
N LEU A 499 30.01 -8.67 9.59
CA LEU A 499 30.85 -8.08 10.62
C LEU A 499 31.32 -6.70 10.22
N LEU A 500 31.74 -6.54 8.96
CA LEU A 500 32.16 -5.24 8.46
C LEU A 500 31.00 -4.25 8.37
N ASP A 501 29.79 -4.75 8.07
CA ASP A 501 28.61 -3.88 8.03
C ASP A 501 28.26 -3.36 9.41
N GLU A 502 28.44 -4.18 10.45
CA GLU A 502 28.20 -3.71 11.82
C GLU A 502 29.22 -2.65 12.21
N ARG A 503 30.50 -2.90 11.93
CA ARG A 503 31.54 -1.90 12.20
C ARG A 503 31.26 -0.61 11.45
N GLN A 504 30.82 -0.72 10.19
CA GLN A 504 30.49 0.47 9.41
C GLN A 504 29.37 1.27 10.08
N ARG A 505 28.32 0.58 10.54
CA ARG A 505 27.21 1.29 11.16
C ARG A 505 27.62 1.90 12.50
N ALA A 506 28.46 1.19 13.26
CA ALA A 506 28.88 1.71 14.56
C ALA A 506 29.60 3.04 14.42
N LEU A 507 30.43 3.18 13.38
CA LEU A 507 31.08 4.46 13.12
C LEU A 507 30.05 5.53 12.75
N LYS A 508 29.07 5.18 11.92
CA LYS A 508 28.02 6.11 11.54
C LYS A 508 27.27 6.64 12.76
N VAL A 509 26.87 5.74 13.66
CA VAL A 509 26.06 6.13 14.80
C VAL A 509 26.81 7.10 15.71
N MET A 510 28.09 6.85 15.93
CA MET A 510 28.88 7.75 16.77
C MET A 510 29.07 9.12 16.09
N ALA A 511 29.29 9.12 14.77
CA ALA A 511 29.40 10.37 14.04
C ALA A 511 28.10 11.16 14.10
N ASN A 512 26.96 10.50 13.84
CA ASN A 512 25.68 11.18 13.84
C ASN A 512 25.20 11.53 15.25
N ALA A 513 25.78 10.93 16.27
CA ALA A 513 25.42 11.27 17.65
C ALA A 513 26.03 12.59 18.11
N MET A 514 27.05 13.09 17.40
CA MET A 514 27.74 14.32 17.80
C MET A 514 26.77 15.48 18.02
N TYR A 515 25.84 15.67 17.06
CA TYR A 515 24.94 16.82 17.12
C TYR A 515 24.11 16.83 18.40
N GLY A 516 23.58 15.68 18.81
CA GLY A 516 22.87 15.61 20.07
C GLY A 516 23.75 15.90 21.27
N TYR A 517 25.02 15.47 21.20
CA TYR A 517 25.93 15.69 22.32
C TYR A 517 26.26 17.16 22.52
N LEU A 518 26.56 17.86 21.42
CA LEU A 518 27.01 19.24 21.51
C LEU A 518 25.91 20.21 21.96
N GLY A 519 24.65 19.77 22.00
CA GLY A 519 23.58 20.58 22.53
C GLY A 519 23.35 20.33 24.00
N TRP A 520 23.77 19.15 24.46
CA TRP A 520 23.67 18.75 25.85
C TRP A 520 24.46 19.72 26.72
N VAL A 521 23.74 20.58 27.46
CA VAL A 521 24.39 21.66 28.21
C VAL A 521 25.44 21.13 29.18
N GLY A 522 25.23 19.93 29.70
CA GLY A 522 26.20 19.33 30.61
C GLY A 522 27.27 18.53 29.91
N ALA A 523 27.80 19.06 28.82
CA ALA A 523 28.84 18.41 28.05
C ALA A 523 30.16 19.17 28.17
N ARG A 524 31.26 18.43 28.04
CA ARG A 524 32.58 19.03 28.16
C ARG A 524 32.84 20.02 27.04
N TRP A 525 32.56 19.61 25.80
CA TRP A 525 32.73 20.46 24.63
C TRP A 525 31.43 21.15 24.22
N TYR A 526 30.59 21.47 25.20
CA TYR A 526 29.35 22.21 24.93
C TYR A 526 29.66 23.68 24.67
N LYS A 527 29.13 24.20 23.57
CA LYS A 527 29.13 25.62 23.29
C LYS A 527 27.84 25.97 22.57
N LYS A 528 27.07 26.90 23.15
CA LYS A 528 25.74 27.20 22.62
C LYS A 528 25.81 27.70 21.18
N GLU A 529 26.79 28.55 20.88
CA GLU A 529 26.87 29.13 19.54
C GLU A 529 27.23 28.10 18.48
N VAL A 530 27.84 26.98 18.86
CA VAL A 530 28.08 25.90 17.91
C VAL A 530 26.77 25.20 17.57
N ALA A 531 26.02 24.76 18.58
CA ALA A 531 24.76 24.09 18.35
C ALA A 531 23.80 24.96 17.54
N GLU A 532 23.64 26.22 17.94
CA GLU A 532 22.75 27.11 17.22
C GLU A 532 23.20 27.34 15.78
N SER A 533 24.51 27.35 15.54
CA SER A 533 25.01 27.50 14.18
C SER A 533 24.75 26.23 13.36
N VAL A 534 24.86 25.05 13.99
CA VAL A 534 24.60 23.81 13.28
C VAL A 534 23.14 23.72 12.87
N THR A 535 22.23 24.12 13.77
CA THR A 535 20.80 24.10 13.43
C THR A 535 20.48 25.06 12.30
N ALA A 536 21.05 26.27 12.35
CA ALA A 536 20.71 27.27 11.34
C ALA A 536 21.19 26.85 9.96
N PHE A 537 22.40 26.30 9.86
CA PHE A 537 22.82 25.68 8.62
C PHE A 537 21.88 24.53 8.24
N ALA A 538 21.48 23.73 9.23
CA ALA A 538 20.62 22.57 8.96
C ALA A 538 19.24 23.01 8.47
N ARG A 539 18.65 24.01 9.13
CA ARG A 539 17.33 24.48 8.72
C ARG A 539 17.36 25.06 7.31
N ALA A 540 18.43 25.77 6.96
CA ALA A 540 18.49 26.48 5.68
C ALA A 540 18.44 25.53 4.49
N ILE A 541 19.20 24.43 4.55
CA ILE A 541 19.24 23.51 3.41
C ILE A 541 18.12 22.48 3.43
N LEU A 542 17.42 22.32 4.57
CA LEU A 542 16.19 21.54 4.56
C LEU A 542 15.10 22.26 3.78
N LEU A 543 14.93 23.56 4.03
CA LEU A 543 13.98 24.35 3.24
C LEU A 543 14.31 24.32 1.77
N ASP A 544 15.59 24.19 1.43
CA ASP A 544 15.97 24.03 0.02
C ASP A 544 15.48 22.70 -0.53
N VAL A 545 15.63 21.62 0.26
CA VAL A 545 15.26 20.30 -0.23
C VAL A 545 13.74 20.12 -0.29
N VAL A 546 13.00 20.82 0.58
CA VAL A 546 11.54 20.76 0.48
C VAL A 546 11.05 21.55 -0.72
N GLU A 547 11.70 22.69 -1.02
CA GLU A 547 11.32 23.48 -2.19
C GLU A 547 11.67 22.74 -3.47
N TYR A 548 12.83 22.09 -3.51
CA TYR A 548 13.19 21.30 -4.68
C TYR A 548 12.29 20.07 -4.82
N ALA A 549 11.87 19.48 -3.70
CA ALA A 549 10.97 18.34 -3.76
C ALA A 549 9.66 18.71 -4.44
N LYS A 550 9.18 19.93 -4.20
CA LYS A 550 7.95 20.40 -4.82
C LYS A 550 8.10 20.56 -6.33
N ARG A 551 9.32 20.80 -6.80
CA ARG A 551 9.55 20.86 -8.24
C ARG A 551 9.35 19.50 -8.88
N LEU A 552 9.51 18.43 -8.10
CA LEU A 552 9.10 17.10 -8.50
C LEU A 552 7.70 16.82 -7.96
N GLY A 553 7.14 15.69 -8.34
CA GLY A 553 5.81 15.34 -7.89
C GLY A 553 5.83 14.66 -6.53
N ILE A 554 6.46 15.29 -5.54
CA ILE A 554 6.70 14.68 -4.24
C ILE A 554 6.00 15.49 -3.16
N GLU A 555 4.99 14.89 -2.53
CA GLU A 555 4.32 15.49 -1.38
C GLU A 555 5.15 15.28 -0.13
N VAL A 556 5.31 16.34 0.66
CA VAL A 556 6.08 16.30 1.91
C VAL A 556 5.09 16.45 3.06
N ILE A 557 4.87 15.36 3.80
CA ILE A 557 3.88 15.36 4.87
C ILE A 557 4.48 15.91 6.16
N TYR A 558 5.76 15.61 6.42
CA TYR A 558 6.39 15.99 7.68
C TYR A 558 7.88 16.22 7.42
N GLY A 559 8.45 17.15 8.17
CA GLY A 559 9.88 17.39 8.08
C GLY A 559 10.43 18.09 9.30
N ASP A 560 11.35 17.44 10.00
CA ASP A 560 12.07 18.05 11.10
C ASP A 560 13.56 18.05 10.78
N THR A 561 14.35 18.50 11.76
CA THR A 561 15.78 18.69 11.56
C THR A 561 16.50 17.41 11.13
N ASP A 562 16.05 16.25 11.60
CA ASP A 562 16.77 15.00 11.34
C ASP A 562 16.13 14.12 10.27
N SER A 563 14.88 14.37 9.87
CA SER A 563 14.25 13.57 8.83
C SER A 563 13.08 14.33 8.22
N LEU A 564 12.64 13.87 7.05
CA LEU A 564 11.37 14.33 6.50
C LEU A 564 10.62 13.15 5.87
N PHE A 565 9.30 13.17 6.01
CA PHE A 565 8.44 12.11 5.49
C PHE A 565 7.88 12.56 4.15
N VAL A 566 7.96 11.69 3.15
CA VAL A 566 7.48 12.01 1.81
C VAL A 566 6.64 10.85 1.27
N LYS A 567 5.79 11.17 0.31
CA LYS A 567 4.96 10.16 -0.33
C LYS A 567 5.80 9.31 -1.29
N LYS A 568 5.54 8.01 -1.29
CA LYS A 568 6.33 7.08 -2.09
C LYS A 568 6.03 7.27 -3.57
N SER A 569 7.08 7.54 -4.35
CA SER A 569 6.95 7.67 -5.80
C SER A 569 8.28 7.29 -6.44
N GLY A 570 8.28 7.23 -7.77
CA GLY A 570 9.53 7.09 -8.49
C GLY A 570 10.42 8.31 -8.40
N ALA A 571 9.82 9.48 -8.17
CA ALA A 571 10.57 10.73 -8.14
C ALA A 571 11.52 10.84 -6.95
N VAL A 572 11.35 10.02 -5.91
CA VAL A 572 12.19 10.14 -4.72
C VAL A 572 13.66 9.92 -5.08
N ASP A 573 13.92 9.01 -6.03
CA ASP A 573 15.29 8.70 -6.41
C ASP A 573 16.02 9.93 -6.93
N ARG A 574 15.29 10.84 -7.58
CA ARG A 574 15.89 12.09 -8.05
C ARG A 574 16.09 13.08 -6.91
N LEU A 575 15.18 13.08 -5.93
CA LEU A 575 15.36 13.92 -4.75
C LEU A 575 16.57 13.48 -3.95
N VAL A 576 16.77 12.17 -3.79
CA VAL A 576 17.92 11.67 -3.05
C VAL A 576 19.21 11.96 -3.81
N LYS A 577 19.21 11.69 -5.12
CA LYS A 577 20.39 11.98 -5.93
C LYS A 577 20.67 13.49 -6.00
N TYR A 578 19.62 14.32 -5.86
CA TYR A 578 19.81 15.76 -5.80
C TYR A 578 20.61 16.16 -4.56
N VAL A 579 20.22 15.65 -3.39
CA VAL A 579 20.87 16.04 -2.14
C VAL A 579 22.33 15.60 -2.13
N GLU A 580 22.65 14.48 -2.76
CA GLU A 580 24.04 14.06 -2.87
C GLU A 580 24.83 15.02 -3.77
N GLU A 581 24.32 15.29 -4.98
CA GLU A 581 25.05 16.14 -5.91
C GLU A 581 25.08 17.60 -5.43
N ARG A 582 23.95 18.09 -4.91
CA ARG A 582 23.86 19.49 -4.50
C ARG A 582 24.54 19.74 -3.15
N HIS A 583 24.27 18.89 -2.16
CA HIS A 583 24.73 19.14 -0.81
C HIS A 583 25.82 18.19 -0.32
N GLY A 584 26.15 17.16 -1.09
CA GLY A 584 27.16 16.22 -0.66
C GLY A 584 26.77 15.40 0.54
N ILE A 585 25.48 15.14 0.72
CA ILE A 585 24.95 14.41 1.87
C ILE A 585 24.34 13.11 1.38
N GLU A 586 24.70 12.00 2.01
CA GLU A 586 24.11 10.70 1.68
C GLU A 586 22.78 10.53 2.40
N ILE A 587 21.70 10.38 1.64
CA ILE A 587 20.37 10.19 2.19
C ILE A 587 19.94 8.75 1.91
N LYS A 588 19.26 8.14 2.87
CA LYS A 588 18.79 6.76 2.73
C LYS A 588 17.38 6.65 3.29
N VAL A 589 16.58 5.79 2.66
CA VAL A 589 15.23 5.55 3.11
C VAL A 589 15.28 4.78 4.43
N ASP A 590 14.81 5.42 5.50
CA ASP A 590 14.83 4.79 6.81
C ASP A 590 13.68 3.81 6.98
N LYS A 591 12.46 4.22 6.65
CA LYS A 591 11.29 3.38 6.81
C LYS A 591 10.40 3.48 5.57
N ASP A 592 9.82 2.36 5.18
CA ASP A 592 8.82 2.31 4.10
C ASP A 592 7.50 1.88 4.74
N TYR A 593 6.64 2.85 5.02
CA TYR A 593 5.37 2.59 5.68
C TYR A 593 4.26 2.39 4.65
N GLU A 594 3.44 1.35 4.86
CA GLU A 594 2.24 1.18 4.05
C GLU A 594 1.22 2.25 4.39
N ARG A 595 1.10 2.61 5.67
CA ARG A 595 0.19 3.65 6.11
C ARG A 595 0.73 4.28 7.39
N VAL A 596 0.40 5.55 7.60
CA VAL A 596 0.90 6.32 8.73
C VAL A 596 -0.25 7.14 9.30
N LEU A 597 -0.28 7.26 10.63
CA LEU A 597 -1.31 8.01 11.34
C LEU A 597 -0.66 9.04 12.24
N PHE A 598 -0.80 10.31 11.88
CA PHE A 598 -0.40 11.41 12.76
C PHE A 598 -1.58 11.82 13.62
N THR A 599 -1.43 11.71 14.94
CA THR A 599 -2.50 12.08 15.86
C THR A 599 -2.45 13.56 16.22
N GLU A 600 -1.26 14.13 16.33
CA GLU A 600 -1.08 15.53 16.67
C GLU A 600 -0.11 16.17 15.68
N ALA A 601 0.07 17.48 15.82
CA ALA A 601 0.96 18.22 14.92
C ALA A 601 2.40 18.19 15.38
N LYS A 602 2.87 17.02 15.83
CA LYS A 602 4.25 16.82 16.25
C LYS A 602 4.76 15.53 15.64
N LYS A 603 5.89 15.02 16.12
CA LYS A 603 6.34 13.67 15.72
C LYS A 603 5.73 12.62 16.66
N ARG A 604 4.40 12.57 16.62
CA ARG A 604 3.62 11.58 17.35
C ARG A 604 2.82 10.82 16.30
N TYR A 605 3.24 9.59 16.00
CA TYR A 605 2.61 8.85 14.91
C TYR A 605 2.78 7.36 15.14
N ALA A 606 1.94 6.60 14.45
CA ALA A 606 2.08 5.16 14.30
C ALA A 606 2.23 4.83 12.83
N GLY A 607 2.97 3.77 12.54
CA GLY A 607 3.24 3.41 11.16
C GLY A 607 3.22 1.92 10.90
N LEU A 608 2.69 1.52 9.75
CA LEU A 608 2.54 0.13 9.38
C LEU A 608 3.59 -0.21 8.33
N LEU A 609 4.53 -1.08 8.69
CA LEU A 609 5.58 -1.49 7.79
C LEU A 609 5.06 -2.54 6.80
N ARG A 610 5.81 -2.71 5.70
CA ARG A 610 5.40 -3.65 4.66
C ARG A 610 5.29 -5.07 5.18
N ASP A 611 6.14 -5.44 6.14
CA ASP A 611 6.09 -6.79 6.71
C ASP A 611 4.98 -6.97 7.74
N GLY A 612 4.21 -5.92 8.03
CA GLY A 612 3.09 -6.00 8.94
C GLY A 612 3.36 -5.47 10.34
N ARG A 613 4.62 -5.21 10.69
CA ARG A 613 4.93 -4.69 12.01
C ARG A 613 4.50 -3.24 12.14
N ILE A 614 3.80 -2.94 13.23
CA ILE A 614 3.49 -1.56 13.61
C ILE A 614 4.58 -1.07 14.55
N ASP A 615 5.00 0.18 14.38
CA ASP A 615 5.83 0.85 15.37
C ASP A 615 5.25 2.21 15.69
N ILE A 616 5.46 2.64 16.94
CA ILE A 616 4.77 3.79 17.50
C ILE A 616 5.81 4.75 18.07
N VAL A 617 5.74 6.01 17.68
CA VAL A 617 6.71 7.03 18.06
C VAL A 617 5.98 8.14 18.79
N GLY A 618 6.52 8.55 19.93
CA GLY A 618 5.87 9.52 20.78
C GLY A 618 5.00 8.88 21.84
N PHE A 619 4.72 9.66 22.89
CA PHE A 619 4.01 9.16 24.06
C PHE A 619 2.53 8.95 23.75
N ASP A 625 -1.30 5.63 33.68
CA ASP A 625 -1.81 4.83 34.79
C ASP A 625 -3.06 4.07 34.37
N TRP A 626 -3.00 3.46 33.19
CA TRP A 626 -4.11 2.67 32.70
C TRP A 626 -4.01 1.22 33.18
N CYS A 627 -5.09 0.48 32.98
CA CYS A 627 -5.08 -0.96 33.11
C CYS A 627 -4.60 -1.59 31.81
N GLU A 628 -4.32 -2.90 31.88
CA GLU A 628 -3.79 -3.60 30.71
C GLU A 628 -4.84 -3.83 29.64
N LEU A 629 -6.13 -3.72 29.98
CA LEU A 629 -7.16 -3.76 28.96
C LEU A 629 -7.17 -2.47 28.15
N ALA A 630 -6.99 -1.32 28.82
CA ALA A 630 -6.89 -0.06 28.10
C ALA A 630 -5.70 -0.04 27.15
N LYS A 631 -4.59 -0.67 27.56
CA LYS A 631 -3.44 -0.78 26.67
C LYS A 631 -3.76 -1.66 25.47
N GLU A 632 -4.46 -2.77 25.69
CA GLU A 632 -4.87 -3.64 24.59
C GLU A 632 -5.76 -2.90 23.60
N VAL A 633 -6.70 -2.10 24.10
CA VAL A 633 -7.61 -1.37 23.21
C VAL A 633 -6.96 -0.10 22.65
N GLN A 634 -5.86 0.38 23.22
CA GLN A 634 -5.13 1.45 22.55
C GLN A 634 -4.41 0.91 21.32
N LEU A 635 -3.75 -0.24 21.45
CA LEU A 635 -3.45 -1.07 20.29
C LEU A 635 -4.77 -1.55 19.70
N ASN A 636 -4.73 -2.41 18.68
CA ASN A 636 -5.94 -2.83 17.98
C ASN A 636 -6.59 -1.63 17.29
N VAL A 637 -7.02 -0.63 18.07
CA VAL A 637 -7.53 0.61 17.50
C VAL A 637 -6.52 1.21 16.54
N VAL A 638 -5.27 1.36 17.00
CA VAL A 638 -4.20 1.80 16.10
C VAL A 638 -4.06 0.83 14.93
N GLU A 639 -4.07 -0.47 15.22
CA GLU A 639 -3.93 -1.47 14.16
C GLU A 639 -5.14 -1.51 13.24
N LEU A 640 -6.33 -1.21 13.75
CA LEU A 640 -7.50 -1.15 12.89
C LEU A 640 -7.45 0.06 11.97
N ILE A 641 -7.02 1.20 12.50
CA ILE A 641 -6.95 2.42 11.69
C ILE A 641 -5.86 2.29 10.62
N LEU A 642 -4.71 1.71 10.99
CA LEU A 642 -3.61 1.60 10.05
C LEU A 642 -3.88 0.60 8.94
N LYS A 643 -4.75 -0.38 9.17
CA LYS A 643 -5.06 -1.39 8.17
C LYS A 643 -6.33 -1.06 7.38
N SER A 644 -7.02 0.03 7.71
CA SER A 644 -8.18 0.46 6.96
C SER A 644 -7.77 1.41 5.85
N LYS A 645 -8.30 1.17 4.65
CA LYS A 645 -8.23 2.16 3.57
C LYS A 645 -9.33 3.20 3.78
N SER A 646 -8.97 4.49 3.68
CA SER A 646 -9.88 5.62 3.80
C SER A 646 -10.27 5.86 5.26
N VAL A 647 -10.63 7.10 5.58
CA VAL A 647 -10.94 7.48 6.95
C VAL A 647 -12.31 6.96 7.38
N GLY A 648 -13.28 6.96 6.45
CA GLY A 648 -14.62 6.48 6.79
C GLY A 648 -14.62 5.04 7.29
N GLU A 649 -13.86 4.19 6.62
CA GLU A 649 -13.70 2.81 7.09
C GLU A 649 -13.11 2.75 8.50
N ALA A 650 -12.23 3.70 8.83
CA ALA A 650 -11.52 3.65 10.11
C ALA A 650 -12.46 3.78 11.30
N ARG A 651 -13.45 4.68 11.23
CA ARG A 651 -14.38 4.81 12.35
C ARG A 651 -15.20 3.55 12.55
N GLU A 652 -15.93 3.15 11.50
CA GLU A 652 -16.82 2.00 11.60
C GLU A 652 -16.09 0.77 12.10
N ARG A 653 -14.82 0.61 11.75
CA ARG A 653 -14.00 -0.46 12.33
C ARG A 653 -13.74 -0.19 13.81
N VAL A 654 -13.33 1.03 14.15
CA VAL A 654 -12.98 1.36 15.52
C VAL A 654 -14.22 1.31 16.42
N VAL A 655 -15.32 1.95 16.00
CA VAL A 655 -16.48 2.04 16.86
C VAL A 655 -17.12 0.68 17.07
N LYS A 656 -17.05 -0.20 16.07
CA LYS A 656 -17.56 -1.56 16.26
C LYS A 656 -16.71 -2.31 17.27
N TYR A 657 -15.39 -2.16 17.20
CA TYR A 657 -14.50 -2.83 18.15
C TYR A 657 -14.70 -2.27 19.56
N VAL A 658 -14.73 -0.94 19.69
CA VAL A 658 -14.90 -0.32 21.00
C VAL A 658 -16.26 -0.66 21.59
N ARG A 659 -17.27 -0.90 20.75
CA ARG A 659 -18.56 -1.32 21.25
C ARG A 659 -18.56 -2.80 21.63
N GLU A 660 -17.94 -3.66 20.81
CA GLU A 660 -17.92 -5.09 21.10
C GLU A 660 -17.18 -5.39 22.39
N VAL A 661 -16.09 -4.67 22.67
CA VAL A 661 -15.39 -4.88 23.94
C VAL A 661 -16.28 -4.49 25.10
N VAL A 662 -17.02 -3.38 24.98
CA VAL A 662 -17.95 -2.98 26.03
C VAL A 662 -19.07 -4.01 26.15
N GLU A 663 -19.48 -4.60 25.03
CA GLU A 663 -20.54 -5.59 25.04
C GLU A 663 -20.13 -6.83 25.84
N ARG A 664 -18.95 -7.40 25.54
CA ARG A 664 -18.48 -8.52 26.35
C ARG A 664 -18.12 -8.10 27.76
N LEU A 665 -17.79 -6.83 27.97
CA LEU A 665 -17.41 -6.36 29.29
C LEU A 665 -18.63 -6.26 30.19
N LYS A 666 -19.74 -5.77 29.66
CA LYS A 666 -20.99 -5.75 30.41
C LYS A 666 -21.63 -7.12 30.51
N ALA A 667 -21.26 -8.06 29.65
CA ALA A 667 -21.74 -9.43 29.72
C ALA A 667 -20.94 -10.28 30.69
N TYR A 668 -19.94 -9.69 31.36
CA TYR A 668 -19.13 -10.37 32.37
C TYR A 668 -18.42 -11.59 31.78
N LYS A 669 -17.58 -11.34 30.77
CA LYS A 669 -16.74 -12.38 30.18
C LYS A 669 -15.27 -11.95 30.17
N PHE A 670 -14.91 -10.98 30.98
CA PHE A 670 -13.53 -10.53 31.02
C PHE A 670 -12.66 -11.48 31.81
N ASP A 671 -11.36 -11.45 31.52
CA ASP A 671 -10.36 -12.02 32.41
C ASP A 671 -9.96 -10.94 33.39
N LEU A 672 -9.88 -11.29 34.67
CA LEU A 672 -9.66 -10.28 35.70
C LEU A 672 -8.29 -9.63 35.56
N ASP A 673 -7.28 -10.38 35.13
CA ASP A 673 -5.93 -9.85 34.99
C ASP A 673 -5.92 -8.57 34.15
N ASP A 674 -6.77 -8.50 33.12
CA ASP A 674 -6.79 -7.33 32.25
C ASP A 674 -7.34 -6.09 32.94
N LEU A 675 -8.00 -6.24 34.10
CA LEU A 675 -8.59 -5.11 34.79
C LEU A 675 -7.69 -4.51 35.86
N ILE A 676 -6.56 -5.14 36.20
CA ILE A 676 -5.68 -4.63 37.24
C ILE A 676 -4.97 -3.37 36.75
N ILE A 677 -4.87 -2.37 37.65
CA ILE A 677 -4.19 -1.12 37.38
C ILE A 677 -2.96 -1.05 38.27
N TRP A 678 -1.78 -0.95 37.67
CA TRP A 678 -0.52 -0.94 38.42
C TRP A 678 -0.09 0.47 38.79
N LYS A 679 0.53 0.58 39.96
CA LYS A 679 1.30 1.76 40.34
C LYS A 679 2.40 1.30 41.27
N THR A 680 3.61 1.85 41.10
CA THR A 680 4.81 1.23 41.66
C THR A 680 5.22 1.76 43.03
N LEU A 681 4.68 2.89 43.48
CA LEU A 681 5.04 3.45 44.79
C LEU A 681 6.53 3.69 44.91
N ASP A 682 7.02 4.84 44.41
CA ASP A 682 8.46 5.07 44.42
C ASP A 682 8.96 5.57 45.77
N LYS A 683 8.17 6.41 46.44
CA LYS A 683 8.60 7.04 47.69
C LYS A 683 7.71 6.67 48.87
N GLU A 684 7.68 7.54 49.89
CA GLU A 684 6.94 7.27 51.11
C GLU A 684 5.44 7.41 50.92
N LEU A 685 4.70 6.65 51.73
CA LEU A 685 3.26 6.83 51.86
C LEU A 685 2.95 8.03 52.74
N ASP A 686 1.92 8.80 52.37
CA ASP A 686 1.50 10.00 53.09
C ASP A 686 2.52 11.12 53.01
N GLU A 687 3.55 11.00 52.18
CA GLU A 687 4.43 12.14 51.98
C GLU A 687 3.83 13.15 51.01
N TYR A 688 3.18 12.69 49.94
CA TYR A 688 2.58 13.59 48.98
C TYR A 688 1.06 13.48 49.00
N LYS A 689 0.55 13.00 50.14
CA LYS A 689 -0.86 12.87 50.49
C LYS A 689 -1.79 12.97 49.28
N ALA A 690 -1.91 11.87 48.51
CA ALA A 690 -2.53 11.89 47.19
C ALA A 690 -4.05 11.72 47.21
N TYR A 691 -4.58 10.86 48.08
CA TYR A 691 -6.02 10.65 48.30
C TYR A 691 -6.69 9.80 47.23
N GLY A 692 -5.92 9.28 46.27
CA GLY A 692 -6.48 8.62 45.11
C GLY A 692 -6.72 7.15 45.41
N PRO A 693 -7.10 6.39 44.38
CA PRO A 693 -7.26 4.94 44.59
C PRO A 693 -5.94 4.26 44.83
N HIS A 694 -4.85 4.88 44.38
CA HIS A 694 -3.52 4.34 44.60
C HIS A 694 -3.20 4.20 46.08
N VAL A 695 -3.60 5.18 46.88
CA VAL A 695 -3.34 5.14 48.31
C VAL A 695 -4.42 4.33 49.06
N HIS A 696 -5.67 4.39 48.59
CA HIS A 696 -6.75 3.70 49.29
C HIS A 696 -6.62 2.18 49.15
N ALA A 697 -6.25 1.71 47.96
CA ALA A 697 -5.94 0.29 47.79
C ALA A 697 -4.75 -0.11 48.65
N ALA A 698 -3.78 0.80 48.79
CA ALA A 698 -2.64 0.64 49.68
C ALA A 698 -2.98 0.99 51.12
N LEU A 699 -4.27 0.99 51.46
CA LEU A 699 -4.76 1.11 52.83
C LEU A 699 -5.53 -0.11 53.29
N GLU A 700 -6.31 -0.73 52.39
CA GLU A 700 -7.01 -1.97 52.69
C GLU A 700 -6.07 -3.15 52.89
N LEU A 701 -4.78 -2.96 52.68
CA LEU A 701 -3.78 -3.98 52.96
C LEU A 701 -3.27 -3.93 54.41
N LYS A 702 -3.95 -3.23 55.31
CA LYS A 702 -3.57 -3.22 56.71
C LYS A 702 -4.38 -4.16 57.59
N ARG A 703 -5.60 -4.50 57.22
CA ARG A 703 -6.17 -5.70 57.80
C ARG A 703 -5.41 -6.91 57.26
N ARG A 704 -4.81 -7.69 58.16
CA ARG A 704 -4.08 -8.91 57.83
C ARG A 704 -2.81 -8.62 57.02
N GLY A 705 -2.86 -7.71 56.03
CA GLY A 705 -1.68 -7.45 55.23
C GLY A 705 -0.61 -6.72 56.01
N TYR A 706 0.63 -6.80 55.52
CA TYR A 706 1.77 -6.34 56.30
C TYR A 706 2.60 -5.25 55.65
N LYS A 707 2.26 -4.78 54.46
CA LYS A 707 3.21 -4.01 53.65
C LYS A 707 2.74 -2.58 53.41
N VAL A 708 3.70 -1.66 53.38
CA VAL A 708 3.48 -0.24 53.09
C VAL A 708 4.74 0.28 52.39
N GLY A 709 5.86 -0.40 52.61
CA GLY A 709 7.20 0.09 52.31
C GLY A 709 7.56 0.43 50.88
N LYS A 710 8.81 0.87 50.73
CA LYS A 710 9.29 1.43 49.48
C LYS A 710 9.54 0.35 48.44
N GLY A 711 9.26 0.66 47.19
CA GLY A 711 9.40 -0.31 46.13
C GLY A 711 8.42 -1.45 46.22
N THR A 712 7.14 -1.17 45.98
CA THR A 712 6.10 -2.20 46.06
C THR A 712 4.95 -1.78 45.17
N THR A 713 4.65 -2.59 44.16
CA THR A 713 3.56 -2.33 43.24
C THR A 713 2.26 -2.88 43.83
N VAL A 714 1.19 -2.10 43.71
CA VAL A 714 -0.04 -2.42 44.43
C VAL A 714 -0.99 -3.28 43.61
N GLY A 715 -1.43 -2.78 42.45
CA GLY A 715 -2.36 -3.52 41.63
C GLY A 715 -3.76 -3.54 42.20
N TYR A 716 -4.64 -2.67 41.71
CA TYR A 716 -5.98 -2.54 42.28
C TYR A 716 -7.04 -2.62 41.18
N VAL A 717 -8.25 -3.01 41.60
CA VAL A 717 -9.41 -3.08 40.73
C VAL A 717 -10.57 -2.35 41.42
N ILE A 718 -11.29 -1.55 40.64
CA ILE A 718 -12.46 -0.84 41.15
C ILE A 718 -13.65 -1.79 41.18
N VAL A 719 -14.37 -1.80 42.31
CA VAL A 719 -15.47 -2.72 42.55
C VAL A 719 -16.70 -1.91 42.93
N ARG A 720 -17.88 -2.47 42.66
CA ARG A 720 -19.12 -1.76 42.95
C ARG A 720 -19.28 -1.51 44.45
N GLY A 721 -19.95 -0.42 44.77
CA GLY A 721 -20.24 -0.09 46.15
C GLY A 721 -20.39 1.40 46.36
N PRO A 722 -20.97 1.77 47.51
CA PRO A 722 -21.15 3.20 47.84
C PRO A 722 -19.85 3.80 48.35
N GLY A 723 -19.37 4.85 47.70
CA GLY A 723 -18.16 5.51 48.18
C GLY A 723 -17.80 6.72 47.33
N LYS A 724 -16.74 7.42 47.79
CA LYS A 724 -16.16 8.62 47.20
C LYS A 724 -15.50 8.29 45.88
N VAL A 725 -15.18 9.34 45.13
CA VAL A 725 -14.57 9.14 43.83
C VAL A 725 -13.25 8.41 44.01
N SER A 726 -13.00 7.39 43.19
CA SER A 726 -11.75 6.62 43.21
C SER A 726 -11.57 5.76 44.47
N GLU A 727 -12.46 5.88 45.45
CA GLU A 727 -12.24 5.19 46.74
C GLU A 727 -12.91 3.82 46.83
N ARG A 728 -12.93 3.08 45.72
CA ARG A 728 -13.47 1.73 45.68
C ARG A 728 -12.47 0.77 45.06
N ALA A 729 -11.18 1.06 45.24
CA ALA A 729 -10.09 0.29 44.63
C ALA A 729 -9.72 -0.88 45.55
N MET A 730 -10.25 -2.05 45.25
CA MET A 730 -9.93 -3.28 45.96
C MET A 730 -8.70 -3.94 45.33
N PRO A 731 -7.75 -4.42 46.13
CA PRO A 731 -6.64 -5.20 45.56
C PRO A 731 -7.15 -6.48 44.92
N TYR A 732 -6.43 -6.94 43.90
CA TYR A 732 -6.92 -8.00 43.03
C TYR A 732 -6.95 -9.38 43.68
N ILE A 733 -6.35 -9.54 44.87
CA ILE A 733 -6.40 -10.84 45.55
C ILE A 733 -7.61 -10.95 46.47
N PHE A 734 -8.33 -9.86 46.70
CA PHE A 734 -9.43 -9.86 47.65
C PHE A 734 -10.80 -9.93 46.98
N VAL A 735 -10.86 -10.05 45.66
CA VAL A 735 -12.10 -10.37 44.98
C VAL A 735 -12.23 -11.88 45.05
N ASP A 736 -12.94 -12.37 46.05
CA ASP A 736 -13.03 -13.80 46.35
C ASP A 736 -13.95 -14.50 45.36
N ASP A 737 -13.39 -14.84 44.19
CA ASP A 737 -14.11 -15.57 43.14
C ASP A 737 -15.49 -14.98 42.88
N ALA A 738 -15.58 -13.65 42.91
CA ALA A 738 -16.88 -13.00 42.76
C ALA A 738 -17.13 -12.57 41.31
N SER A 739 -16.20 -11.83 40.74
CA SER A 739 -16.32 -11.28 39.39
C SER A 739 -17.51 -10.34 39.28
N LYS A 740 -17.72 -9.53 40.32
CA LYS A 740 -18.66 -8.40 40.28
C LYS A 740 -17.85 -7.11 40.36
N VAL A 741 -17.57 -6.55 39.19
CA VAL A 741 -16.66 -5.42 39.02
C VAL A 741 -17.43 -4.21 38.50
N ASP A 742 -17.07 -3.02 38.99
CA ASP A 742 -17.73 -1.79 38.54
C ASP A 742 -17.41 -1.56 37.07
N VAL A 743 -18.21 -2.19 36.20
CA VAL A 743 -17.99 -2.08 34.76
C VAL A 743 -18.17 -0.64 34.30
N ASP A 744 -19.09 0.11 34.92
CA ASP A 744 -19.33 1.50 34.51
C ASP A 744 -18.06 2.33 34.64
N TYR A 745 -17.16 1.99 35.56
CA TYR A 745 -15.88 2.67 35.65
C TYR A 745 -15.01 2.36 34.43
N TYR A 746 -14.85 1.08 34.10
CA TYR A 746 -13.90 0.68 33.07
C TYR A 746 -14.35 1.03 31.66
N ILE A 747 -15.65 1.22 31.42
CA ILE A 747 -16.10 1.69 30.12
C ILE A 747 -15.96 3.19 30.00
N GLU A 748 -16.29 3.93 31.06
CA GLU A 748 -16.47 5.37 30.91
C GLU A 748 -15.16 6.15 30.94
N LYS A 749 -14.23 5.83 31.85
CA LYS A 749 -13.09 6.73 32.02
C LYS A 749 -11.76 6.18 31.51
N GLN A 750 -11.74 5.01 30.84
CA GLN A 750 -10.51 4.59 30.18
C GLN A 750 -10.70 3.85 28.85
N VAL A 751 -11.57 2.84 28.78
CA VAL A 751 -11.66 2.09 27.52
C VAL A 751 -12.10 3.01 26.40
N ILE A 752 -13.02 3.92 26.66
CA ILE A 752 -13.39 4.93 25.68
C ILE A 752 -12.26 5.95 25.55
N PRO A 753 -11.76 6.57 26.63
CA PRO A 753 -10.65 7.54 26.48
C PRO A 753 -9.40 6.96 25.84
N ALA A 754 -9.09 5.68 26.05
CA ALA A 754 -7.94 5.10 25.37
C ALA A 754 -8.14 5.07 23.87
N ALA A 755 -9.34 4.68 23.43
CA ALA A 755 -9.67 4.78 22.01
C ALA A 755 -9.78 6.23 21.58
N LEU A 756 -10.23 7.12 22.47
CA LEU A 756 -10.31 8.54 22.15
C LEU A 756 -8.96 9.23 22.14
N ARG A 757 -7.90 8.60 22.64
CA ARG A 757 -6.60 9.20 22.41
C ARG A 757 -6.17 9.09 20.95
N ILE A 758 -6.85 8.26 20.17
CA ILE A 758 -6.75 8.32 18.72
C ILE A 758 -8.13 8.67 18.21
N ALA A 759 -8.54 9.93 18.45
CA ALA A 759 -9.86 10.38 18.03
C ALA A 759 -9.72 11.57 17.08
N GLU A 760 -8.90 11.40 16.05
CA GLU A 760 -8.70 12.46 15.07
C GLU A 760 -9.84 12.54 14.06
N VAL A 761 -11.00 11.99 14.41
CA VAL A 761 -12.15 11.92 13.50
C VAL A 761 -13.47 11.58 14.22
N LEU A 762 -13.41 11.01 15.42
CA LEU A 762 -14.61 10.46 16.05
C LEU A 762 -14.74 10.86 17.51
N GLY A 763 -15.99 11.06 17.94
CA GLY A 763 -16.31 11.50 19.29
C GLY A 763 -16.87 10.38 20.16
N VAL A 764 -17.36 10.66 21.35
CA VAL A 764 -17.90 9.60 22.18
C VAL A 764 -19.16 9.01 21.59
N LYS A 765 -19.06 7.79 21.08
CA LYS A 765 -20.19 7.16 20.46
C LYS A 765 -20.60 5.83 21.06
N GLU A 766 -21.92 5.66 21.20
CA GLU A 766 -22.57 4.34 21.25
C GLU A 766 -23.70 4.15 20.24
N MET B 1 -50.43 15.33 -27.32
CA MET B 1 -49.52 15.01 -26.23
C MET B 1 -48.10 14.74 -26.73
N ARG B 2 -47.13 14.89 -25.83
CA ARG B 2 -45.75 14.52 -26.10
C ARG B 2 -45.34 13.43 -25.11
N PHE B 3 -44.57 12.44 -25.59
CA PHE B 3 -44.57 11.13 -24.95
C PHE B 3 -43.21 10.67 -24.43
N TRP B 4 -42.15 10.72 -25.25
CA TRP B 4 -40.79 10.31 -24.87
C TRP B 4 -40.76 8.84 -24.44
N PRO B 5 -40.46 7.91 -25.35
CA PRO B 5 -40.57 6.47 -25.04
C PRO B 5 -39.36 5.93 -24.29
N LEU B 6 -39.64 5.13 -23.24
CA LEU B 6 -38.62 4.37 -22.52
C LEU B 6 -38.49 2.93 -23.03
N ASP B 7 -39.59 2.19 -23.08
CA ASP B 7 -39.57 0.77 -23.39
C ASP B 7 -40.77 0.43 -24.27
N ALA B 8 -40.62 -0.61 -25.09
CA ALA B 8 -41.66 -1.07 -25.99
C ALA B 8 -41.79 -2.58 -25.93
N THR B 9 -43.03 -3.07 -25.94
CA THR B 9 -43.33 -4.49 -25.93
C THR B 9 -44.49 -4.75 -26.89
N TYR B 10 -44.91 -6.01 -26.99
CA TYR B 10 -46.13 -6.34 -27.73
C TYR B 10 -46.67 -7.67 -27.24
N SER B 11 -48.00 -7.80 -27.29
CA SER B 11 -48.71 -9.03 -27.02
C SER B 11 -49.53 -9.43 -28.25
N VAL B 12 -50.13 -10.60 -28.17
CA VAL B 12 -51.03 -11.10 -29.22
C VAL B 12 -52.38 -11.33 -28.54
N VAL B 13 -53.19 -10.27 -28.49
CA VAL B 13 -54.48 -10.31 -27.82
C VAL B 13 -55.50 -11.02 -28.70
N GLY B 14 -55.59 -12.34 -28.57
CA GLY B 14 -56.53 -13.14 -29.33
C GLY B 14 -56.38 -13.02 -30.83
N GLY B 15 -55.21 -13.37 -31.35
CA GLY B 15 -55.00 -13.41 -32.79
C GLY B 15 -54.78 -12.07 -33.45
N VAL B 16 -54.63 -10.99 -32.68
CA VAL B 16 -54.34 -9.67 -33.22
C VAL B 16 -53.20 -9.05 -32.42
N PRO B 17 -52.08 -8.70 -33.04
CA PRO B 17 -50.93 -8.19 -32.28
C PRO B 17 -51.12 -6.75 -31.86
N GLU B 18 -50.69 -6.43 -30.64
CA GLU B 18 -50.90 -5.13 -30.02
C GLU B 18 -49.56 -4.60 -29.51
N VAL B 19 -49.16 -3.43 -29.99
CA VAL B 19 -47.88 -2.82 -29.62
C VAL B 19 -48.10 -1.91 -28.42
N ARG B 20 -47.25 -2.03 -27.41
CA ARG B 20 -47.26 -1.17 -26.25
C ARG B 20 -45.96 -0.38 -26.18
N VAL B 21 -46.08 0.91 -25.83
CA VAL B 21 -44.93 1.79 -25.67
C VAL B 21 -45.07 2.52 -24.34
N PHE B 22 -44.08 2.35 -23.47
CA PHE B 22 -44.08 2.97 -22.15
C PHE B 22 -43.19 4.22 -22.17
N GLY B 23 -43.67 5.28 -21.54
CA GLY B 23 -42.94 6.53 -21.58
C GLY B 23 -43.43 7.52 -20.56
N VAL B 24 -43.03 8.78 -20.76
CA VAL B 24 -43.26 9.86 -19.78
C VAL B 24 -43.90 11.04 -20.51
N ASP B 25 -45.19 11.26 -20.27
CA ASP B 25 -45.94 12.27 -21.00
C ASP B 25 -45.43 13.68 -20.68
N GLY B 26 -46.02 14.66 -21.36
CA GLY B 26 -45.62 16.05 -21.18
C GLY B 26 -45.83 16.59 -19.79
N GLU B 27 -46.73 16.00 -19.01
CA GLU B 27 -46.98 16.42 -17.64
C GLU B 27 -46.18 15.62 -16.63
N GLY B 28 -45.24 14.80 -17.08
CA GLY B 28 -44.29 14.16 -16.18
C GLY B 28 -44.81 12.99 -15.40
N ARG B 29 -45.69 12.18 -15.99
CA ARG B 29 -46.18 10.97 -15.34
C ARG B 29 -46.09 9.80 -16.32
N ARG B 30 -45.86 8.61 -15.77
CA ARG B 30 -45.56 7.44 -16.58
C ARG B 30 -46.84 6.84 -17.13
N VAL B 31 -46.92 6.73 -18.45
CA VAL B 31 -48.11 6.24 -19.15
C VAL B 31 -47.68 5.19 -20.16
N VAL B 32 -48.67 4.56 -20.78
CA VAL B 32 -48.44 3.51 -21.78
C VAL B 32 -49.39 3.75 -22.96
N LEU B 33 -48.84 3.74 -24.17
CA LEU B 33 -49.59 3.93 -25.40
C LEU B 33 -49.69 2.60 -26.15
N VAL B 34 -50.86 2.33 -26.74
CA VAL B 34 -51.12 1.07 -27.41
C VAL B 34 -51.67 1.33 -28.81
N ASP B 35 -51.33 0.44 -29.74
CA ASP B 35 -51.82 0.48 -31.11
C ASP B 35 -52.11 -0.94 -31.55
N ARG B 36 -53.37 -1.22 -31.91
CA ARG B 36 -53.77 -2.54 -32.36
C ARG B 36 -53.89 -2.68 -33.88
N ARG B 37 -53.83 -1.57 -34.62
CA ARG B 37 -54.12 -1.62 -36.05
C ARG B 37 -52.92 -2.01 -36.90
N PHE B 38 -51.70 -1.88 -36.38
CA PHE B 38 -50.53 -2.26 -37.15
C PHE B 38 -50.44 -3.77 -37.28
N ARG B 39 -49.83 -4.22 -38.37
CA ARG B 39 -49.71 -5.65 -38.68
C ARG B 39 -48.36 -5.91 -39.34
N PRO B 40 -47.75 -7.06 -39.07
CA PRO B 40 -46.44 -7.37 -39.66
C PRO B 40 -46.56 -7.71 -41.15
N TYR B 41 -45.43 -7.57 -41.85
CA TYR B 41 -45.40 -7.77 -43.29
C TYR B 41 -43.97 -8.02 -43.75
N PHE B 42 -43.84 -8.49 -44.98
CA PHE B 42 -42.55 -8.52 -45.67
C PHE B 42 -42.78 -8.41 -47.17
N TYR B 43 -41.71 -8.13 -47.90
CA TYR B 43 -41.76 -7.91 -49.34
C TYR B 43 -41.32 -9.16 -50.10
N ALA B 44 -41.84 -9.30 -51.32
CA ALA B 44 -41.49 -10.40 -52.21
C ALA B 44 -41.26 -9.85 -53.61
N LYS B 45 -40.08 -10.10 -54.19
CA LYS B 45 -39.74 -9.57 -55.50
C LYS B 45 -40.35 -10.42 -56.60
N CYS B 46 -41.27 -9.86 -57.35
CA CYS B 46 -42.01 -10.60 -58.37
C CYS B 46 -41.39 -10.41 -59.75
N ASP B 47 -41.28 -11.50 -60.51
CA ASP B 47 -41.02 -11.38 -61.94
C ASP B 47 -42.30 -11.19 -62.73
N LYS B 48 -43.35 -11.90 -62.33
CA LYS B 48 -44.73 -11.64 -62.74
C LYS B 48 -45.53 -11.35 -61.49
N CYS B 49 -46.40 -10.34 -61.58
CA CYS B 49 -47.10 -9.79 -60.41
C CYS B 49 -48.53 -10.31 -60.40
N ASP B 50 -48.81 -11.26 -59.50
CA ASP B 50 -50.18 -11.74 -59.28
C ASP B 50 -50.38 -11.87 -57.77
N ALA B 51 -51.02 -10.86 -57.18
CA ALA B 51 -51.23 -10.86 -55.73
C ALA B 51 -52.29 -11.90 -55.33
N SER B 52 -53.35 -12.03 -56.13
CA SER B 52 -54.41 -12.97 -55.78
C SER B 52 -53.94 -14.41 -55.85
N LEU B 53 -53.19 -14.75 -56.90
CA LEU B 53 -52.57 -16.08 -56.97
C LEU B 53 -51.63 -16.30 -55.79
N ALA B 54 -50.82 -15.29 -55.46
CA ALA B 54 -49.92 -15.41 -54.31
C ALA B 54 -50.69 -15.61 -53.01
N LYS B 55 -51.68 -14.74 -52.75
CA LYS B 55 -52.41 -14.79 -51.49
C LYS B 55 -52.99 -16.17 -51.21
N SER B 56 -53.71 -16.74 -52.18
CA SER B 56 -54.31 -18.06 -51.99
C SER B 56 -53.25 -19.13 -51.76
N TYR B 57 -52.10 -19.00 -52.44
CA TYR B 57 -51.01 -19.95 -52.23
C TYR B 57 -50.47 -19.87 -50.80
N LEU B 58 -50.23 -18.65 -50.31
CA LEU B 58 -49.73 -18.48 -48.94
C LEU B 58 -50.79 -18.81 -47.90
N SER B 59 -52.08 -18.72 -48.24
CA SER B 59 -53.13 -18.98 -47.27
C SER B 59 -53.16 -20.44 -46.82
N ARG B 60 -52.46 -21.34 -47.52
CA ARG B 60 -52.44 -22.74 -47.13
C ARG B 60 -51.47 -23.02 -45.98
N VAL B 61 -50.50 -22.13 -45.72
CA VAL B 61 -49.51 -22.41 -44.70
C VAL B 61 -49.80 -21.62 -43.42
N ALA B 62 -50.48 -20.48 -43.57
CA ALA B 62 -50.77 -19.61 -42.44
C ALA B 62 -51.79 -18.57 -42.89
N PRO B 63 -52.52 -17.97 -41.94
CA PRO B 63 -53.49 -16.93 -42.32
C PRO B 63 -52.78 -15.67 -42.79
N VAL B 64 -53.33 -15.05 -43.83
CA VAL B 64 -52.76 -13.86 -44.46
C VAL B 64 -53.79 -12.75 -44.41
N GLU B 65 -53.37 -11.56 -43.96
CA GLU B 65 -54.28 -10.44 -43.91
C GLU B 65 -54.55 -9.88 -45.31
N ALA B 66 -53.49 -9.71 -46.10
CA ALA B 66 -53.62 -9.19 -47.46
C ALA B 66 -52.30 -9.44 -48.18
N VAL B 67 -52.35 -9.31 -49.51
CA VAL B 67 -51.16 -9.31 -50.36
C VAL B 67 -51.31 -8.13 -51.31
N GLU B 68 -50.55 -7.08 -51.06
CA GLU B 68 -50.61 -5.84 -51.84
C GLU B 68 -49.47 -5.78 -52.84
N VAL B 69 -49.66 -4.96 -53.87
CA VAL B 69 -48.64 -4.67 -54.87
C VAL B 69 -48.10 -3.27 -54.59
N VAL B 70 -46.78 -3.18 -54.35
CA VAL B 70 -46.14 -1.91 -54.03
C VAL B 70 -44.96 -1.71 -54.98
N GLU B 71 -44.59 -0.44 -55.15
CA GLU B 71 -43.40 -0.05 -55.90
C GLU B 71 -42.44 0.64 -54.95
N ARG B 72 -41.25 0.04 -54.78
CA ARG B 72 -40.21 0.61 -53.92
C ARG B 72 -38.87 0.51 -54.62
N ARG B 73 -37.86 1.10 -53.99
CA ARG B 73 -36.51 1.09 -54.52
C ARG B 73 -35.73 -0.11 -54.00
N PHE B 74 -34.79 -0.59 -54.82
CA PHE B 74 -33.89 -1.67 -54.44
C PHE B 74 -32.53 -1.35 -55.02
N PHE B 75 -31.59 -0.96 -54.15
CA PHE B 75 -30.32 -0.39 -54.58
C PHE B 75 -30.52 0.77 -55.55
N GLY B 76 -31.51 1.62 -55.25
CA GLY B 76 -31.83 2.80 -56.03
C GLY B 76 -32.81 2.60 -57.17
N ARG B 77 -32.74 1.45 -57.84
CA ARG B 77 -33.63 1.18 -58.97
C ARG B 77 -35.04 0.89 -58.46
N PRO B 78 -36.07 1.57 -58.98
CA PRO B 78 -37.44 1.29 -58.53
C PRO B 78 -37.96 -0.01 -59.13
N THR B 79 -38.32 -0.95 -58.26
CA THR B 79 -38.85 -2.24 -58.66
C THR B 79 -40.19 -2.49 -58.00
N ILE B 80 -40.89 -3.51 -58.46
CA ILE B 80 -42.20 -3.90 -57.95
C ILE B 80 -42.03 -5.03 -56.95
N PHE B 81 -42.81 -4.99 -55.87
CA PHE B 81 -42.82 -6.05 -54.87
C PHE B 81 -44.25 -6.44 -54.52
N LEU B 82 -44.39 -7.66 -54.00
CA LEU B 82 -45.58 -8.08 -53.30
C LEU B 82 -45.38 -7.82 -51.80
N LYS B 83 -46.28 -7.04 -51.21
CA LYS B 83 -46.26 -6.80 -49.77
C LYS B 83 -47.28 -7.73 -49.14
N VAL B 84 -46.84 -8.92 -48.76
CA VAL B 84 -47.71 -9.88 -48.10
C VAL B 84 -47.76 -9.53 -46.62
N VAL B 85 -48.97 -9.43 -46.08
CA VAL B 85 -49.21 -8.95 -44.72
C VAL B 85 -49.71 -10.12 -43.89
N ALA B 86 -48.91 -10.54 -42.92
CA ALA B 86 -49.31 -11.62 -42.02
C ALA B 86 -50.29 -11.10 -40.97
N LYS B 87 -51.00 -12.04 -40.34
CA LYS B 87 -51.94 -11.67 -39.29
C LYS B 87 -51.23 -11.46 -37.96
N VAL B 88 -50.27 -12.33 -37.63
CA VAL B 88 -49.50 -12.21 -36.39
C VAL B 88 -48.03 -12.43 -36.70
N PRO B 89 -47.14 -11.85 -35.88
CA PRO B 89 -45.70 -11.98 -36.15
C PRO B 89 -45.20 -13.42 -36.16
N GLU B 90 -45.85 -14.32 -35.42
CA GLU B 90 -45.35 -15.70 -35.32
C GLU B 90 -45.31 -16.38 -36.68
N ASP B 91 -46.27 -16.07 -37.56
CA ASP B 91 -46.43 -16.76 -38.83
C ASP B 91 -45.49 -16.25 -39.93
N VAL B 92 -44.67 -15.22 -39.65
CA VAL B 92 -43.87 -14.62 -40.71
C VAL B 92 -42.82 -15.60 -41.22
N ARG B 93 -42.31 -16.47 -40.35
CA ARG B 93 -41.31 -17.45 -40.78
C ARG B 93 -41.93 -18.49 -41.70
N LYS B 94 -43.10 -19.02 -41.32
CA LYS B 94 -43.80 -19.96 -42.20
C LYS B 94 -44.09 -19.33 -43.57
N LEU B 95 -44.53 -18.08 -43.58
CA LEU B 95 -44.87 -17.42 -44.84
C LEU B 95 -43.63 -17.07 -45.65
N ARG B 96 -42.55 -16.67 -44.98
CA ARG B 96 -41.30 -16.36 -45.68
C ARG B 96 -40.83 -17.56 -46.50
N GLU B 97 -40.70 -18.72 -45.86
CA GLU B 97 -40.22 -19.91 -46.56
C GLU B 97 -41.21 -20.38 -47.62
N ALA B 98 -42.50 -20.37 -47.31
CA ALA B 98 -43.51 -20.79 -48.28
C ALA B 98 -43.55 -19.85 -49.48
N ALA B 99 -43.37 -18.55 -49.25
CA ALA B 99 -43.45 -17.58 -50.34
C ALA B 99 -42.51 -17.91 -51.49
N LEU B 100 -41.26 -18.14 -51.16
CA LEU B 100 -40.37 -18.45 -52.23
C LEU B 100 -40.94 -19.54 -53.11
N GLY B 101 -42.23 -19.82 -52.99
CA GLY B 101 -42.95 -20.81 -53.74
C GLY B 101 -43.83 -20.13 -54.77
N ALA B 102 -44.27 -20.93 -55.73
CA ALA B 102 -45.08 -20.46 -56.87
C ALA B 102 -44.39 -19.29 -57.51
N PRO B 103 -43.16 -19.55 -57.94
CA PRO B 103 -42.31 -18.57 -58.57
C PRO B 103 -42.92 -17.54 -59.46
N GLY B 104 -43.28 -16.52 -58.74
CA GLY B 104 -43.74 -15.23 -59.12
C GLY B 104 -42.62 -14.36 -58.53
N VAL B 105 -42.21 -14.64 -57.28
CA VAL B 105 -41.18 -13.99 -56.53
C VAL B 105 -39.87 -14.71 -56.68
N VAL B 106 -38.76 -13.98 -56.74
CA VAL B 106 -37.48 -14.60 -56.83
C VAL B 106 -36.65 -14.36 -55.60
N ASP B 107 -37.16 -13.56 -54.69
CA ASP B 107 -36.51 -13.35 -53.41
C ASP B 107 -37.44 -12.62 -52.46
N VAL B 108 -37.17 -12.76 -51.17
CA VAL B 108 -37.98 -12.15 -50.11
C VAL B 108 -37.09 -11.25 -49.27
N TYR B 109 -37.68 -10.16 -48.77
CA TYR B 109 -36.91 -9.12 -48.11
C TYR B 109 -37.64 -8.60 -46.88
N GLU B 110 -36.86 -8.21 -45.87
CA GLU B 110 -37.36 -7.60 -44.64
C GLU B 110 -38.33 -8.50 -43.88
N ALA B 111 -38.11 -9.81 -43.95
CA ALA B 111 -38.95 -10.76 -43.22
C ALA B 111 -38.46 -11.02 -41.80
N ASP B 112 -37.24 -10.61 -41.46
CA ASP B 112 -36.63 -10.91 -40.17
C ASP B 112 -36.51 -9.69 -39.27
N ILE B 113 -37.39 -8.72 -39.44
CA ILE B 113 -37.38 -7.49 -38.65
C ILE B 113 -38.30 -7.67 -37.46
N ARG B 114 -37.75 -7.49 -36.25
CA ARG B 114 -38.52 -7.70 -35.04
C ARG B 114 -39.73 -6.76 -35.00
N TYR B 115 -40.85 -7.27 -34.51
CA TYR B 115 -42.14 -6.62 -34.74
C TYR B 115 -42.19 -5.23 -34.14
N TYR B 116 -41.81 -5.08 -32.87
CA TYR B 116 -41.92 -3.76 -32.24
C TYR B 116 -40.89 -2.78 -32.77
N MET B 117 -39.81 -3.27 -33.38
CA MET B 117 -38.92 -2.38 -34.12
C MET B 117 -39.53 -2.00 -35.47
N ARG B 118 -40.21 -2.95 -36.12
CA ARG B 118 -40.96 -2.65 -37.33
C ARG B 118 -41.96 -1.53 -37.10
N TYR B 119 -42.69 -1.58 -35.99
CA TYR B 119 -43.67 -0.55 -35.68
C TYR B 119 -43.02 0.81 -35.52
N MET B 120 -41.95 0.88 -34.73
CA MET B 120 -41.31 2.18 -34.46
C MET B 120 -40.70 2.76 -35.72
N ILE B 121 -40.12 1.92 -36.58
CA ILE B 121 -39.58 2.40 -37.84
C ILE B 121 -40.68 2.98 -38.72
N ASP B 122 -41.75 2.21 -38.92
CA ASP B 122 -42.80 2.64 -39.86
C ASP B 122 -43.57 3.85 -39.34
N LYS B 123 -43.82 3.91 -38.04
CA LYS B 123 -44.56 5.02 -37.45
C LYS B 123 -43.67 6.19 -37.04
N GLY B 124 -42.35 6.05 -37.15
CA GLY B 124 -41.47 7.12 -36.76
C GLY B 124 -41.35 7.34 -35.28
N VAL B 125 -41.54 6.28 -34.48
CA VAL B 125 -41.39 6.38 -33.04
C VAL B 125 -39.90 6.34 -32.70
N VAL B 126 -39.40 7.39 -32.10
CA VAL B 126 -37.99 7.52 -31.74
C VAL B 126 -37.87 7.37 -30.24
N PRO B 127 -37.12 6.39 -29.74
CA PRO B 127 -36.99 6.22 -28.29
C PRO B 127 -36.13 7.32 -27.68
N CYS B 128 -36.39 7.62 -26.42
CA CYS B 128 -35.66 8.63 -25.67
C CYS B 128 -35.66 9.97 -26.38
N ALA B 129 -36.84 10.36 -26.89
CA ALA B 129 -37.03 11.64 -27.55
C ALA B 129 -38.51 11.98 -27.54
N TRP B 130 -38.81 13.26 -27.36
CA TRP B 130 -40.20 13.70 -27.31
C TRP B 130 -40.88 13.51 -28.66
N ASN B 131 -41.87 12.63 -28.70
CA ASN B 131 -42.70 12.40 -29.87
C ASN B 131 -44.03 13.13 -29.70
N VAL B 132 -44.70 13.40 -30.82
CA VAL B 132 -46.01 14.04 -30.82
C VAL B 132 -47.03 12.99 -31.24
N VAL B 133 -48.09 12.85 -30.44
CA VAL B 133 -49.08 11.78 -30.61
C VAL B 133 -50.48 12.33 -30.39
N GLU B 134 -51.40 11.96 -31.27
CA GLU B 134 -52.83 12.06 -30.99
C GLU B 134 -53.31 10.71 -30.44
N ALA B 135 -53.79 10.71 -29.21
CA ALA B 135 -54.15 9.46 -28.54
C ALA B 135 -55.29 9.70 -27.56
N ARG B 136 -56.38 8.96 -27.69
CA ARG B 136 -57.47 9.07 -26.73
C ARG B 136 -57.07 8.38 -25.43
N GLU B 137 -57.52 8.94 -24.32
CA GLU B 137 -56.99 8.59 -23.00
C GLU B 137 -57.52 7.29 -22.41
N ALA B 138 -58.58 6.68 -22.97
CA ALA B 138 -59.15 5.44 -22.45
C ALA B 138 -59.14 5.31 -20.92
N GLY B 139 -58.82 4.11 -20.42
CA GLY B 139 -58.70 3.80 -18.99
C GLY B 139 -57.29 3.35 -18.63
N LYS B 140 -57.05 2.92 -17.39
CA LYS B 140 -55.70 2.51 -17.01
C LYS B 140 -55.39 1.09 -17.49
N LEU B 141 -54.10 0.75 -17.44
CA LEU B 141 -53.63 -0.63 -17.64
C LEU B 141 -52.72 -0.92 -16.45
N GLY B 142 -53.23 -1.70 -15.50
CA GLY B 142 -52.58 -1.82 -14.21
C GLY B 142 -52.60 -0.50 -13.49
N PRO B 143 -51.44 -0.05 -13.01
CA PRO B 143 -51.36 1.28 -12.39
C PRO B 143 -51.19 2.42 -13.39
N LEU B 144 -50.80 2.13 -14.63
CA LEU B 144 -50.42 3.13 -15.63
C LEU B 144 -51.64 3.57 -16.44
N PRO B 145 -51.76 4.86 -16.71
CA PRO B 145 -52.77 5.33 -17.66
C PRO B 145 -52.48 4.79 -19.05
N LEU B 146 -53.48 4.19 -19.67
CA LEU B 146 -53.37 3.65 -21.01
C LEU B 146 -53.92 4.64 -22.03
N TYR B 147 -53.32 4.64 -23.22
CA TYR B 147 -53.74 5.55 -24.29
C TYR B 147 -53.74 4.77 -25.59
N GLU B 148 -54.85 4.86 -26.33
CA GLU B 148 -54.96 4.26 -27.65
C GLU B 148 -54.44 5.25 -28.69
N VAL B 149 -53.46 4.82 -29.48
CA VAL B 149 -52.82 5.71 -30.44
C VAL B 149 -53.74 5.93 -31.63
N VAL B 150 -53.93 7.19 -32.00
CA VAL B 150 -54.64 7.53 -33.24
C VAL B 150 -53.66 7.74 -34.39
N GLU B 151 -52.66 8.61 -34.19
CA GLU B 151 -51.67 8.90 -35.22
C GLU B 151 -50.41 9.44 -34.57
N TRP B 152 -49.26 8.95 -35.02
CA TRP B 152 -47.97 9.50 -34.63
C TRP B 152 -47.59 10.65 -35.56
N ALA B 153 -47.20 11.78 -34.98
CA ALA B 153 -46.57 12.83 -35.76
C ALA B 153 -45.07 12.61 -35.76
N GLY B 154 -44.29 13.68 -35.78
CA GLY B 154 -42.85 13.60 -35.73
C GLY B 154 -42.31 13.68 -34.32
N VAL B 155 -41.08 14.16 -34.20
CA VAL B 155 -40.46 14.40 -32.91
C VAL B 155 -40.10 15.88 -32.83
N GLU B 156 -40.17 16.42 -31.62
CA GLU B 156 -39.79 17.80 -31.36
C GLU B 156 -38.54 17.84 -30.50
N GLU B 157 -37.65 18.77 -30.81
CA GLU B 157 -36.44 18.96 -30.02
C GLU B 157 -36.78 19.33 -28.58
N GLY B 158 -36.14 18.66 -27.63
CA GLY B 158 -36.45 18.84 -26.23
C GLY B 158 -35.60 17.98 -25.31
N PHE B 159 -35.36 18.47 -24.10
CA PHE B 159 -34.47 17.82 -23.16
C PHE B 159 -35.16 16.64 -22.49
N PRO B 160 -34.40 15.62 -22.09
CA PRO B 160 -35.01 14.48 -21.43
C PRO B 160 -35.64 14.88 -20.13
N PRO B 161 -36.72 14.22 -19.73
CA PRO B 161 -37.34 14.51 -18.43
C PRO B 161 -36.53 13.89 -17.30
N PRO B 162 -36.80 14.27 -16.05
CA PRO B 162 -36.12 13.62 -14.93
C PRO B 162 -36.50 12.14 -14.85
N LEU B 163 -35.48 11.29 -14.70
CA LEU B 163 -35.67 9.86 -14.63
C LEU B 163 -35.26 9.35 -13.24
N ARG B 164 -36.01 8.39 -12.73
CA ARG B 164 -35.68 7.72 -11.48
C ARG B 164 -34.74 6.56 -11.79
N VAL B 165 -33.49 6.68 -11.36
CA VAL B 165 -32.44 5.71 -11.64
C VAL B 165 -32.16 4.90 -10.39
N LEU B 166 -32.01 3.58 -10.57
CA LEU B 166 -31.70 2.66 -9.48
C LEU B 166 -30.49 1.81 -9.87
N ALA B 167 -29.42 1.91 -9.10
CA ALA B 167 -28.27 1.02 -9.21
C ALA B 167 -28.41 -0.12 -8.20
N PHE B 168 -27.95 -1.30 -8.60
CA PHE B 168 -28.00 -2.47 -7.72
C PHE B 168 -26.79 -3.35 -7.96
N ASP B 169 -26.33 -3.98 -6.89
CA ASP B 169 -25.20 -4.90 -6.92
C ASP B 169 -25.49 -6.09 -6.03
N ILE B 170 -24.93 -7.25 -6.38
CA ILE B 170 -25.09 -8.46 -5.59
C ILE B 170 -23.74 -9.12 -5.37
N GLU B 171 -23.67 -9.93 -4.32
CA GLU B 171 -22.58 -10.87 -4.09
C GLU B 171 -23.18 -12.20 -3.67
N VAL B 172 -22.68 -13.28 -4.26
CA VAL B 172 -23.30 -14.60 -4.11
C VAL B 172 -22.32 -15.55 -3.44
N TYR B 173 -22.81 -16.29 -2.45
CA TYR B 173 -22.00 -17.30 -1.76
C TYR B 173 -21.33 -18.20 -2.79
N ASN B 174 -20.01 -18.39 -2.63
CA ASN B 174 -19.29 -19.29 -3.51
C ASN B 174 -18.80 -20.49 -2.72
N GLU B 175 -17.59 -20.48 -2.17
CA GLU B 175 -16.95 -21.61 -1.49
C GLU B 175 -16.71 -22.74 -2.48
N ARG B 176 -17.72 -23.06 -3.27
CA ARG B 176 -17.57 -23.90 -4.46
C ARG B 176 -17.45 -22.94 -5.64
N GLY B 177 -16.22 -22.77 -6.15
CA GLY B 177 -15.87 -21.90 -7.25
C GLY B 177 -16.97 -21.07 -7.89
N SER B 178 -17.48 -21.54 -9.03
CA SER B 178 -18.58 -20.86 -9.70
C SER B 178 -19.89 -21.26 -9.04
N PRO B 179 -20.69 -20.31 -8.56
CA PRO B 179 -21.87 -20.66 -7.77
C PRO B 179 -22.96 -21.30 -8.61
N ASP B 180 -23.91 -21.92 -7.90
CA ASP B 180 -25.06 -22.57 -8.50
C ASP B 180 -26.32 -22.04 -7.83
N PRO B 181 -27.29 -21.53 -8.60
CA PRO B 181 -28.47 -20.91 -7.97
C PRO B 181 -29.35 -21.89 -7.23
N LEU B 182 -29.20 -23.20 -7.46
CA LEU B 182 -30.05 -24.16 -6.79
C LEU B 182 -29.75 -24.25 -5.30
N ARG B 183 -28.52 -23.96 -4.88
CA ARG B 183 -28.20 -24.07 -3.45
C ARG B 183 -27.49 -22.85 -2.89
N ASP B 184 -26.61 -22.22 -3.66
CA ASP B 184 -25.82 -21.12 -3.15
C ASP B 184 -26.66 -19.85 -3.06
N PRO B 185 -26.79 -19.23 -1.89
CA PRO B 185 -27.72 -18.12 -1.73
C PRO B 185 -27.12 -16.78 -2.12
N VAL B 186 -28.02 -15.84 -2.44
CA VAL B 186 -27.63 -14.45 -2.66
C VAL B 186 -27.32 -13.85 -1.29
N VAL B 187 -26.03 -13.61 -1.03
CA VAL B 187 -25.58 -13.27 0.31
C VAL B 187 -25.95 -11.83 0.67
N MET B 188 -25.64 -10.89 -0.23
CA MET B 188 -25.95 -9.48 -0.01
C MET B 188 -26.42 -8.86 -1.31
N LEU B 189 -27.27 -7.85 -1.19
CA LEU B 189 -27.75 -7.10 -2.34
C LEU B 189 -27.95 -5.66 -1.92
N ALA B 190 -27.13 -4.76 -2.46
CA ALA B 190 -27.25 -3.34 -2.19
C ALA B 190 -27.98 -2.66 -3.34
N VAL B 191 -28.66 -1.56 -3.00
CA VAL B 191 -29.31 -0.72 -3.99
C VAL B 191 -28.97 0.73 -3.68
N LYS B 192 -28.78 1.52 -4.73
CA LYS B 192 -28.56 2.96 -4.58
C LYS B 192 -29.40 3.66 -5.62
N THR B 193 -29.91 4.83 -5.25
CA THR B 193 -30.99 5.46 -5.98
C THR B 193 -30.67 6.93 -6.25
N SER B 194 -31.25 7.48 -7.31
CA SER B 194 -31.03 8.88 -7.65
C SER B 194 -31.68 9.83 -6.65
N ASP B 195 -32.72 9.39 -5.95
CA ASP B 195 -33.27 10.16 -4.83
C ASP B 195 -32.18 10.46 -3.80
N GLY B 196 -31.36 9.45 -3.48
CA GLY B 196 -30.36 9.58 -2.45
C GLY B 196 -30.35 8.42 -1.47
N ARG B 197 -31.23 7.45 -1.71
CA ARG B 197 -31.35 6.30 -0.83
C ARG B 197 -30.27 5.26 -1.15
N GLU B 198 -29.84 4.56 -0.11
CA GLU B 198 -29.06 3.34 -0.25
C GLU B 198 -29.50 2.37 0.83
N GLU B 199 -29.54 1.09 0.48
CA GLU B 199 -29.92 0.02 1.41
C GLU B 199 -29.21 -1.25 1.02
N VAL B 200 -28.93 -2.10 2.01
CA VAL B 200 -28.29 -3.39 1.80
C VAL B 200 -29.15 -4.46 2.48
N PHE B 201 -29.63 -5.42 1.69
CA PHE B 201 -30.38 -6.56 2.21
C PHE B 201 -29.44 -7.75 2.32
N GLU B 202 -29.16 -8.19 3.55
CA GLU B 202 -28.33 -9.37 3.78
C GLU B 202 -29.19 -10.54 4.23
N ALA B 203 -28.76 -11.75 3.88
CA ALA B 203 -29.46 -12.98 4.23
C ALA B 203 -29.20 -13.36 5.69
N GLU B 204 -29.97 -14.34 6.17
CA GLU B 204 -29.64 -15.05 7.40
C GLU B 204 -28.89 -16.32 7.01
N GLY B 205 -27.67 -16.46 7.53
CA GLY B 205 -26.83 -17.60 7.23
C GLY B 205 -26.82 -18.04 5.77
N ARG B 206 -27.62 -19.06 5.47
CA ARG B 206 -27.72 -19.63 4.13
C ARG B 206 -29.13 -19.51 3.52
N ASP B 207 -29.98 -18.66 4.09
CA ASP B 207 -31.35 -18.48 3.61
C ASP B 207 -31.55 -17.04 3.18
N ASP B 208 -31.94 -16.85 1.92
CA ASP B 208 -31.89 -15.56 1.24
C ASP B 208 -33.27 -15.16 0.68
N ARG B 209 -34.35 -15.50 1.38
CA ARG B 209 -35.65 -15.01 0.93
C ARG B 209 -35.84 -13.55 1.30
N ARG B 210 -35.37 -13.15 2.49
CA ARG B 210 -35.52 -11.77 2.93
C ARG B 210 -34.88 -10.77 1.98
N VAL B 211 -33.80 -11.15 1.29
CA VAL B 211 -33.11 -10.19 0.43
C VAL B 211 -33.82 -10.05 -0.91
N ILE B 212 -34.24 -11.18 -1.52
CA ILE B 212 -35.00 -11.10 -2.77
C ILE B 212 -36.34 -10.40 -2.54
N ARG B 213 -37.00 -10.70 -1.41
CA ARG B 213 -38.21 -9.98 -1.04
C ARG B 213 -37.93 -8.49 -0.84
N GLY B 214 -36.81 -8.16 -0.19
CA GLY B 214 -36.49 -6.76 0.02
C GLY B 214 -36.16 -6.04 -1.27
N PHE B 215 -35.44 -6.70 -2.18
CA PHE B 215 -35.12 -6.11 -3.47
C PHE B 215 -36.39 -5.81 -4.27
N VAL B 216 -37.28 -6.80 -4.38
CA VAL B 216 -38.50 -6.64 -5.17
C VAL B 216 -39.36 -5.51 -4.60
N ASP B 217 -39.55 -5.49 -3.28
CA ASP B 217 -40.39 -4.46 -2.68
C ASP B 217 -39.80 -3.06 -2.89
N PHE B 218 -38.47 -2.94 -2.85
CA PHE B 218 -37.85 -1.64 -3.04
C PHE B 218 -38.06 -1.13 -4.47
N VAL B 219 -37.90 -2.01 -5.46
CA VAL B 219 -38.11 -1.61 -6.85
C VAL B 219 -39.54 -1.14 -7.06
N LYS B 220 -40.51 -1.86 -6.48
CA LYS B 220 -41.91 -1.45 -6.59
C LYS B 220 -42.17 -0.15 -5.85
N GLU B 221 -41.51 0.06 -4.71
CA GLU B 221 -41.70 1.30 -3.96
C GLU B 221 -41.06 2.48 -4.66
N PHE B 222 -39.81 2.34 -5.11
CA PHE B 222 -39.14 3.46 -5.75
C PHE B 222 -39.69 3.70 -7.14
N ASP B 223 -40.07 2.63 -7.84
CA ASP B 223 -40.59 2.70 -9.21
C ASP B 223 -39.56 3.35 -10.12
N PRO B 224 -38.42 2.71 -10.35
CA PRO B 224 -37.39 3.34 -11.19
C PRO B 224 -37.72 3.24 -12.67
N ASP B 225 -37.24 4.24 -13.42
CA ASP B 225 -37.36 4.24 -14.87
C ASP B 225 -36.20 3.51 -15.51
N VAL B 226 -35.00 3.63 -14.93
CA VAL B 226 -33.81 2.94 -15.40
C VAL B 226 -33.26 2.09 -14.26
N ILE B 227 -32.88 0.86 -14.57
CA ILE B 227 -32.18 -0.02 -13.64
C ILE B 227 -30.79 -0.28 -14.20
N VAL B 228 -29.76 0.14 -13.48
CA VAL B 228 -28.37 0.03 -13.92
C VAL B 228 -27.65 -0.98 -13.04
N GLY B 229 -26.79 -1.78 -13.67
CA GLY B 229 -25.91 -2.69 -12.96
C GLY B 229 -24.63 -2.84 -13.75
N TYR B 230 -23.67 -3.54 -13.14
CA TYR B 230 -22.40 -3.85 -13.80
C TYR B 230 -22.37 -5.36 -14.04
N ASN B 231 -22.35 -5.74 -15.31
CA ASN B 231 -22.52 -7.14 -15.73
C ASN B 231 -23.83 -7.72 -15.22
N SER B 232 -24.87 -6.87 -15.15
CA SER B 232 -26.17 -7.34 -14.69
C SER B 232 -26.79 -8.32 -15.66
N ASN B 233 -26.60 -8.09 -16.97
CA ASN B 233 -27.09 -9.04 -17.97
C ASN B 233 -26.28 -10.32 -17.96
N GLY B 234 -24.98 -10.23 -17.65
CA GLY B 234 -24.10 -11.37 -17.70
C GLY B 234 -24.28 -12.34 -16.55
N PHE B 235 -24.38 -11.81 -15.32
CA PHE B 235 -24.46 -12.64 -14.13
C PHE B 235 -25.70 -12.36 -13.29
N ASP B 236 -25.89 -11.11 -12.85
CA ASP B 236 -26.87 -10.82 -11.80
C ASP B 236 -28.27 -11.28 -12.17
N TRP B 237 -28.81 -10.78 -13.28
CA TRP B 237 -30.16 -11.17 -13.67
C TRP B 237 -30.31 -12.67 -13.91
N PRO B 238 -29.44 -13.33 -14.69
CA PRO B 238 -29.58 -14.80 -14.81
C PRO B 238 -29.53 -15.53 -13.48
N TYR B 239 -28.72 -15.06 -12.53
CA TYR B 239 -28.65 -15.73 -11.24
C TYR B 239 -29.92 -15.48 -10.42
N LEU B 240 -30.31 -14.20 -10.29
CA LEU B 240 -31.51 -13.88 -9.53
C LEU B 240 -32.75 -14.52 -10.14
N SER B 241 -32.81 -14.60 -11.47
CA SER B 241 -33.93 -15.27 -12.12
C SER B 241 -34.02 -16.73 -11.70
N GLU B 242 -32.91 -17.46 -11.79
CA GLU B 242 -32.92 -18.88 -11.46
C GLU B 242 -32.91 -19.11 -9.95
N ARG B 243 -32.35 -18.17 -9.17
CA ARG B 243 -32.43 -18.29 -7.72
C ARG B 243 -33.85 -18.08 -7.21
N ALA B 244 -34.56 -17.10 -7.76
CA ALA B 244 -35.92 -16.81 -7.33
C ALA B 244 -36.86 -17.98 -7.63
N LYS B 245 -36.59 -18.75 -8.68
CA LYS B 245 -37.40 -19.93 -8.96
C LYS B 245 -37.12 -21.03 -7.93
N ALA B 246 -35.83 -21.26 -7.62
CA ALA B 246 -35.48 -22.32 -6.68
C ALA B 246 -36.10 -22.06 -5.30
N LEU B 247 -36.18 -20.78 -4.90
CA LEU B 247 -36.80 -20.43 -3.64
C LEU B 247 -38.30 -20.21 -3.75
N GLY B 248 -38.85 -20.14 -4.95
CA GLY B 248 -40.28 -19.94 -5.12
C GLY B 248 -40.77 -18.60 -4.61
N VAL B 249 -39.94 -17.58 -4.68
CA VAL B 249 -40.36 -16.20 -4.42
C VAL B 249 -40.30 -15.44 -5.73
N PRO B 250 -41.40 -14.86 -6.21
CA PRO B 250 -41.41 -14.30 -7.56
C PRO B 250 -40.62 -13.00 -7.64
N LEU B 251 -39.92 -12.83 -8.75
CA LEU B 251 -39.05 -11.68 -8.98
C LEU B 251 -39.80 -10.60 -9.76
N ARG B 252 -40.88 -10.10 -9.15
CA ARG B 252 -41.83 -9.20 -9.80
C ARG B 252 -41.31 -7.77 -9.68
N VAL B 253 -40.49 -7.36 -10.65
CA VAL B 253 -39.86 -6.05 -10.60
C VAL B 253 -40.34 -5.09 -11.69
N ASP B 254 -40.95 -5.58 -12.77
CA ASP B 254 -41.36 -4.68 -13.82
C ASP B 254 -42.67 -3.96 -13.45
N ARG B 255 -43.10 -3.05 -14.33
CA ARG B 255 -44.19 -2.14 -14.03
C ARG B 255 -45.56 -2.81 -14.09
N LEU B 256 -45.65 -4.03 -14.61
CA LEU B 256 -46.90 -4.78 -14.67
C LEU B 256 -46.82 -6.06 -13.85
N GLY B 257 -46.17 -5.98 -12.69
CA GLY B 257 -46.05 -7.13 -11.80
C GLY B 257 -45.41 -8.36 -12.41
N GLY B 258 -44.56 -8.18 -13.42
CA GLY B 258 -43.94 -9.29 -14.12
C GLY B 258 -42.46 -9.44 -13.78
N VAL B 259 -41.91 -10.57 -14.22
CA VAL B 259 -40.53 -10.95 -13.91
C VAL B 259 -39.64 -10.64 -15.11
N PRO B 260 -38.33 -10.47 -14.92
CA PRO B 260 -37.45 -10.21 -16.07
C PRO B 260 -37.39 -11.39 -17.03
N GLN B 261 -37.27 -11.08 -18.31
CA GLN B 261 -37.11 -12.07 -19.37
C GLN B 261 -35.79 -11.83 -20.08
N GLN B 262 -35.10 -12.91 -20.44
CA GLN B 262 -33.90 -12.79 -21.26
C GLN B 262 -34.31 -12.62 -22.72
N SER B 263 -33.77 -11.61 -23.38
CA SER B 263 -34.20 -11.27 -24.73
C SER B 263 -33.02 -11.12 -25.69
N VAL B 264 -33.18 -10.27 -26.70
CA VAL B 264 -32.21 -10.15 -27.78
C VAL B 264 -30.88 -9.61 -27.25
N TYR B 265 -29.79 -9.98 -27.92
CA TYR B 265 -28.41 -9.68 -27.54
C TYR B 265 -28.04 -10.23 -26.17
N GLY B 266 -28.83 -11.13 -25.61
CA GLY B 266 -28.63 -11.55 -24.24
C GLY B 266 -29.00 -10.52 -23.21
N HIS B 267 -29.59 -9.40 -23.62
CA HIS B 267 -30.04 -8.41 -22.65
C HIS B 267 -31.28 -8.93 -21.94
N TRP B 268 -31.53 -8.38 -20.75
CA TRP B 268 -32.64 -8.80 -19.90
C TRP B 268 -33.69 -7.70 -19.88
N SER B 269 -34.91 -8.04 -20.30
CA SER B 269 -35.99 -7.08 -20.39
C SER B 269 -36.71 -6.98 -19.05
N VAL B 270 -36.95 -5.75 -18.61
CA VAL B 270 -37.82 -5.46 -17.47
C VAL B 270 -38.89 -4.52 -18.01
N VAL B 271 -40.08 -5.07 -18.30
CA VAL B 271 -41.10 -4.35 -19.04
C VAL B 271 -41.44 -3.03 -18.37
N GLY B 272 -41.53 -1.97 -19.17
CA GLY B 272 -41.87 -0.65 -18.68
C GLY B 272 -40.73 0.12 -18.07
N ARG B 273 -39.48 -0.34 -18.24
CA ARG B 273 -38.33 0.40 -17.73
C ARG B 273 -37.09 -0.09 -18.48
N ALA B 274 -36.03 0.70 -18.38
CA ALA B 274 -34.79 0.46 -19.11
C ALA B 274 -33.80 -0.26 -18.20
N ASN B 275 -33.54 -1.53 -18.49
CA ASN B 275 -32.49 -2.29 -17.83
C ASN B 275 -31.20 -2.08 -18.60
N VAL B 276 -30.27 -1.31 -18.03
CA VAL B 276 -29.01 -0.99 -18.65
C VAL B 276 -27.90 -1.74 -17.93
N ASP B 277 -27.04 -2.40 -18.69
CA ASP B 277 -25.86 -3.06 -18.16
C ASP B 277 -24.64 -2.25 -18.61
N LEU B 278 -23.97 -1.60 -17.66
CA LEU B 278 -22.86 -0.72 -18.00
C LEU B 278 -21.67 -1.48 -18.57
N TYR B 279 -21.53 -2.76 -18.26
CA TYR B 279 -20.46 -3.56 -18.84
C TYR B 279 -20.65 -3.75 -20.35
N ASN B 280 -21.87 -3.63 -20.85
CA ASN B 280 -22.10 -3.69 -22.29
C ASN B 280 -21.35 -2.58 -23.02
N ILE B 281 -21.38 -1.36 -22.48
CA ILE B 281 -20.77 -0.23 -23.17
C ILE B 281 -19.27 -0.16 -22.87
N VAL B 282 -18.84 -0.58 -21.67
CA VAL B 282 -17.43 -0.48 -21.30
C VAL B 282 -16.57 -1.45 -22.11
N ASP B 283 -17.15 -2.52 -22.64
CA ASP B 283 -16.40 -3.41 -23.52
C ASP B 283 -15.88 -2.68 -24.75
N GLU B 284 -16.58 -1.65 -25.20
CA GLU B 284 -16.20 -0.92 -26.40
C GLU B 284 -15.07 0.07 -26.16
N PHE B 285 -14.71 0.35 -24.91
CA PHE B 285 -13.60 1.25 -24.61
C PHE B 285 -12.28 0.51 -24.72
N PRO B 286 -11.45 0.82 -25.72
CA PRO B 286 -10.19 0.08 -25.89
C PRO B 286 -9.08 0.50 -24.95
N GLU B 287 -9.30 1.52 -24.11
CA GLU B 287 -8.25 2.05 -23.25
C GLU B 287 -8.08 1.27 -21.94
N ILE B 288 -9.11 0.56 -21.47
CA ILE B 288 -9.18 0.15 -20.07
C ILE B 288 -8.41 -1.14 -19.83
N LYS B 289 -8.49 -2.09 -20.78
CA LYS B 289 -7.65 -3.29 -20.82
C LYS B 289 -8.01 -4.36 -19.79
N VAL B 290 -8.76 -4.01 -18.75
CA VAL B 290 -9.11 -5.00 -17.72
C VAL B 290 -10.61 -5.02 -17.49
N LYS B 291 -11.19 -3.84 -17.25
CA LYS B 291 -12.64 -3.62 -17.28
C LYS B 291 -13.37 -4.27 -16.12
N THR B 292 -12.74 -4.34 -14.95
CA THR B 292 -13.48 -4.62 -13.73
C THR B 292 -14.12 -3.34 -13.21
N LEU B 293 -15.19 -3.49 -12.43
CA LEU B 293 -15.92 -2.33 -11.91
C LEU B 293 -15.00 -1.38 -11.17
N ASP B 294 -14.12 -1.92 -10.32
CA ASP B 294 -13.25 -1.05 -9.51
C ASP B 294 -12.26 -0.29 -10.38
N ARG B 295 -11.73 -0.93 -11.42
CA ARG B 295 -10.75 -0.25 -12.27
C ARG B 295 -11.40 0.69 -13.27
N VAL B 296 -12.60 0.35 -13.77
CA VAL B 296 -13.33 1.29 -14.62
C VAL B 296 -13.79 2.49 -13.80
N ALA B 297 -14.23 2.25 -12.57
CA ALA B 297 -14.63 3.36 -11.69
C ALA B 297 -13.51 4.37 -11.52
N GLU B 298 -12.27 3.90 -11.39
CA GLU B 298 -11.15 4.81 -11.25
C GLU B 298 -10.89 5.62 -12.51
N TYR B 299 -10.94 4.95 -13.67
CA TYR B 299 -10.66 5.64 -14.93
C TYR B 299 -11.60 6.83 -15.14
N PHE B 300 -12.88 6.66 -14.86
CA PHE B 300 -13.85 7.73 -15.00
C PHE B 300 -13.93 8.61 -13.76
N GLY B 301 -13.09 8.35 -12.75
CA GLY B 301 -12.97 9.25 -11.61
C GLY B 301 -14.13 9.30 -10.65
N VAL B 302 -14.76 8.17 -10.36
CA VAL B 302 -15.85 8.13 -9.39
C VAL B 302 -15.36 7.59 -8.06
N MET B 303 -14.34 6.71 -8.10
CA MET B 303 -13.77 6.13 -6.88
C MET B 303 -12.32 5.78 -7.17
N LYS B 304 -11.43 6.15 -6.25
CA LYS B 304 -9.98 6.11 -6.52
C LYS B 304 -9.37 4.72 -6.40
N ARG B 305 -10.05 3.77 -5.75
CA ARG B 305 -9.63 2.38 -5.53
C ARG B 305 -8.67 2.22 -4.35
N SER B 306 -7.75 3.17 -4.15
CA SER B 306 -6.91 3.11 -2.96
C SER B 306 -7.64 3.64 -1.73
N GLU B 307 -8.75 4.32 -1.95
CA GLU B 307 -9.65 4.82 -0.91
C GLU B 307 -10.85 3.89 -0.72
N ARG B 308 -10.73 2.62 -1.08
CA ARG B 308 -11.89 1.75 -1.25
C ARG B 308 -11.55 0.34 -0.81
N VAL B 309 -12.55 -0.33 -0.23
CA VAL B 309 -12.39 -1.71 0.22
C VAL B 309 -12.35 -2.64 -0.99
N LEU B 310 -11.46 -3.62 -0.94
CA LEU B 310 -11.31 -4.58 -2.04
C LEU B 310 -11.14 -5.97 -1.46
N ILE B 311 -12.11 -6.85 -1.71
CA ILE B 311 -12.04 -8.25 -1.32
C ILE B 311 -11.64 -9.08 -2.54
N PRO B 312 -10.75 -10.07 -2.40
CA PRO B 312 -10.56 -11.04 -3.49
C PRO B 312 -11.86 -11.80 -3.73
N GLY B 313 -12.46 -11.56 -4.90
CA GLY B 313 -13.82 -12.04 -5.16
C GLY B 313 -14.02 -13.52 -4.88
N HIS B 314 -13.01 -14.34 -5.10
CA HIS B 314 -13.14 -15.78 -4.88
C HIS B 314 -13.32 -16.14 -3.41
N LYS B 315 -13.31 -15.18 -2.49
CA LYS B 315 -13.46 -15.43 -1.06
C LYS B 315 -14.57 -14.57 -0.45
N VAL B 316 -15.76 -14.60 -1.03
CA VAL B 316 -16.88 -13.94 -0.36
C VAL B 316 -17.47 -14.86 0.71
N TYR B 317 -17.38 -16.18 0.51
CA TYR B 317 -17.80 -17.12 1.54
C TYR B 317 -16.97 -16.93 2.82
N GLU B 318 -15.67 -16.71 2.66
CA GLU B 318 -14.79 -16.55 3.81
C GLU B 318 -15.20 -15.35 4.66
N TYR B 319 -15.45 -14.22 4.00
CA TYR B 319 -15.86 -13.01 4.71
C TYR B 319 -17.28 -13.12 5.22
N TRP B 320 -18.07 -14.07 4.72
CA TRP B 320 -19.45 -14.23 5.14
C TRP B 320 -19.59 -15.12 6.36
N ASN B 321 -18.78 -16.17 6.47
CA ASN B 321 -18.82 -17.07 7.62
C ASN B 321 -17.97 -16.57 8.78
N ASP B 322 -17.57 -15.30 8.77
CA ASP B 322 -16.70 -14.74 9.80
C ASP B 322 -17.29 -13.40 10.23
N PRO B 323 -17.89 -13.31 11.42
CA PRO B 323 -18.48 -12.03 11.85
C PRO B 323 -17.48 -10.90 11.96
N ALA B 324 -16.18 -11.19 12.02
CA ALA B 324 -15.18 -10.13 11.96
C ALA B 324 -15.06 -9.56 10.56
N LYS B 325 -15.26 -10.38 9.53
CA LYS B 325 -15.07 -9.97 8.15
C LYS B 325 -16.36 -9.60 7.44
N ARG B 326 -17.51 -9.79 8.11
CA ARG B 326 -18.80 -9.42 7.48
C ARG B 326 -18.93 -7.92 7.27
N PRO B 327 -18.67 -7.06 8.26
CA PRO B 327 -18.89 -5.61 8.04
C PRO B 327 -18.02 -5.02 6.95
N THR B 328 -16.89 -5.64 6.62
CA THR B 328 -16.06 -5.14 5.53
C THR B 328 -16.50 -5.70 4.18
N LEU B 329 -17.12 -6.88 4.15
CA LEU B 329 -17.73 -7.37 2.91
C LEU B 329 -18.93 -6.52 2.51
N MET B 330 -19.65 -5.97 3.49
CA MET B 330 -20.76 -5.06 3.17
C MET B 330 -20.24 -3.77 2.55
N ARG B 331 -19.19 -3.17 3.15
CA ARG B 331 -18.61 -1.96 2.59
C ARG B 331 -18.05 -2.20 1.19
N TYR B 332 -17.53 -3.40 0.94
CA TYR B 332 -17.17 -3.80 -0.42
C TYR B 332 -18.38 -3.74 -1.35
N VAL B 333 -19.51 -4.29 -0.89
CA VAL B 333 -20.73 -4.26 -1.70
C VAL B 333 -21.23 -2.84 -1.88
N LEU B 334 -21.12 -2.01 -0.82
CA LEU B 334 -21.57 -0.63 -0.90
C LEU B 334 -20.69 0.19 -1.85
N ASP B 335 -19.38 -0.02 -1.81
CA ASP B 335 -18.49 0.67 -2.74
C ASP B 335 -18.76 0.24 -4.18
N ASP B 336 -19.22 -1.00 -4.38
CA ASP B 336 -19.63 -1.44 -5.71
C ASP B 336 -20.82 -0.63 -6.22
N VAL B 337 -21.90 -0.60 -5.44
CA VAL B 337 -23.12 0.07 -5.88
C VAL B 337 -22.93 1.58 -5.98
N ARG B 338 -22.09 2.16 -5.12
CA ARG B 338 -21.79 3.57 -5.23
C ARG B 338 -21.01 3.87 -6.51
N SER B 339 -20.08 2.99 -6.88
CA SER B 339 -19.37 3.15 -8.15
C SER B 339 -20.33 2.95 -9.33
N THR B 340 -21.25 1.99 -9.23
CA THR B 340 -22.18 1.71 -10.32
C THR B 340 -23.04 2.93 -10.62
N LEU B 341 -23.63 3.53 -9.58
CA LEU B 341 -24.39 4.76 -9.80
C LEU B 341 -23.50 5.91 -10.22
N GLY B 342 -22.26 5.93 -9.75
CA GLY B 342 -21.32 6.95 -10.21
C GLY B 342 -21.04 6.84 -11.69
N LEU B 343 -20.74 5.63 -12.17
CA LEU B 343 -20.55 5.40 -13.60
C LEU B 343 -21.79 5.80 -14.39
N ALA B 344 -22.97 5.42 -13.90
CA ALA B 344 -24.21 5.73 -14.61
C ALA B 344 -24.36 7.24 -14.82
N GLU B 345 -24.06 8.04 -13.79
CA GLU B 345 -24.14 9.49 -13.94
C GLU B 345 -23.26 10.00 -15.07
N LYS B 346 -22.16 9.30 -15.36
CA LYS B 346 -21.24 9.70 -16.42
C LYS B 346 -21.60 9.11 -17.79
N LEU B 347 -22.05 7.86 -17.82
CA LEU B 347 -22.29 7.16 -19.09
C LEU B 347 -23.75 7.22 -19.56
N LEU B 348 -24.71 7.21 -18.64
CA LEU B 348 -26.11 7.13 -19.03
C LEU B 348 -26.60 8.31 -19.87
N PRO B 349 -26.22 9.56 -19.62
CA PRO B 349 -26.66 10.64 -20.53
C PRO B 349 -26.25 10.42 -21.97
N PHE B 350 -25.07 9.85 -22.20
CA PHE B 350 -24.65 9.53 -23.57
C PHE B 350 -25.52 8.45 -24.18
N LEU B 351 -25.79 7.38 -23.42
CA LEU B 351 -26.58 6.27 -23.94
C LEU B 351 -27.99 6.70 -24.31
N ILE B 352 -28.57 7.64 -23.57
CA ILE B 352 -29.90 8.15 -23.90
C ILE B 352 -29.89 8.81 -25.28
N GLN B 353 -28.86 9.60 -25.56
CA GLN B 353 -28.76 10.25 -26.87
C GLN B 353 -28.43 9.24 -27.96
N LEU B 354 -27.55 8.27 -27.66
CA LEU B 354 -27.26 7.21 -28.61
C LEU B 354 -28.48 6.35 -28.88
N SER B 355 -29.50 6.42 -28.01
CA SER B 355 -30.76 5.71 -28.25
C SER B 355 -31.67 6.49 -29.18
N SER B 356 -31.72 7.81 -29.06
CA SER B 356 -32.58 8.61 -29.93
C SER B 356 -31.97 8.71 -31.34
N VAL B 357 -30.64 8.78 -31.43
CA VAL B 357 -29.97 8.41 -32.67
C VAL B 357 -29.99 6.89 -32.78
N SER B 358 -29.79 6.40 -34.01
CA SER B 358 -29.77 4.96 -34.30
C SER B 358 -31.16 4.35 -34.11
N GLY B 359 -31.81 4.63 -32.98
CA GLY B 359 -33.21 4.29 -32.79
C GLY B 359 -33.50 3.04 -31.98
N LEU B 360 -32.51 2.44 -31.33
CA LEU B 360 -32.80 1.30 -30.47
C LEU B 360 -33.27 1.75 -29.10
N PRO B 361 -34.12 0.96 -28.43
CA PRO B 361 -34.52 1.30 -27.07
C PRO B 361 -33.33 1.28 -26.12
N LEU B 362 -33.49 1.96 -24.99
CA LEU B 362 -32.35 2.22 -24.11
C LEU B 362 -31.78 0.92 -23.55
N ASP B 363 -32.63 -0.09 -23.32
CA ASP B 363 -32.17 -1.37 -22.79
C ASP B 363 -31.42 -2.22 -23.82
N GLN B 364 -31.42 -1.82 -25.10
CA GLN B 364 -30.76 -2.58 -26.15
C GLN B 364 -29.60 -1.85 -26.81
N VAL B 365 -29.55 -0.51 -26.73
CA VAL B 365 -28.57 0.25 -27.50
C VAL B 365 -27.14 -0.16 -27.13
N ALA B 366 -26.88 -0.40 -25.84
CA ALA B 366 -25.53 -0.79 -25.44
C ALA B 366 -25.28 -2.28 -25.63
N ALA B 367 -26.31 -3.11 -25.49
CA ALA B 367 -26.13 -4.55 -25.66
C ALA B 367 -25.82 -4.92 -27.10
N ALA B 368 -26.35 -4.18 -28.07
CA ALA B 368 -26.09 -4.47 -29.47
C ALA B 368 -24.67 -4.06 -29.84
N SER B 369 -24.13 -4.72 -30.86
CA SER B 369 -22.80 -4.38 -31.36
C SER B 369 -22.87 -3.09 -32.18
N VAL B 370 -21.69 -2.48 -32.37
CA VAL B 370 -21.60 -1.22 -33.11
C VAL B 370 -22.23 -1.37 -34.49
N GLY B 371 -21.89 -2.44 -35.20
CA GLY B 371 -22.47 -2.66 -36.52
C GLY B 371 -23.95 -2.98 -36.46
N ASN B 372 -24.36 -3.77 -35.48
CA ASN B 372 -25.80 -4.01 -35.29
C ASN B 372 -26.53 -2.72 -34.97
N ARG B 373 -25.91 -1.82 -34.19
CA ARG B 373 -26.55 -0.56 -33.84
C ARG B 373 -26.77 0.32 -35.05
N VAL B 374 -25.74 0.44 -35.92
CA VAL B 374 -25.87 1.30 -37.09
C VAL B 374 -26.85 0.70 -38.10
N GLU B 375 -26.92 -0.63 -38.19
CA GLU B 375 -27.83 -1.25 -39.15
C GLU B 375 -29.28 -0.96 -38.80
N TRP B 376 -29.60 -0.86 -37.51
CA TRP B 376 -30.95 -0.45 -37.12
C TRP B 376 -31.20 1.02 -37.44
N MET B 377 -30.16 1.83 -37.52
CA MET B 377 -30.31 3.20 -38.01
C MET B 377 -30.60 3.21 -39.51
N LEU B 378 -29.80 2.46 -40.28
CA LEU B 378 -29.97 2.46 -41.73
C LEU B 378 -31.32 1.88 -42.15
N LEU B 379 -31.85 0.91 -41.39
CA LEU B 379 -33.19 0.42 -41.67
C LEU B 379 -34.23 1.53 -41.50
N ARG B 380 -34.04 2.39 -40.49
CA ARG B 380 -34.96 3.49 -40.27
C ARG B 380 -34.88 4.51 -41.40
N TYR B 381 -33.67 4.86 -41.82
CA TYR B 381 -33.51 5.76 -42.96
C TYR B 381 -34.02 5.14 -44.24
N ALA B 382 -33.76 3.85 -44.45
CA ALA B 382 -34.21 3.17 -45.67
C ALA B 382 -35.73 3.22 -45.83
N TYR B 383 -36.46 3.21 -44.71
CA TYR B 383 -37.92 3.23 -44.80
C TYR B 383 -38.42 4.57 -45.34
N ARG B 384 -38.04 5.68 -44.70
CA ARG B 384 -38.54 6.98 -45.10
C ARG B 384 -37.98 7.44 -46.44
N MET B 385 -36.98 6.75 -46.98
CA MET B 385 -36.49 6.99 -48.33
C MET B 385 -37.10 6.04 -49.36
N GLY B 386 -38.00 5.14 -48.92
CA GLY B 386 -38.64 4.22 -49.84
C GLY B 386 -37.74 3.12 -50.37
N GLU B 387 -36.73 2.72 -49.61
CA GLU B 387 -35.78 1.70 -50.02
C GLU B 387 -36.03 0.42 -49.24
N VAL B 388 -36.19 -0.69 -49.96
CA VAL B 388 -36.28 -2.00 -49.31
C VAL B 388 -34.87 -2.45 -48.92
N ALA B 389 -34.77 -3.07 -47.75
CA ALA B 389 -33.47 -3.45 -47.25
C ALA B 389 -33.00 -4.76 -47.88
N PRO B 390 -31.72 -4.87 -48.24
CA PRO B 390 -31.18 -6.15 -48.71
C PRO B 390 -31.19 -7.20 -47.60
N ASN B 391 -30.66 -8.38 -47.88
CA ASN B 391 -30.65 -9.46 -46.90
C ASN B 391 -29.24 -9.64 -46.34
N ARG B 392 -29.18 -10.28 -45.18
CA ARG B 392 -27.94 -10.42 -44.42
C ARG B 392 -27.51 -11.88 -44.33
N GLU B 393 -26.26 -12.06 -43.97
CA GLU B 393 -25.72 -13.34 -43.57
C GLU B 393 -25.67 -13.37 -42.04
N GLU B 394 -25.04 -14.40 -41.48
CA GLU B 394 -24.90 -14.42 -40.04
C GLU B 394 -23.95 -13.29 -39.61
N ARG B 395 -23.68 -13.22 -38.31
CA ARG B 395 -23.40 -11.94 -37.65
C ARG B 395 -21.91 -11.67 -37.55
N GLU B 396 -21.25 -12.29 -36.59
CA GLU B 396 -19.79 -12.26 -36.41
C GLU B 396 -19.20 -10.87 -36.69
N TYR B 397 -19.65 -9.90 -35.91
CA TYR B 397 -19.17 -8.52 -36.07
C TYR B 397 -17.68 -8.42 -35.75
N GLU B 398 -17.02 -7.44 -36.37
CA GLU B 398 -15.57 -7.27 -36.24
C GLU B 398 -15.27 -5.80 -35.99
N PRO B 399 -14.99 -5.42 -34.74
CA PRO B 399 -14.83 -3.99 -34.43
C PRO B 399 -13.57 -3.37 -35.02
N TYR B 400 -12.43 -4.06 -34.92
CA TYR B 400 -11.12 -3.46 -35.12
C TYR B 400 -10.61 -3.61 -36.55
N LYS B 401 -10.32 -2.48 -37.20
CA LYS B 401 -9.63 -2.43 -38.48
C LYS B 401 -8.63 -1.27 -38.49
N GLY B 402 -7.56 -1.42 -37.72
CA GLY B 402 -6.53 -0.42 -37.71
C GLY B 402 -5.52 -0.67 -38.82
N ALA B 403 -5.78 -0.13 -40.02
CA ALA B 403 -4.87 -0.33 -41.14
C ALA B 403 -3.66 0.58 -40.97
N ILE B 404 -2.48 -0.02 -40.82
CA ILE B 404 -1.28 0.76 -40.56
C ILE B 404 -0.88 1.53 -41.82
N VAL B 405 -0.50 2.79 -41.63
CA VAL B 405 0.02 3.62 -42.70
C VAL B 405 1.49 3.96 -42.46
N LEU B 406 1.82 4.42 -41.25
CA LEU B 406 3.18 4.73 -40.85
C LEU B 406 3.54 3.82 -39.69
N GLU B 407 4.45 2.88 -39.93
CA GLU B 407 4.85 1.95 -38.88
C GLU B 407 5.70 2.66 -37.84
N PRO B 408 5.44 2.47 -36.56
CA PRO B 408 6.27 3.11 -35.53
C PRO B 408 7.50 2.28 -35.19
N LYS B 409 8.48 2.96 -34.59
CA LYS B 409 9.61 2.27 -34.00
C LYS B 409 9.35 2.04 -32.51
N PRO B 410 9.39 0.81 -32.03
CA PRO B 410 9.15 0.55 -30.60
C PRO B 410 10.13 1.30 -29.73
N GLY B 411 9.60 1.97 -28.71
CA GLY B 411 10.43 2.74 -27.81
C GLY B 411 9.59 3.75 -27.04
N LEU B 412 10.30 4.61 -26.31
CA LEU B 412 9.69 5.58 -25.42
C LEU B 412 9.65 6.95 -26.08
N TYR B 413 8.50 7.62 -25.96
CA TYR B 413 8.31 8.93 -26.54
C TYR B 413 7.62 9.83 -25.52
N SER B 414 8.11 11.07 -25.41
CA SER B 414 7.61 12.03 -24.43
C SER B 414 6.82 13.14 -25.14
N ASP B 415 5.76 13.60 -24.49
CA ASP B 415 4.91 14.67 -25.02
C ASP B 415 4.35 14.32 -26.39
N VAL B 416 3.27 13.56 -26.42
CA VAL B 416 2.69 13.04 -27.66
C VAL B 416 1.21 13.42 -27.71
N LEU B 417 0.78 13.94 -28.85
CA LEU B 417 -0.62 14.23 -29.12
C LEU B 417 -1.18 13.20 -30.10
N VAL B 418 -2.38 12.71 -29.80
CA VAL B 418 -3.10 11.81 -30.69
C VAL B 418 -4.20 12.60 -31.38
N LEU B 419 -4.14 12.65 -32.71
CA LEU B 419 -5.11 13.41 -33.52
C LEU B 419 -6.17 12.47 -34.06
N ASP B 420 -7.43 12.83 -33.90
CA ASP B 420 -8.56 12.02 -34.31
C ASP B 420 -8.87 12.29 -35.79
N PHE B 421 -8.83 11.25 -36.60
CA PHE B 421 -9.14 11.33 -38.03
C PHE B 421 -10.41 10.59 -38.39
N SER B 422 -11.29 10.32 -37.42
CA SER B 422 -12.45 9.49 -37.68
C SER B 422 -13.46 10.17 -38.58
N SER B 423 -13.54 11.50 -38.54
CA SER B 423 -14.46 12.22 -39.42
C SER B 423 -14.03 12.18 -40.88
N MET B 424 -12.87 11.62 -41.18
CA MET B 424 -12.41 11.52 -42.56
C MET B 424 -13.34 10.64 -43.40
N TYR B 425 -13.83 9.55 -42.83
CA TYR B 425 -14.56 8.54 -43.61
C TYR B 425 -15.92 9.03 -44.10
N PRO B 426 -16.73 9.70 -43.28
CA PRO B 426 -17.94 10.32 -43.85
C PRO B 426 -17.64 11.33 -44.94
N ASN B 427 -16.60 12.16 -44.74
CA ASN B 427 -16.20 13.12 -45.77
C ASN B 427 -15.89 12.40 -47.09
N ILE B 428 -15.05 11.36 -47.04
CA ILE B 428 -14.70 10.62 -48.25
C ILE B 428 -15.95 10.07 -48.92
N MET B 429 -16.86 9.47 -48.14
CA MET B 429 -18.03 8.84 -48.73
C MET B 429 -19.04 9.87 -49.23
N MET B 430 -19.13 11.04 -48.59
CA MET B 430 -20.03 12.08 -49.05
C MET B 430 -19.48 12.80 -50.28
N LYS B 431 -18.23 13.26 -50.20
CA LYS B 431 -17.67 14.07 -51.29
C LYS B 431 -17.44 13.26 -52.55
N TYR B 432 -17.22 11.94 -52.43
CA TYR B 432 -17.03 11.08 -53.58
C TYR B 432 -18.21 10.14 -53.83
N ASN B 433 -19.27 10.24 -53.02
CA ASN B 433 -20.53 9.54 -53.26
C ASN B 433 -20.33 8.03 -53.37
N LEU B 434 -19.64 7.47 -52.38
CA LEU B 434 -19.41 6.03 -52.33
C LEU B 434 -20.58 5.35 -51.63
N SER B 435 -21.10 4.29 -52.26
CA SER B 435 -22.26 3.57 -51.77
C SER B 435 -22.45 2.30 -52.61
N PRO B 436 -23.05 1.24 -52.05
CA PRO B 436 -23.31 0.04 -52.86
C PRO B 436 -24.11 0.31 -54.11
N ASP B 437 -25.09 1.22 -54.04
CA ASP B 437 -25.98 1.47 -55.17
C ASP B 437 -25.34 2.36 -56.24
N THR B 438 -24.23 3.01 -55.95
CA THR B 438 -23.56 3.86 -56.93
C THR B 438 -22.35 3.20 -57.58
N TYR B 439 -21.97 2.00 -57.13
CA TYR B 439 -20.86 1.28 -57.73
C TYR B 439 -21.22 0.77 -59.12
N LEU B 440 -20.21 0.68 -59.99
CA LEU B 440 -20.39 0.26 -61.36
C LEU B 440 -19.58 -1.00 -61.66
N GLU B 441 -20.05 -1.74 -62.67
CA GLU B 441 -19.75 -3.16 -62.88
C GLU B 441 -19.10 -3.35 -64.26
N PRO B 442 -19.09 -4.54 -64.90
CA PRO B 442 -18.42 -4.63 -66.21
C PRO B 442 -19.13 -3.93 -67.34
N HIS B 443 -20.30 -3.33 -67.12
CA HIS B 443 -20.83 -2.37 -68.08
C HIS B 443 -20.19 -1.02 -67.81
N GLU B 444 -19.58 -0.43 -68.83
CA GLU B 444 -18.83 0.80 -68.58
C GLU B 444 -19.41 2.06 -69.21
N PRO B 445 -20.76 2.21 -69.39
CA PRO B 445 -21.27 3.55 -69.74
C PRO B 445 -21.12 4.53 -68.59
N ASP B 446 -20.23 5.51 -68.73
CA ASP B 446 -20.22 6.64 -67.81
C ASP B 446 -21.50 7.43 -68.01
N PRO B 447 -22.38 7.53 -67.02
CA PRO B 447 -23.60 8.31 -67.19
C PRO B 447 -23.27 9.77 -67.42
N PRO B 448 -24.18 10.53 -68.06
CA PRO B 448 -23.92 11.96 -68.27
C PRO B 448 -23.55 12.71 -67.00
N GLU B 449 -24.06 12.28 -65.84
CA GLU B 449 -23.74 12.95 -64.59
C GLU B 449 -22.25 12.83 -64.26
N GLY B 450 -21.60 11.77 -64.72
CA GLY B 450 -20.16 11.61 -64.57
C GLY B 450 -19.81 10.45 -63.65
N VAL B 451 -18.50 10.25 -63.47
CA VAL B 451 -17.98 9.18 -62.64
C VAL B 451 -16.77 9.70 -61.86
N VAL B 452 -16.48 9.00 -60.76
CA VAL B 452 -15.27 9.23 -59.98
C VAL B 452 -14.59 7.88 -59.78
N VAL B 453 -13.28 7.85 -60.04
CA VAL B 453 -12.50 6.61 -59.98
C VAL B 453 -11.69 6.61 -58.69
N ALA B 454 -11.73 5.51 -57.96
CA ALA B 454 -10.99 5.41 -56.71
C ALA B 454 -9.51 5.18 -57.01
N PRO B 455 -8.61 5.93 -56.39
CA PRO B 455 -7.18 5.74 -56.68
C PRO B 455 -6.68 4.34 -56.29
N GLU B 456 -5.64 3.91 -57.01
CA GLU B 456 -4.97 2.63 -56.79
C GLU B 456 -5.82 1.39 -57.07
N VAL B 457 -7.00 1.30 -56.48
CA VAL B 457 -7.87 0.14 -56.74
C VAL B 457 -8.72 0.29 -57.99
N GLY B 458 -9.05 1.51 -58.41
CA GLY B 458 -9.69 1.70 -59.69
C GLY B 458 -11.16 1.36 -59.79
N HIS B 459 -11.88 1.36 -58.68
CA HIS B 459 -13.32 1.16 -58.72
C HIS B 459 -14.02 2.48 -59.09
N ARG B 460 -15.16 2.34 -59.76
CA ARG B 460 -15.85 3.48 -60.37
C ARG B 460 -17.22 3.65 -59.73
N PHE B 461 -17.65 4.88 -59.48
CA PHE B 461 -18.94 5.11 -58.89
C PHE B 461 -19.58 6.29 -59.50
N ARG B 462 -20.89 6.29 -59.58
CA ARG B 462 -21.58 7.38 -60.18
C ARG B 462 -21.67 8.57 -59.30
N LYS B 463 -21.58 9.75 -59.87
CA LYS B 463 -21.80 10.95 -59.11
C LYS B 463 -23.22 11.37 -59.09
N ALA B 464 -23.97 10.87 -60.05
CA ALA B 464 -25.37 11.07 -60.39
C ALA B 464 -26.33 11.56 -59.34
N PRO B 465 -27.13 10.65 -58.87
CA PRO B 465 -28.09 10.84 -57.82
C PRO B 465 -27.37 10.35 -56.60
N THR B 466 -27.32 11.16 -55.57
CA THR B 466 -26.65 10.83 -54.36
C THR B 466 -27.08 9.50 -53.81
N GLY B 467 -26.13 8.64 -53.48
CA GLY B 467 -26.38 7.32 -52.99
C GLY B 467 -27.01 7.23 -51.64
N PHE B 468 -27.38 6.03 -51.26
CA PHE B 468 -28.09 5.84 -49.99
C PHE B 468 -27.22 6.20 -48.80
N ILE B 469 -26.02 5.61 -48.72
CA ILE B 469 -25.13 5.89 -47.59
C ILE B 469 -24.71 7.35 -47.54
N PRO B 470 -24.31 7.99 -48.64
CA PRO B 470 -24.03 9.45 -48.56
C PRO B 470 -25.23 10.26 -48.10
N ALA B 471 -26.43 9.92 -48.57
CA ALA B 471 -27.63 10.65 -48.16
C ALA B 471 -27.84 10.56 -46.66
N VAL B 472 -27.56 9.40 -46.07
CA VAL B 472 -27.72 9.24 -44.62
C VAL B 472 -26.67 10.08 -43.89
N LEU B 473 -25.42 10.04 -44.37
CA LEU B 473 -24.35 10.81 -43.72
C LEU B 473 -24.59 12.31 -43.79
N LYS B 474 -25.00 12.82 -44.96
CA LYS B 474 -25.38 14.22 -45.08
C LYS B 474 -26.45 14.61 -44.06
N HIS B 475 -27.41 13.72 -43.80
CA HIS B 475 -28.44 14.03 -42.83
C HIS B 475 -27.88 14.05 -41.41
N LEU B 476 -27.02 13.08 -41.08
CA LEU B 476 -26.39 13.07 -39.76
C LEU B 476 -25.50 14.29 -39.56
N VAL B 477 -24.73 14.68 -40.58
CA VAL B 477 -23.88 15.86 -40.46
C VAL B 477 -24.72 17.11 -40.23
N GLU B 478 -25.81 17.26 -40.98
CA GLU B 478 -26.67 18.43 -40.83
C GLU B 478 -27.31 18.47 -39.45
N LEU B 479 -27.83 17.33 -38.97
CA LEU B 479 -28.40 17.26 -37.63
C LEU B 479 -27.40 17.72 -36.58
N ARG B 480 -26.17 17.21 -36.66
CA ARG B 480 -25.13 17.61 -35.70
C ARG B 480 -24.78 19.09 -35.84
N ARG B 481 -24.65 19.57 -37.08
CA ARG B 481 -24.35 20.98 -37.31
C ARG B 481 -25.39 21.88 -36.66
N ALA B 482 -26.66 21.48 -36.70
CA ALA B 482 -27.71 22.28 -36.08
C ALA B 482 -27.64 22.21 -34.56
N VAL B 483 -27.45 21.00 -34.02
CA VAL B 483 -27.33 20.85 -32.57
C VAL B 483 -26.11 21.61 -32.05
N ARG B 484 -24.98 21.51 -32.76
CA ARG B 484 -23.73 22.08 -32.27
C ARG B 484 -23.80 23.60 -32.21
N GLU B 485 -24.51 24.23 -33.15
CA GLU B 485 -24.64 25.69 -33.13
C GLU B 485 -25.62 26.16 -32.05
N GLU B 486 -26.67 25.37 -31.77
CA GLU B 486 -27.56 25.71 -30.66
C GLU B 486 -26.86 25.62 -29.31
N ALA B 487 -25.75 24.87 -29.23
CA ALA B 487 -25.00 24.81 -27.98
C ALA B 487 -24.34 26.15 -27.66
N LYS B 488 -24.07 26.97 -28.67
CA LYS B 488 -23.53 28.30 -28.44
C LYS B 488 -24.52 29.20 -27.71
N LYS B 489 -25.80 28.87 -27.77
CA LYS B 489 -26.83 29.66 -27.10
C LYS B 489 -26.63 29.62 -25.58
N TYR B 490 -26.21 28.48 -25.05
CA TYR B 490 -26.04 28.27 -23.62
C TYR B 490 -24.57 28.40 -23.23
N PRO B 491 -24.28 28.69 -21.96
CA PRO B 491 -22.88 28.81 -21.52
C PRO B 491 -22.25 27.45 -21.31
N PRO B 492 -20.97 27.30 -21.68
CA PRO B 492 -20.32 25.98 -21.68
C PRO B 492 -20.38 25.19 -20.37
N ASP B 493 -20.64 25.85 -19.24
CA ASP B 493 -20.67 25.17 -17.95
C ASP B 493 -22.10 25.04 -17.40
N SER B 494 -23.06 24.83 -18.29
CA SER B 494 -24.46 24.66 -17.92
C SER B 494 -24.91 23.22 -18.10
N PRO B 495 -25.99 22.82 -17.44
CA PRO B 495 -26.58 21.50 -17.75
C PRO B 495 -27.09 21.41 -19.17
N GLU B 496 -27.71 22.48 -19.68
CA GLU B 496 -28.24 22.45 -21.04
C GLU B 496 -27.14 22.32 -22.08
N TYR B 497 -25.93 22.78 -21.76
CA TYR B 497 -24.81 22.65 -22.70
C TYR B 497 -24.31 21.21 -22.77
N ARG B 498 -24.19 20.55 -21.62
CA ARG B 498 -23.61 19.21 -21.61
C ARG B 498 -24.48 18.21 -22.35
N LEU B 499 -25.81 18.33 -22.24
CA LEU B 499 -26.70 17.41 -22.95
C LEU B 499 -26.58 17.58 -24.46
N LEU B 500 -26.53 18.82 -24.95
CA LEU B 500 -26.32 19.02 -26.38
C LEU B 500 -24.96 18.54 -26.82
N ASP B 501 -23.95 18.62 -25.94
CA ASP B 501 -22.64 18.08 -26.27
C ASP B 501 -22.70 16.56 -26.36
N GLU B 502 -23.51 15.92 -25.51
CA GLU B 502 -23.72 14.49 -25.61
C GLU B 502 -24.46 14.12 -26.89
N ARG B 503 -25.55 14.84 -27.19
CA ARG B 503 -26.29 14.61 -28.43
C ARG B 503 -25.40 14.83 -29.65
N GLN B 504 -24.56 15.88 -29.62
CA GLN B 504 -23.64 16.13 -30.71
C GLN B 504 -22.68 14.96 -30.92
N ARG B 505 -22.14 14.44 -29.80
CA ARG B 505 -21.20 13.32 -29.90
C ARG B 505 -21.89 12.04 -30.37
N ALA B 506 -23.13 11.81 -29.92
CA ALA B 506 -23.85 10.61 -30.31
C ALA B 506 -24.06 10.55 -31.82
N LEU B 507 -24.35 11.69 -32.45
CA LEU B 507 -24.47 11.72 -33.90
C LEU B 507 -23.15 11.41 -34.59
N LYS B 508 -22.05 12.02 -34.11
CA LYS B 508 -20.75 11.78 -34.73
C LYS B 508 -20.35 10.31 -34.68
N VAL B 509 -20.54 9.65 -33.53
CA VAL B 509 -20.09 8.26 -33.40
C VAL B 509 -20.83 7.36 -34.37
N MET B 510 -22.13 7.61 -34.57
CA MET B 510 -22.89 6.84 -35.55
C MET B 510 -22.42 7.14 -36.96
N ALA B 511 -22.11 8.41 -37.26
CA ALA B 511 -21.57 8.74 -38.57
C ALA B 511 -20.20 8.09 -38.77
N ASN B 512 -19.31 8.19 -37.79
CA ASN B 512 -17.98 7.63 -37.93
C ASN B 512 -17.96 6.11 -37.84
N ALA B 513 -19.03 5.49 -37.34
CA ALA B 513 -19.11 4.04 -37.28
C ALA B 513 -19.42 3.41 -38.64
N MET B 514 -19.90 4.20 -39.60
CA MET B 514 -20.26 3.67 -40.92
C MET B 514 -19.12 2.87 -41.55
N TYR B 515 -17.91 3.43 -41.51
CA TYR B 515 -16.77 2.80 -42.18
C TYR B 515 -16.52 1.40 -41.65
N GLY B 516 -16.59 1.21 -40.33
CA GLY B 516 -16.47 -0.13 -39.77
C GLY B 516 -17.59 -1.05 -40.20
N TYR B 517 -18.81 -0.50 -40.33
CA TYR B 517 -19.96 -1.32 -40.69
C TYR B 517 -19.86 -1.84 -42.13
N LEU B 518 -19.48 -0.96 -43.05
CA LEU B 518 -19.48 -1.33 -44.47
C LEU B 518 -18.40 -2.34 -44.81
N GLY B 519 -17.47 -2.61 -43.91
CA GLY B 519 -16.50 -3.67 -44.11
C GLY B 519 -16.96 -4.99 -43.53
N TRP B 520 -17.86 -4.93 -42.56
CA TRP B 520 -18.46 -6.11 -41.95
C TRP B 520 -19.18 -6.93 -43.00
N VAL B 521 -18.58 -8.06 -43.40
CA VAL B 521 -19.10 -8.86 -44.51
C VAL B 521 -20.54 -9.31 -44.26
N GLY B 522 -20.92 -9.50 -43.00
CA GLY B 522 -22.28 -9.91 -42.68
C GLY B 522 -23.24 -8.74 -42.46
N ALA B 523 -23.14 -7.72 -43.31
CA ALA B 523 -24.00 -6.55 -43.24
C ALA B 523 -24.93 -6.49 -44.44
N ARG B 524 -26.10 -5.88 -44.25
CA ARG B 524 -27.06 -5.75 -45.34
C ARG B 524 -26.48 -4.92 -46.48
N TRP B 525 -25.93 -3.75 -46.16
CA TRP B 525 -25.34 -2.87 -47.18
C TRP B 525 -23.85 -3.09 -47.34
N TYR B 526 -23.38 -4.32 -47.17
CA TYR B 526 -21.97 -4.64 -47.40
C TYR B 526 -21.67 -4.71 -48.88
N LYS B 527 -20.63 -3.99 -49.30
CA LYS B 527 -20.06 -4.15 -50.64
C LYS B 527 -18.56 -3.94 -50.52
N LYS B 528 -17.79 -4.95 -50.92
CA LYS B 528 -16.34 -4.92 -50.71
C LYS B 528 -15.70 -3.76 -51.45
N GLU B 529 -16.16 -3.48 -52.67
CA GLU B 529 -15.56 -2.41 -53.46
C GLU B 529 -15.80 -1.03 -52.87
N VAL B 530 -16.83 -0.86 -52.05
CA VAL B 530 -17.02 0.40 -51.35
C VAL B 530 -15.97 0.58 -50.26
N ALA B 531 -15.83 -0.42 -49.38
CA ALA B 531 -14.85 -0.36 -48.30
C ALA B 531 -13.44 -0.14 -48.85
N GLU B 532 -13.06 -0.94 -49.85
CA GLU B 532 -11.72 -0.81 -50.43
C GLU B 532 -11.52 0.56 -51.07
N SER B 533 -12.57 1.14 -51.64
CA SER B 533 -12.46 2.49 -52.21
C SER B 533 -12.30 3.54 -51.11
N VAL B 534 -12.99 3.36 -49.98
CA VAL B 534 -12.88 4.31 -48.88
C VAL B 534 -11.47 4.30 -48.31
N THR B 535 -10.88 3.10 -48.15
CA THR B 535 -9.52 3.00 -47.63
C THR B 535 -8.52 3.68 -48.55
N ALA B 536 -8.65 3.45 -49.86
CA ALA B 536 -7.69 3.99 -50.81
C ALA B 536 -7.73 5.51 -50.85
N PHE B 537 -8.93 6.09 -50.82
CA PHE B 537 -9.06 7.53 -50.64
C PHE B 537 -8.47 7.96 -49.30
N ALA B 538 -8.71 7.17 -48.25
CA ALA B 538 -8.26 7.54 -46.90
C ALA B 538 -6.73 7.52 -46.80
N ARG B 539 -6.10 6.45 -47.31
CA ARG B 539 -4.64 6.36 -47.22
C ARG B 539 -3.97 7.46 -48.02
N ALA B 540 -4.53 7.81 -49.18
CA ALA B 540 -3.88 8.77 -50.07
C ALA B 540 -3.75 10.14 -49.41
N ILE B 541 -4.80 10.59 -48.72
CA ILE B 541 -4.76 11.91 -48.08
C ILE B 541 -4.11 11.87 -46.70
N LEU B 542 -3.94 10.68 -46.11
CA LEU B 542 -3.10 10.56 -44.92
C LEU B 542 -1.64 10.77 -45.28
N LEU B 543 -1.16 10.14 -46.37
CA LEU B 543 0.19 10.39 -46.83
C LEU B 543 0.41 11.87 -47.15
N ASP B 544 -0.63 12.58 -47.60
CA ASP B 544 -0.49 14.01 -47.85
C ASP B 544 -0.28 14.79 -46.56
N VAL B 545 -1.04 14.49 -45.51
CA VAL B 545 -0.92 15.25 -44.28
C VAL B 545 0.35 14.88 -43.51
N VAL B 546 0.87 13.67 -43.71
CA VAL B 546 2.16 13.32 -43.11
C VAL B 546 3.29 14.04 -43.83
N GLU B 547 3.19 14.16 -45.16
CA GLU B 547 4.21 14.89 -45.91
C GLU B 547 4.16 16.38 -45.61
N TYR B 548 2.95 16.93 -45.46
CA TYR B 548 2.83 18.34 -45.08
C TYR B 548 3.27 18.56 -43.64
N ALA B 549 3.06 17.57 -42.77
CA ALA B 549 3.48 17.70 -41.38
C ALA B 549 4.98 17.92 -41.26
N LYS B 550 5.77 17.26 -42.12
CA LYS B 550 7.22 17.43 -42.04
C LYS B 550 7.65 18.84 -42.45
N ARG B 551 6.86 19.51 -43.29
CA ARG B 551 7.19 20.88 -43.68
C ARG B 551 7.05 21.87 -42.53
N LEU B 552 6.27 21.55 -41.49
CA LEU B 552 6.21 22.39 -40.30
C LEU B 552 7.19 21.99 -39.22
N GLY B 553 7.84 20.83 -39.36
CA GLY B 553 8.75 20.34 -38.33
C GLY B 553 8.01 19.63 -37.22
N ILE B 554 7.16 18.69 -37.61
CA ILE B 554 6.30 17.93 -36.70
C ILE B 554 6.67 16.47 -36.88
N GLU B 555 7.22 15.87 -35.82
CA GLU B 555 7.56 14.45 -35.88
C GLU B 555 6.31 13.60 -35.76
N VAL B 556 6.16 12.63 -36.65
CA VAL B 556 5.04 11.72 -36.66
C VAL B 556 5.58 10.33 -36.33
N ILE B 557 5.33 9.86 -35.12
CA ILE B 557 5.85 8.57 -34.71
C ILE B 557 4.94 7.43 -35.17
N TYR B 558 3.62 7.67 -35.23
CA TYR B 558 2.67 6.62 -35.57
C TYR B 558 1.50 7.24 -36.32
N GLY B 559 0.96 6.47 -37.26
CA GLY B 559 -0.21 6.88 -38.01
C GLY B 559 -0.93 5.72 -38.66
N ASP B 560 -2.19 5.51 -38.30
CA ASP B 560 -3.01 4.50 -38.96
C ASP B 560 -4.21 5.17 -39.64
N THR B 561 -5.08 4.34 -40.19
CA THR B 561 -6.21 4.83 -40.98
C THR B 561 -7.11 5.78 -40.18
N ASP B 562 -7.23 5.58 -38.86
CA ASP B 562 -8.17 6.39 -38.08
C ASP B 562 -7.51 7.49 -37.26
N SER B 563 -6.19 7.44 -37.07
CA SER B 563 -5.50 8.46 -36.28
C SER B 563 -4.02 8.46 -36.59
N LEU B 564 -3.34 9.53 -36.20
CA LEU B 564 -1.89 9.57 -36.20
C LEU B 564 -1.39 10.28 -34.95
N PHE B 565 -0.28 9.78 -34.42
CA PHE B 565 0.33 10.32 -33.21
C PHE B 565 1.46 11.26 -33.61
N VAL B 566 1.49 12.45 -33.02
CA VAL B 566 2.51 13.44 -33.34
C VAL B 566 3.08 14.02 -32.05
N LYS B 567 4.29 14.58 -32.16
CA LYS B 567 4.92 15.22 -31.02
C LYS B 567 4.28 16.58 -30.76
N LYS B 568 4.08 16.90 -29.48
CA LYS B 568 3.37 18.12 -29.09
C LYS B 568 4.25 19.33 -29.38
N SER B 569 3.72 20.27 -30.16
CA SER B 569 4.40 21.52 -30.44
C SER B 569 3.36 22.60 -30.72
N GLY B 570 3.83 23.83 -30.87
CA GLY B 570 2.95 24.90 -31.33
C GLY B 570 2.52 24.74 -32.77
N ALA B 571 3.32 24.05 -33.57
CA ALA B 571 3.04 23.89 -34.99
C ALA B 571 1.80 23.03 -35.27
N VAL B 572 1.33 22.28 -34.27
CA VAL B 572 0.22 21.36 -34.48
C VAL B 572 -1.02 22.11 -34.95
N ASP B 573 -1.28 23.30 -34.39
CA ASP B 573 -2.48 24.04 -34.75
C ASP B 573 -2.51 24.40 -36.22
N ARG B 574 -1.34 24.61 -36.84
CA ARG B 574 -1.32 24.87 -38.28
C ARG B 574 -1.54 23.60 -39.09
N LEU B 575 -1.07 22.45 -38.58
CA LEU B 575 -1.38 21.19 -39.24
C LEU B 575 -2.87 20.91 -39.20
N VAL B 576 -3.52 21.21 -38.06
CA VAL B 576 -4.96 21.03 -37.95
C VAL B 576 -5.68 22.03 -38.85
N LYS B 577 -5.23 23.28 -38.86
CA LYS B 577 -5.82 24.27 -39.74
C LYS B 577 -5.62 23.92 -41.21
N TYR B 578 -4.53 23.21 -41.52
CA TYR B 578 -4.29 22.76 -42.89
C TYR B 578 -5.34 21.74 -43.33
N VAL B 579 -5.58 20.72 -42.50
CA VAL B 579 -6.50 19.65 -42.88
C VAL B 579 -7.91 20.17 -43.04
N GLU B 580 -8.30 21.17 -42.25
CA GLU B 580 -9.60 21.79 -42.42
C GLU B 580 -9.69 22.54 -43.75
N GLU B 581 -8.73 23.43 -44.01
CA GLU B 581 -8.79 24.26 -45.20
C GLU B 581 -8.57 23.44 -46.47
N ARG B 582 -7.59 22.54 -46.48
CA ARG B 582 -7.27 21.83 -47.71
C ARG B 582 -8.21 20.65 -47.95
N HIS B 583 -8.52 19.87 -46.91
CA HIS B 583 -9.31 18.65 -47.06
C HIS B 583 -10.73 18.75 -46.52
N GLY B 584 -11.08 19.83 -45.82
CA GLY B 584 -12.43 19.96 -45.29
C GLY B 584 -12.78 18.97 -44.20
N ILE B 585 -11.80 18.54 -43.41
CA ILE B 585 -12.00 17.55 -42.36
C ILE B 585 -11.69 18.20 -41.02
N GLU B 586 -12.58 18.00 -40.05
CA GLU B 586 -12.35 18.50 -38.70
C GLU B 586 -11.49 17.50 -37.92
N ILE B 587 -10.31 17.94 -37.49
CA ILE B 587 -9.40 17.12 -36.72
C ILE B 587 -9.38 17.65 -35.29
N LYS B 588 -9.33 16.74 -34.32
CA LYS B 588 -9.35 17.14 -32.92
C LYS B 588 -8.34 16.31 -32.15
N VAL B 589 -7.71 16.94 -31.15
CA VAL B 589 -6.75 16.24 -30.30
C VAL B 589 -7.53 15.27 -29.43
N ASP B 590 -7.29 13.97 -29.62
CA ASP B 590 -8.00 12.96 -28.85
C ASP B 590 -7.36 12.75 -27.48
N LYS B 591 -6.04 12.59 -27.44
CA LYS B 591 -5.32 12.34 -26.21
C LYS B 591 -4.06 13.20 -26.16
N ASP B 592 -3.74 13.71 -24.97
CA ASP B 592 -2.50 14.42 -24.71
C ASP B 592 -1.71 13.58 -23.71
N TYR B 593 -0.75 12.81 -24.21
CA TYR B 593 0.04 11.92 -23.38
C TYR B 593 1.33 12.61 -22.91
N GLU B 594 1.63 12.46 -21.62
CA GLU B 594 2.92 12.91 -21.11
C GLU B 594 4.05 12.01 -21.63
N ARG B 595 3.79 10.71 -21.73
CA ARG B 595 4.78 9.78 -22.25
C ARG B 595 4.05 8.60 -22.87
N VAL B 596 4.68 7.97 -23.87
CA VAL B 596 4.08 6.86 -24.60
C VAL B 596 5.14 5.78 -24.80
N LEU B 597 4.73 4.52 -24.67
CA LEU B 597 5.61 3.37 -24.83
C LEU B 597 5.03 2.42 -25.87
N PHE B 598 5.67 2.34 -27.04
CA PHE B 598 5.34 1.33 -28.04
C PHE B 598 6.21 0.10 -27.82
N THR B 599 5.58 -1.04 -27.58
CA THR B 599 6.32 -2.28 -27.37
C THR B 599 6.62 -2.99 -28.68
N GLU B 600 5.70 -2.94 -29.65
CA GLU B 600 5.88 -3.54 -30.96
C GLU B 600 5.50 -2.52 -32.03
N ALA B 601 5.71 -2.92 -33.29
CA ALA B 601 5.44 -2.06 -34.44
C ALA B 601 3.98 -2.16 -34.90
N LYS B 602 3.07 -2.13 -33.92
CA LYS B 602 1.63 -2.17 -34.19
C LYS B 602 0.96 -1.09 -33.37
N LYS B 603 -0.38 -1.15 -33.25
CA LYS B 603 -1.09 -0.28 -32.32
C LYS B 603 -1.17 -0.95 -30.95
N ARG B 604 0.01 -1.22 -30.40
CA ARG B 604 0.18 -1.78 -29.06
C ARG B 604 1.03 -0.82 -28.27
N TYR B 605 0.41 -0.07 -27.35
CA TYR B 605 1.13 0.96 -26.63
C TYR B 605 0.46 1.21 -25.28
N ALA B 606 1.23 1.80 -24.38
CA ALA B 606 0.72 2.36 -23.13
C ALA B 606 0.99 3.85 -23.10
N GLY B 607 0.11 4.59 -22.43
CA GLY B 607 0.24 6.04 -22.42
C GLY B 607 -0.11 6.68 -21.09
N LEU B 608 0.65 7.71 -20.72
CA LEU B 608 0.48 8.40 -19.44
C LEU B 608 -0.17 9.75 -19.72
N LEU B 609 -1.40 9.91 -19.23
CA LEU B 609 -2.12 11.16 -19.41
C LEU B 609 -1.64 12.21 -18.41
N ARG B 610 -1.96 13.47 -18.70
CA ARG B 610 -1.51 14.57 -17.86
C ARG B 610 -2.05 14.46 -16.44
N ASP B 611 -3.25 13.90 -16.28
CA ASP B 611 -3.82 13.72 -14.94
C ASP B 611 -3.25 12.52 -14.21
N GLY B 612 -2.35 11.76 -14.84
CA GLY B 612 -1.70 10.63 -14.20
C GLY B 612 -2.27 9.27 -14.57
N ARG B 613 -3.43 9.23 -15.21
CA ARG B 613 -4.03 7.94 -15.59
C ARG B 613 -3.26 7.31 -16.73
N ILE B 614 -2.94 6.03 -16.57
CA ILE B 614 -2.38 5.22 -17.64
C ILE B 614 -3.53 4.51 -18.36
N ASP B 615 -3.46 4.45 -19.69
CA ASP B 615 -4.34 3.59 -20.47
C ASP B 615 -3.52 2.77 -21.44
N ILE B 616 -4.02 1.56 -21.73
CA ILE B 616 -3.26 0.55 -22.43
C ILE B 616 -4.09 0.06 -23.61
N VAL B 617 -3.48 0.06 -24.80
CA VAL B 617 -4.16 -0.28 -26.04
C VAL B 617 -3.44 -1.47 -26.65
N GLY B 618 -4.22 -2.45 -27.11
CA GLY B 618 -3.69 -3.72 -27.55
C GLY B 618 -3.69 -4.76 -26.44
N PHE B 619 -3.70 -6.02 -26.84
CA PHE B 619 -3.87 -7.11 -25.89
C PHE B 619 -2.61 -7.34 -25.06
N ASP B 625 -1.89 -17.73 -19.50
CA ASP B 625 -2.45 -18.38 -18.35
C ASP B 625 -1.65 -17.77 -17.23
N TRP B 626 -1.94 -16.55 -16.90
CA TRP B 626 -1.19 -15.82 -15.94
C TRP B 626 -1.82 -15.73 -14.63
N CYS B 627 -1.01 -15.54 -13.62
CA CYS B 627 -1.55 -15.37 -12.31
C CYS B 627 -1.79 -13.94 -11.99
N GLU B 628 -2.40 -13.67 -10.88
CA GLU B 628 -2.71 -12.28 -10.61
C GLU B 628 -1.48 -11.49 -10.17
N LEU B 629 -0.41 -12.19 -9.74
CA LEU B 629 0.85 -11.52 -9.47
C LEU B 629 1.54 -11.09 -10.76
N ALA B 630 1.50 -11.94 -11.79
CA ALA B 630 2.08 -11.58 -13.08
C ALA B 630 1.41 -10.36 -13.69
N LYS B 631 0.09 -10.25 -13.52
CA LYS B 631 -0.62 -9.08 -14.03
C LYS B 631 -0.21 -7.81 -13.28
N GLU B 632 -0.12 -7.89 -11.95
CA GLU B 632 0.33 -6.73 -11.18
C GLU B 632 1.76 -6.34 -11.56
N VAL B 633 2.63 -7.34 -11.78
CA VAL B 633 4.01 -7.04 -12.14
C VAL B 633 4.12 -6.62 -13.60
N GLN B 634 3.12 -6.94 -14.43
CA GLN B 634 3.08 -6.41 -15.79
C GLN B 634 2.66 -4.94 -15.79
N LEU B 635 1.66 -4.58 -14.99
CA LEU B 635 1.52 -3.21 -14.53
C LEU B 635 2.72 -2.89 -13.64
N ASN B 636 2.73 -1.71 -13.01
CA ASN B 636 3.89 -1.27 -12.24
C ASN B 636 5.10 -1.09 -13.15
N VAL B 637 5.55 -2.18 -13.78
CA VAL B 637 6.61 -2.10 -14.79
C VAL B 637 6.24 -1.08 -15.86
N VAL B 638 5.03 -1.21 -16.41
CA VAL B 638 4.53 -0.21 -17.35
C VAL B 638 4.47 1.16 -16.68
N GLU B 639 3.96 1.21 -15.45
CA GLU B 639 3.84 2.48 -14.75
C GLU B 639 5.21 3.04 -14.37
N LEU B 640 6.20 2.18 -14.11
CA LEU B 640 7.55 2.66 -13.84
C LEU B 640 8.20 3.23 -15.10
N ILE B 641 8.01 2.55 -16.23
CA ILE B 641 8.62 3.00 -17.48
C ILE B 641 8.00 4.32 -17.96
N LEU B 642 6.67 4.44 -17.84
CA LEU B 642 5.99 5.63 -18.33
C LEU B 642 6.27 6.87 -17.48
N LYS B 643 6.62 6.68 -16.21
CA LYS B 643 6.90 7.79 -15.31
C LYS B 643 8.38 8.11 -15.23
N SER B 644 9.23 7.35 -15.90
CA SER B 644 10.67 7.62 -15.93
C SER B 644 11.00 8.53 -17.10
N LYS B 645 11.80 9.56 -16.85
CA LYS B 645 12.43 10.30 -17.92
C LYS B 645 13.66 9.54 -18.39
N SER B 646 13.78 9.38 -19.72
CA SER B 646 14.90 8.70 -20.37
C SER B 646 14.80 7.18 -20.22
N VAL B 647 15.39 6.46 -21.17
CA VAL B 647 15.30 5.00 -21.18
C VAL B 647 16.18 4.39 -20.10
N GLY B 648 17.35 4.97 -19.85
CA GLY B 648 18.24 4.43 -18.84
C GLY B 648 17.61 4.37 -17.46
N GLU B 649 16.91 5.43 -17.07
CA GLU B 649 16.19 5.42 -15.81
C GLU B 649 15.14 4.30 -15.76
N ALA B 650 14.49 4.02 -16.90
CA ALA B 650 13.44 3.01 -16.94
C ALA B 650 14.00 1.64 -16.62
N ARG B 651 15.21 1.35 -17.11
CA ARG B 651 15.86 0.08 -16.84
C ARG B 651 16.10 -0.08 -15.35
N GLU B 652 16.80 0.90 -14.76
CA GLU B 652 17.14 0.89 -13.34
C GLU B 652 15.92 0.72 -12.46
N ARG B 653 14.80 1.32 -12.85
CA ARG B 653 13.56 1.16 -12.10
C ARG B 653 12.99 -0.25 -12.24
N VAL B 654 12.93 -0.76 -13.48
CA VAL B 654 12.32 -2.06 -13.72
C VAL B 654 13.14 -3.17 -13.06
N VAL B 655 14.46 -3.16 -13.26
CA VAL B 655 15.28 -4.25 -12.74
C VAL B 655 15.30 -4.23 -11.22
N LYS B 656 15.20 -3.05 -10.60
CA LYS B 656 15.09 -2.99 -9.15
C LYS B 656 13.79 -3.60 -8.67
N TYR B 657 12.68 -3.28 -9.34
CA TYR B 657 11.38 -3.79 -8.93
C TYR B 657 11.27 -5.29 -9.19
N VAL B 658 11.69 -5.75 -10.37
CA VAL B 658 11.58 -7.18 -10.69
C VAL B 658 12.50 -7.99 -9.78
N ARG B 659 13.60 -7.41 -9.33
CA ARG B 659 14.46 -8.10 -8.38
C ARG B 659 13.85 -8.09 -6.97
N GLU B 660 13.26 -6.97 -6.58
CA GLU B 660 12.63 -6.89 -5.26
C GLU B 660 11.50 -7.91 -5.14
N VAL B 661 10.75 -8.14 -6.23
CA VAL B 661 9.70 -9.14 -6.22
C VAL B 661 10.28 -10.55 -6.06
N VAL B 662 11.36 -10.84 -6.78
CA VAL B 662 11.95 -12.18 -6.71
C VAL B 662 12.53 -12.46 -5.33
N GLU B 663 13.15 -11.46 -4.69
CA GLU B 663 13.72 -11.69 -3.37
C GLU B 663 12.65 -12.06 -2.34
N ARG B 664 11.59 -11.25 -2.27
CA ARG B 664 10.48 -11.57 -1.39
C ARG B 664 9.76 -12.84 -1.83
N LEU B 665 9.87 -13.21 -3.10
CA LEU B 665 9.27 -14.46 -3.58
C LEU B 665 10.11 -15.66 -3.15
N LYS B 666 11.44 -15.55 -3.19
CA LYS B 666 12.30 -16.62 -2.70
C LYS B 666 12.37 -16.67 -1.17
N ALA B 667 12.02 -15.59 -0.49
CA ALA B 667 11.95 -15.59 0.96
C ALA B 667 10.62 -16.09 1.50
N TYR B 668 9.69 -16.46 0.61
CA TYR B 668 8.38 -16.99 1.01
C TYR B 668 7.62 -16.00 1.90
N LYS B 669 7.37 -14.82 1.35
CA LYS B 669 6.58 -13.80 2.02
C LYS B 669 5.46 -13.30 1.11
N PHE B 670 5.08 -14.11 0.12
CA PHE B 670 3.99 -13.81 -0.79
C PHE B 670 2.63 -14.03 -0.12
N ASP B 671 1.61 -13.37 -0.66
CA ASP B 671 0.24 -13.72 -0.35
C ASP B 671 -0.23 -14.78 -1.34
N LEU B 672 -0.90 -15.82 -0.83
CA LEU B 672 -1.25 -16.96 -1.66
C LEU B 672 -2.26 -16.58 -2.74
N ASP B 673 -3.16 -15.64 -2.45
CA ASP B 673 -4.16 -15.21 -3.43
C ASP B 673 -3.51 -14.77 -4.74
N ASP B 674 -2.36 -14.10 -4.65
CA ASP B 674 -1.69 -13.58 -5.84
C ASP B 674 -1.10 -14.68 -6.71
N LEU B 675 -0.92 -15.89 -6.19
CA LEU B 675 -0.33 -16.98 -6.94
C LEU B 675 -1.33 -17.88 -7.64
N ILE B 676 -2.62 -17.71 -7.36
CA ILE B 676 -3.64 -18.59 -7.94
C ILE B 676 -3.79 -18.31 -9.42
N ILE B 677 -3.90 -19.37 -10.21
CA ILE B 677 -4.10 -19.28 -11.65
C ILE B 677 -5.50 -19.82 -11.95
N TRP B 678 -6.35 -18.96 -12.51
CA TRP B 678 -7.74 -19.30 -12.79
C TRP B 678 -7.89 -19.85 -14.20
N LYS B 679 -8.78 -20.83 -14.36
CA LYS B 679 -9.19 -21.34 -15.66
C LYS B 679 -10.62 -21.85 -15.57
N THR B 680 -11.39 -21.62 -16.63
CA THR B 680 -12.85 -21.74 -16.58
C THR B 680 -13.36 -23.12 -16.99
N LEU B 681 -12.53 -23.98 -17.57
CA LEU B 681 -12.93 -25.31 -18.01
C LEU B 681 -14.06 -25.24 -19.03
N ASP B 682 -13.71 -25.12 -20.32
CA ASP B 682 -14.72 -24.92 -21.35
C ASP B 682 -15.44 -26.21 -21.73
N LYS B 683 -14.77 -27.35 -21.71
CA LYS B 683 -15.41 -28.58 -22.17
C LYS B 683 -15.53 -29.58 -21.02
N GLU B 684 -15.97 -30.79 -21.36
CA GLU B 684 -16.07 -31.86 -20.37
C GLU B 684 -14.71 -32.51 -20.18
N LEU B 685 -14.51 -33.07 -19.00
CA LEU B 685 -13.32 -33.88 -18.77
C LEU B 685 -13.49 -35.23 -19.47
N ASP B 686 -12.36 -35.76 -19.94
CA ASP B 686 -12.24 -36.93 -20.81
C ASP B 686 -12.67 -36.58 -22.23
N GLU B 687 -13.16 -35.37 -22.45
CA GLU B 687 -13.29 -34.80 -23.79
C GLU B 687 -12.00 -34.05 -24.09
N TYR B 688 -11.59 -34.07 -25.36
CA TYR B 688 -10.35 -33.42 -25.79
C TYR B 688 -9.12 -34.04 -25.14
N LYS B 689 -9.15 -34.22 -23.81
CA LYS B 689 -8.07 -34.82 -23.03
C LYS B 689 -6.76 -34.07 -23.15
N ALA B 690 -6.66 -32.97 -22.41
CA ALA B 690 -5.53 -32.06 -22.50
C ALA B 690 -4.44 -32.48 -21.50
N TYR B 691 -3.20 -32.08 -21.82
CA TYR B 691 -2.07 -32.31 -20.95
C TYR B 691 -1.86 -31.22 -19.90
N GLY B 692 -2.72 -30.22 -19.82
CA GLY B 692 -2.37 -29.05 -19.06
C GLY B 692 -2.68 -29.13 -17.58
N PRO B 693 -2.33 -28.07 -16.86
CA PRO B 693 -2.64 -28.01 -15.43
C PRO B 693 -4.10 -27.72 -15.13
N HIS B 694 -4.81 -27.09 -16.08
CA HIS B 694 -6.22 -26.79 -15.87
C HIS B 694 -7.04 -28.06 -15.69
N VAL B 695 -6.74 -29.11 -16.46
CA VAL B 695 -7.50 -30.35 -16.31
C VAL B 695 -6.98 -31.20 -15.17
N HIS B 696 -5.67 -31.16 -14.91
CA HIS B 696 -5.10 -31.98 -13.85
C HIS B 696 -5.51 -31.46 -12.48
N ALA B 697 -5.53 -30.13 -12.30
CA ALA B 697 -6.05 -29.56 -11.06
C ALA B 697 -7.52 -29.88 -10.89
N ALA B 698 -8.27 -29.91 -11.99
CA ALA B 698 -9.65 -30.35 -11.98
C ALA B 698 -9.78 -31.87 -12.01
N LEU B 699 -8.70 -32.57 -11.69
CA LEU B 699 -8.70 -34.01 -11.51
C LEU B 699 -8.38 -34.42 -10.08
N GLU B 700 -7.47 -33.71 -9.41
CA GLU B 700 -7.24 -33.96 -7.99
C GLU B 700 -8.42 -33.54 -7.14
N LEU B 701 -9.43 -32.90 -7.74
CA LEU B 701 -10.70 -32.61 -7.10
C LEU B 701 -11.66 -33.77 -7.19
N LYS B 702 -11.15 -34.96 -7.47
CA LYS B 702 -11.95 -36.17 -7.50
C LYS B 702 -11.94 -36.91 -6.18
N ARG B 703 -10.87 -36.75 -5.40
CA ARG B 703 -10.91 -37.07 -3.99
C ARG B 703 -11.69 -36.00 -3.24
N ARG B 704 -12.81 -36.41 -2.62
CA ARG B 704 -13.75 -35.59 -1.85
C ARG B 704 -14.54 -34.60 -2.73
N GLY B 705 -13.90 -34.03 -3.75
CA GLY B 705 -14.56 -33.02 -4.56
C GLY B 705 -15.74 -33.56 -5.36
N TYR B 706 -16.60 -32.62 -5.78
CA TYR B 706 -17.91 -32.88 -6.34
C TYR B 706 -18.08 -32.35 -7.77
N LYS B 707 -17.03 -31.84 -8.39
CA LYS B 707 -17.13 -30.94 -9.53
C LYS B 707 -16.73 -31.65 -10.82
N VAL B 708 -17.37 -31.24 -11.93
CA VAL B 708 -17.15 -31.83 -13.25
C VAL B 708 -17.17 -30.75 -14.33
N GLY B 709 -16.73 -31.14 -15.53
CA GLY B 709 -16.41 -30.25 -16.64
C GLY B 709 -17.51 -29.38 -17.22
N LYS B 710 -17.12 -28.60 -18.24
CA LYS B 710 -17.90 -27.52 -18.84
C LYS B 710 -18.33 -26.52 -17.77
N GLY B 711 -17.95 -25.25 -17.97
CA GLY B 711 -18.15 -24.26 -16.94
C GLY B 711 -17.25 -24.52 -15.75
N THR B 712 -17.54 -23.81 -14.65
CA THR B 712 -16.87 -23.87 -13.35
C THR B 712 -15.37 -23.61 -13.40
N THR B 713 -14.93 -22.58 -12.69
CA THR B 713 -13.53 -22.19 -12.61
C THR B 713 -12.83 -22.93 -11.47
N VAL B 714 -11.61 -23.40 -11.74
CA VAL B 714 -10.90 -24.28 -10.81
C VAL B 714 -9.97 -23.52 -9.87
N GLY B 715 -9.01 -22.77 -10.41
CA GLY B 715 -8.05 -22.07 -9.59
C GLY B 715 -6.97 -22.96 -9.02
N TYR B 716 -5.79 -22.96 -9.63
CA TYR B 716 -4.72 -23.88 -9.23
C TYR B 716 -3.43 -23.12 -8.95
N VAL B 717 -2.58 -23.77 -8.15
CA VAL B 717 -1.26 -23.26 -7.80
C VAL B 717 -0.24 -24.35 -8.09
N ILE B 718 0.89 -23.98 -8.68
CA ILE B 718 1.95 -24.94 -8.98
C ILE B 718 2.73 -25.25 -7.71
N VAL B 719 2.98 -26.53 -7.46
CA VAL B 719 3.60 -27.00 -6.23
C VAL B 719 4.81 -27.84 -6.59
N ARG B 720 5.83 -27.78 -5.73
CA ARG B 720 7.07 -28.52 -5.95
C ARG B 720 6.82 -30.03 -5.85
N GLY B 721 7.62 -30.79 -6.59
CA GLY B 721 7.49 -32.23 -6.61
C GLY B 721 7.97 -32.81 -7.93
N PRO B 722 8.13 -34.14 -8.00
CA PRO B 722 8.62 -34.77 -9.23
C PRO B 722 7.54 -34.88 -10.29
N GLY B 723 7.72 -34.17 -11.39
CA GLY B 723 6.78 -34.24 -12.49
C GLY B 723 7.11 -33.21 -13.53
N LYS B 724 6.37 -33.27 -14.64
CA LYS B 724 6.50 -32.25 -15.67
C LYS B 724 5.86 -30.96 -15.16
N VAL B 725 6.05 -29.88 -15.91
CA VAL B 725 5.55 -28.57 -15.49
C VAL B 725 4.05 -28.58 -15.23
N SER B 726 3.28 -29.43 -15.93
CA SER B 726 1.83 -29.39 -15.82
C SER B 726 1.24 -30.39 -14.85
N GLU B 727 2.01 -31.35 -14.33
CA GLU B 727 1.44 -32.39 -13.47
C GLU B 727 1.60 -32.08 -11.99
N ARG B 728 1.66 -30.79 -11.63
CA ARG B 728 1.75 -30.44 -10.21
C ARG B 728 0.83 -29.29 -9.85
N ALA B 729 -0.30 -29.16 -10.54
CA ALA B 729 -1.23 -28.05 -10.31
C ALA B 729 -2.18 -28.43 -9.17
N MET B 730 -1.85 -27.98 -7.97
CA MET B 730 -2.70 -28.21 -6.81
C MET B 730 -3.77 -27.12 -6.70
N PRO B 731 -5.02 -27.49 -6.44
CA PRO B 731 -6.05 -26.49 -6.15
C PRO B 731 -5.68 -25.71 -4.89
N TYR B 732 -6.12 -24.45 -4.85
CA TYR B 732 -5.64 -23.53 -3.82
C TYR B 732 -6.20 -23.85 -2.44
N ILE B 733 -7.16 -24.76 -2.31
CA ILE B 733 -7.69 -25.13 -1.00
C ILE B 733 -6.94 -26.27 -0.36
N PHE B 734 -6.07 -26.97 -1.10
CA PHE B 734 -5.33 -28.11 -0.58
C PHE B 734 -3.87 -27.80 -0.24
N VAL B 735 -3.45 -26.55 -0.40
CA VAL B 735 -2.09 -26.12 -0.03
C VAL B 735 -2.10 -25.76 1.46
N ASP B 736 -1.62 -26.67 2.30
CA ASP B 736 -1.60 -26.44 3.74
C ASP B 736 -0.54 -25.39 4.04
N ASP B 737 -0.94 -24.14 3.86
CA ASP B 737 -0.15 -22.91 4.01
C ASP B 737 1.25 -23.07 4.57
N ALA B 738 2.22 -23.33 3.70
CA ALA B 738 3.62 -23.48 4.08
C ALA B 738 4.46 -23.46 2.82
N SER B 739 5.76 -23.65 3.01
CA SER B 739 6.76 -23.62 1.94
C SER B 739 6.64 -24.84 1.04
N LYS B 740 5.43 -25.06 0.49
CA LYS B 740 5.24 -26.10 -0.52
C LYS B 740 5.24 -25.58 -1.94
N VAL B 741 5.23 -24.27 -2.15
CA VAL B 741 4.93 -23.72 -3.47
C VAL B 741 6.22 -23.59 -4.27
N ASP B 742 6.18 -24.04 -5.52
CA ASP B 742 7.32 -24.01 -6.44
C ASP B 742 7.56 -22.57 -6.85
N VAL B 743 8.30 -21.84 -6.03
CA VAL B 743 8.61 -20.45 -6.33
C VAL B 743 9.47 -20.33 -7.59
N ASP B 744 10.34 -21.32 -7.84
CA ASP B 744 11.19 -21.29 -9.02
C ASP B 744 10.37 -21.25 -10.30
N TYR B 745 9.16 -21.82 -10.28
CA TYR B 745 8.25 -21.66 -11.42
C TYR B 745 7.79 -20.21 -11.55
N TYR B 746 7.31 -19.63 -10.44
CA TYR B 746 6.71 -18.31 -10.48
C TYR B 746 7.73 -17.22 -10.76
N ILE B 747 9.02 -17.48 -10.54
CA ILE B 747 10.04 -16.52 -10.92
C ILE B 747 10.35 -16.63 -12.41
N GLU B 748 10.50 -17.85 -12.92
CA GLU B 748 11.00 -18.06 -14.27
C GLU B 748 9.88 -17.96 -15.31
N LYS B 749 8.71 -18.52 -14.99
CA LYS B 749 7.62 -18.67 -15.95
C LYS B 749 6.45 -17.72 -15.67
N GLN B 750 6.61 -16.76 -14.77
CA GLN B 750 5.51 -15.84 -14.51
C GLN B 750 5.96 -14.39 -14.33
N VAL B 751 6.83 -14.15 -13.33
CA VAL B 751 7.20 -12.78 -12.99
C VAL B 751 8.16 -12.18 -14.01
N ILE B 752 9.15 -12.96 -14.46
CA ILE B 752 10.11 -12.48 -15.44
C ILE B 752 9.46 -12.33 -16.81
N PRO B 753 8.76 -13.35 -17.34
CA PRO B 753 8.14 -13.16 -18.67
C PRO B 753 7.15 -12.01 -18.72
N ALA B 754 6.45 -11.73 -17.63
CA ALA B 754 5.54 -10.59 -17.62
C ALA B 754 6.30 -9.26 -17.73
N ALA B 755 7.40 -9.14 -16.99
CA ALA B 755 8.25 -7.96 -17.15
C ALA B 755 8.95 -7.97 -18.50
N LEU B 756 9.29 -9.15 -19.02
CA LEU B 756 9.91 -9.24 -20.33
C LEU B 756 8.93 -9.00 -21.47
N ARG B 757 7.62 -8.93 -21.19
CA ARG B 757 6.71 -8.48 -22.23
C ARG B 757 6.89 -7.00 -22.53
N ILE B 758 7.57 -6.28 -21.65
CA ILE B 758 8.07 -4.94 -21.96
C ILE B 758 9.58 -4.99 -21.83
N ALA B 759 10.24 -5.67 -22.76
CA ALA B 759 11.69 -5.83 -22.70
C ALA B 759 12.37 -5.25 -23.94
N GLU B 760 12.06 -4.00 -24.28
CA GLU B 760 12.66 -3.36 -25.43
C GLU B 760 14.08 -2.81 -25.15
N VAL B 761 14.72 -3.21 -24.06
CA VAL B 761 16.06 -2.72 -23.75
C VAL B 761 16.81 -3.67 -22.83
N LEU B 762 16.12 -4.63 -22.22
CA LEU B 762 16.71 -5.44 -21.16
C LEU B 762 16.42 -6.91 -21.40
N GLY B 763 17.38 -7.76 -21.04
CA GLY B 763 17.30 -9.18 -21.28
C GLY B 763 16.96 -10.00 -20.05
N VAL B 764 17.09 -11.32 -20.20
CA VAL B 764 16.73 -12.26 -19.15
C VAL B 764 17.62 -12.12 -17.92
N LYS B 765 18.83 -11.59 -18.07
CA LYS B 765 19.74 -11.46 -16.94
C LYS B 765 19.42 -10.15 -16.22
N GLU B 766 18.84 -10.26 -15.04
CA GLU B 766 18.33 -9.10 -14.33
C GLU B 766 19.45 -8.27 -13.72
#